data_1A93
# 
_entry.id   1A93 
# 
_audit_conform.dict_name       mmcif_pdbx.dic 
_audit_conform.dict_version    5.397 
_audit_conform.dict_location   http://mmcif.pdb.org/dictionaries/ascii/mmcif_pdbx.dic 
# 
loop_
_database_2.database_id 
_database_2.database_code 
_database_2.pdbx_database_accession 
_database_2.pdbx_DOI 
PDB   1A93         pdb_00001a93 10.2210/pdb1a93/pdb 
WWPDB D_1000170546 ?            ?                   
# 
loop_
_pdbx_audit_revision_history.ordinal 
_pdbx_audit_revision_history.data_content_type 
_pdbx_audit_revision_history.major_revision 
_pdbx_audit_revision_history.minor_revision 
_pdbx_audit_revision_history.revision_date 
1 'Structure model' 1 0 1998-10-21 
2 'Structure model' 1 1 2008-03-24 
3 'Structure model' 1 2 2011-07-13 
4 'Structure model' 1 3 2022-02-16 
5 'Structure model' 1 4 2024-10-09 
# 
_pdbx_audit_revision_details.ordinal             1 
_pdbx_audit_revision_details.revision_ordinal    1 
_pdbx_audit_revision_details.data_content_type   'Structure model' 
_pdbx_audit_revision_details.provider            repository 
_pdbx_audit_revision_details.type                'Initial release' 
_pdbx_audit_revision_details.description         ? 
_pdbx_audit_revision_details.details             ? 
# 
loop_
_pdbx_audit_revision_group.ordinal 
_pdbx_audit_revision_group.revision_ordinal 
_pdbx_audit_revision_group.data_content_type 
_pdbx_audit_revision_group.group 
1 2 'Structure model' 'Version format compliance' 
2 3 'Structure model' 'Version format compliance' 
3 4 'Structure model' 'Database references'       
4 4 'Structure model' 'Derived calculations'      
5 4 'Structure model' Other                       
6 5 'Structure model' 'Data collection'           
7 5 'Structure model' 'Structure summary'         
# 
loop_
_pdbx_audit_revision_category.ordinal 
_pdbx_audit_revision_category.revision_ordinal 
_pdbx_audit_revision_category.data_content_type 
_pdbx_audit_revision_category.category 
1  4 'Structure model' database_2                
2  4 'Structure model' pdbx_database_status      
3  4 'Structure model' pdbx_struct_assembly      
4  4 'Structure model' pdbx_struct_oper_list     
5  4 'Structure model' struct_conn               
6  4 'Structure model' struct_site               
7  5 'Structure model' chem_comp_atom            
8  5 'Structure model' chem_comp_bond            
9  5 'Structure model' pdbx_entry_details        
10 5 'Structure model' pdbx_modification_feature 
# 
loop_
_pdbx_audit_revision_item.ordinal 
_pdbx_audit_revision_item.revision_ordinal 
_pdbx_audit_revision_item.data_content_type 
_pdbx_audit_revision_item.item 
1  4 'Structure model' '_database_2.pdbx_DOI'                
2  4 'Structure model' '_database_2.pdbx_database_accession' 
3  4 'Structure model' '_pdbx_database_status.process_site'  
4  4 'Structure model' '_struct_conn.pdbx_leaving_atom_flag' 
5  4 'Structure model' '_struct_conn.ptnr1_auth_comp_id'     
6  4 'Structure model' '_struct_conn.ptnr1_auth_seq_id'      
7  4 'Structure model' '_struct_conn.ptnr1_label_atom_id'    
8  4 'Structure model' '_struct_conn.ptnr1_label_comp_id'    
9  4 'Structure model' '_struct_conn.ptnr1_label_seq_id'     
10 4 'Structure model' '_struct_conn.ptnr2_auth_comp_id'     
11 4 'Structure model' '_struct_conn.ptnr2_auth_seq_id'      
12 4 'Structure model' '_struct_conn.ptnr2_label_atom_id'    
13 4 'Structure model' '_struct_conn.ptnr2_label_comp_id'    
14 4 'Structure model' '_struct_conn.ptnr2_label_seq_id'     
15 4 'Structure model' '_struct_site.pdbx_auth_asym_id'      
16 4 'Structure model' '_struct_site.pdbx_auth_comp_id'      
17 4 'Structure model' '_struct_site.pdbx_auth_seq_id'       
# 
_pdbx_database_status.status_code                     REL 
_pdbx_database_status.entry_id                        1A93 
_pdbx_database_status.recvd_initial_deposition_date   1998-04-15 
_pdbx_database_status.deposit_site                    ? 
_pdbx_database_status.process_site                    BNL 
_pdbx_database_status.status_code_sf                  ? 
_pdbx_database_status.status_code_mr                  REL 
_pdbx_database_status.SG_entry                        ? 
_pdbx_database_status.pdb_format_compatible           Y 
_pdbx_database_status.status_code_cs                  ? 
_pdbx_database_status.status_code_nmr_data            ? 
_pdbx_database_status.methods_development_category    ? 
# 
_pdbx_database_related.db_name        PDB 
_pdbx_database_related.db_id          2A93 
_pdbx_database_related.details        . 
_pdbx_database_related.content_type   ensemble 
# 
loop_
_audit_author.name 
_audit_author.pdbx_ordinal 
'Lavigne, P.'  1 
'Crump, M.P.'  2 
'Gagne, S.M.'  3 
'Hodges, R.S.' 4 
'Kay, C.M.'    5 
'Sykes, B.D.'  6 
# 
_citation.id                        primary 
_citation.title                     
'Insights into the mechanism of heterodimerization from the 1H-NMR solution structure of the c-Myc-Max heterodimeric leucine zipper.' 
_citation.journal_abbrev            J.Mol.Biol. 
_citation.journal_volume            281 
_citation.page_first                165 
_citation.page_last                 181 
_citation.year                      1998 
_citation.journal_id_ASTM           JMOBAK 
_citation.country                   UK 
_citation.journal_id_ISSN           0022-2836 
_citation.journal_id_CSD            0070 
_citation.book_publisher            ? 
_citation.pdbx_database_id_PubMed   9680483 
_citation.pdbx_database_id_DOI      10.1006/jmbi.1998.1914 
# 
loop_
_citation_author.citation_id 
_citation_author.name 
_citation_author.ordinal 
_citation_author.identifier_ORCID 
primary 'Lavigne, P.'  1 ? 
primary 'Crump, M.P.'  2 ? 
primary 'Gagne, S.M.'  3 ? 
primary 'Hodges, R.S.' 4 ? 
primary 'Kay, C.M.'    5 ? 
primary 'Sykes, B.D.'  6 ? 
# 
loop_
_entity.id 
_entity.type 
_entity.src_method 
_entity.pdbx_description 
_entity.formula_weight 
_entity.pdbx_number_of_molecules 
_entity.pdbx_ec 
_entity.pdbx_mutation 
_entity.pdbx_fragment 
_entity.details 
1 polymer man 'MYC PROTO-ONCOGENE PROTEIN' 3837.432 1 ? ? 'HETERODIMERIC LEUCINE ZIPPER' 
'BOTH C-MYC (CHAIN A) AND MAX (CHAIN B) HAVE A NON-BIOLOGICAL CGG LINKER AT THE N-TERMINUS OF THE PROTEIN' 
2 polymer man 'MAX PROTEIN'                3782.279 1 ? ? 'HETERODIMERIC LEUCINE ZIPPER' 
'BOTH C-MYC (CHAIN A) AND MAX (CHAIN B) HAVE A NON-BIOLOGICAL CGG LINKER AT THE N-TERMINUS OF THE PROTEIN' 
# 
loop_
_entity_name_com.entity_id 
_entity_name_com.name 
1 'COILED COIL, LZ' 
2 'COILED COIL, LZ' 
# 
loop_
_entity_poly.entity_id 
_entity_poly.type 
_entity_poly.nstd_linkage 
_entity_poly.nstd_monomer 
_entity_poly.pdbx_seq_one_letter_code 
_entity_poly.pdbx_seq_one_letter_code_can 
_entity_poly.pdbx_strand_id 
_entity_poly.pdbx_target_identifier 
1 'polypeptide(L)' no yes '(ACE)CGGVQAEEQKLISEEDLLRKRREQLKHKLEQL(NH2)' XCGGVQAEEQKLISEEDLLRKRREQLKHKLEQLX A ? 
2 'polypeptide(L)' no yes '(ACE)CGGMRRKNDTHQQDIDDLKRQNALLEQQVRAL(NH2)' XCGGMRRKNDTHQQDIDDLKRQNALLEQQVRALX B ? 
# 
loop_
_entity_poly_seq.entity_id 
_entity_poly_seq.num 
_entity_poly_seq.mon_id 
_entity_poly_seq.hetero 
1 1  ACE n 
1 2  CYS n 
1 3  GLY n 
1 4  GLY n 
1 5  VAL n 
1 6  GLN n 
1 7  ALA n 
1 8  GLU n 
1 9  GLU n 
1 10 GLN n 
1 11 LYS n 
1 12 LEU n 
1 13 ILE n 
1 14 SER n 
1 15 GLU n 
1 16 GLU n 
1 17 ASP n 
1 18 LEU n 
1 19 LEU n 
1 20 ARG n 
1 21 LYS n 
1 22 ARG n 
1 23 ARG n 
1 24 GLU n 
1 25 GLN n 
1 26 LEU n 
1 27 LYS n 
1 28 HIS n 
1 29 LYS n 
1 30 LEU n 
1 31 GLU n 
1 32 GLN n 
1 33 LEU n 
1 34 NH2 n 
2 1  ACE n 
2 2  CYS n 
2 3  GLY n 
2 4  GLY n 
2 5  MET n 
2 6  ARG n 
2 7  ARG n 
2 8  LYS n 
2 9  ASN n 
2 10 ASP n 
2 11 THR n 
2 12 HIS n 
2 13 GLN n 
2 14 GLN n 
2 15 ASP n 
2 16 ILE n 
2 17 ASP n 
2 18 ASP n 
2 19 LEU n 
2 20 LYS n 
2 21 ARG n 
2 22 GLN n 
2 23 ASN n 
2 24 ALA n 
2 25 LEU n 
2 26 LEU n 
2 27 GLU n 
2 28 GLN n 
2 29 GLN n 
2 30 VAL n 
2 31 ARG n 
2 32 ALA n 
2 33 LEU n 
2 34 NH2 n 
# 
loop_
_entity_src_gen.entity_id 
_entity_src_gen.pdbx_src_id 
_entity_src_gen.pdbx_alt_source_flag 
_entity_src_gen.pdbx_seq_type 
_entity_src_gen.pdbx_beg_seq_num 
_entity_src_gen.pdbx_end_seq_num 
_entity_src_gen.gene_src_common_name 
_entity_src_gen.gene_src_genus 
_entity_src_gen.pdbx_gene_src_gene 
_entity_src_gen.gene_src_species 
_entity_src_gen.gene_src_strain 
_entity_src_gen.gene_src_tissue 
_entity_src_gen.gene_src_tissue_fraction 
_entity_src_gen.gene_src_details 
_entity_src_gen.pdbx_gene_src_fragment 
_entity_src_gen.pdbx_gene_src_scientific_name 
_entity_src_gen.pdbx_gene_src_ncbi_taxonomy_id 
_entity_src_gen.pdbx_gene_src_variant 
_entity_src_gen.pdbx_gene_src_cell_line 
_entity_src_gen.pdbx_gene_src_atcc 
_entity_src_gen.pdbx_gene_src_organ 
_entity_src_gen.pdbx_gene_src_organelle 
_entity_src_gen.pdbx_gene_src_cell 
_entity_src_gen.pdbx_gene_src_cellular_location 
_entity_src_gen.host_org_common_name 
_entity_src_gen.pdbx_host_org_scientific_name 
_entity_src_gen.pdbx_host_org_ncbi_taxonomy_id 
_entity_src_gen.host_org_genus 
_entity_src_gen.pdbx_host_org_gene 
_entity_src_gen.pdbx_host_org_organ 
_entity_src_gen.host_org_species 
_entity_src_gen.pdbx_host_org_tissue 
_entity_src_gen.pdbx_host_org_tissue_fraction 
_entity_src_gen.pdbx_host_org_strain 
_entity_src_gen.pdbx_host_org_variant 
_entity_src_gen.pdbx_host_org_cell_line 
_entity_src_gen.pdbx_host_org_atcc 
_entity_src_gen.pdbx_host_org_culture_collection 
_entity_src_gen.pdbx_host_org_cell 
_entity_src_gen.pdbx_host_org_organelle 
_entity_src_gen.pdbx_host_org_cellular_location 
_entity_src_gen.pdbx_host_org_vector_type 
_entity_src_gen.pdbx_host_org_vector 
_entity_src_gen.host_org_details 
_entity_src_gen.expression_system_id 
_entity_src_gen.plasmid_name 
_entity_src_gen.plasmid_details 
_entity_src_gen.pdbx_description 
1 1 sample ? ? ? human         Homo ? ? ? ? ? ? ? 'Homo sapiens' 9606  ? ? ? ? ? ? ? ? ? ? ? ? ? ? ? ? ? ? ? ? ? ? ? ? ? ? ? ? ? ? 
? 
2 1 sample ? ? ? 'house mouse' Mus  ? ? ? ? ? ? ? 'Mus musculus' 10090 ? ? ? ? ? ? ? ? ? ? ? ? ? ? ? ? ? ? ? ? ? ? ? ? ? ? ? ? ? ? 
? 
# 
loop_
_chem_comp.id 
_chem_comp.type 
_chem_comp.mon_nstd_flag 
_chem_comp.name 
_chem_comp.pdbx_synonyms 
_chem_comp.formula 
_chem_comp.formula_weight 
ACE non-polymer         . 'ACETYL GROUP'  ? 'C2 H4 O'        44.053  
ALA 'L-peptide linking' y ALANINE         ? 'C3 H7 N O2'     89.093  
ARG 'L-peptide linking' y ARGININE        ? 'C6 H15 N4 O2 1' 175.209 
ASN 'L-peptide linking' y ASPARAGINE      ? 'C4 H8 N2 O3'    132.118 
ASP 'L-peptide linking' y 'ASPARTIC ACID' ? 'C4 H7 N O4'     133.103 
CYS 'L-peptide linking' y CYSTEINE        ? 'C3 H7 N O2 S'   121.158 
GLN 'L-peptide linking' y GLUTAMINE       ? 'C5 H10 N2 O3'   146.144 
GLU 'L-peptide linking' y 'GLUTAMIC ACID' ? 'C5 H9 N O4'     147.129 
GLY 'peptide linking'   y GLYCINE         ? 'C2 H5 N O2'     75.067  
HIS 'L-peptide linking' y HISTIDINE       ? 'C6 H10 N3 O2 1' 156.162 
ILE 'L-peptide linking' y ISOLEUCINE      ? 'C6 H13 N O2'    131.173 
LEU 'L-peptide linking' y LEUCINE         ? 'C6 H13 N O2'    131.173 
LYS 'L-peptide linking' y LYSINE          ? 'C6 H15 N2 O2 1' 147.195 
MET 'L-peptide linking' y METHIONINE      ? 'C5 H11 N O2 S'  149.211 
NH2 non-polymer         . 'AMINO GROUP'   ? 'H2 N'           16.023  
SER 'L-peptide linking' y SERINE          ? 'C3 H7 N O3'     105.093 
THR 'L-peptide linking' y THREONINE       ? 'C4 H9 N O3'     119.119 
VAL 'L-peptide linking' y VALINE          ? 'C5 H11 N O2'    117.146 
# 
loop_
_pdbx_poly_seq_scheme.asym_id 
_pdbx_poly_seq_scheme.entity_id 
_pdbx_poly_seq_scheme.seq_id 
_pdbx_poly_seq_scheme.mon_id 
_pdbx_poly_seq_scheme.ndb_seq_num 
_pdbx_poly_seq_scheme.pdb_seq_num 
_pdbx_poly_seq_scheme.auth_seq_num 
_pdbx_poly_seq_scheme.pdb_mon_id 
_pdbx_poly_seq_scheme.auth_mon_id 
_pdbx_poly_seq_scheme.pdb_strand_id 
_pdbx_poly_seq_scheme.pdb_ins_code 
_pdbx_poly_seq_scheme.hetero 
A 1 1  ACE 1  2  2  ACE ACE A . n 
A 1 2  CYS 2  3  3  CYS CYS A . n 
A 1 3  GLY 3  4  4  GLY GLY A . n 
A 1 4  GLY 4  5  5  GLY GLY A . n 
A 1 5  VAL 5  6  6  VAL VAL A . n 
A 1 6  GLN 6  7  7  GLN GLN A . n 
A 1 7  ALA 7  8  8  ALA ALA A . n 
A 1 8  GLU 8  9  9  GLU GLU A . n 
A 1 9  GLU 9  10 10 GLU GLU A . n 
A 1 10 GLN 10 11 11 GLN GLN A . n 
A 1 11 LYS 11 12 12 LYS LYS A . n 
A 1 12 LEU 12 13 13 LEU LEU A . n 
A 1 13 ILE 13 14 14 ILE ILE A . n 
A 1 14 SER 14 15 15 SER SER A . n 
A 1 15 GLU 15 16 16 GLU GLU A . n 
A 1 16 GLU 16 17 17 GLU GLU A . n 
A 1 17 ASP 17 18 18 ASP ASP A . n 
A 1 18 LEU 18 19 19 LEU LEU A . n 
A 1 19 LEU 19 20 20 LEU LEU A . n 
A 1 20 ARG 20 21 21 ARG ARG A . n 
A 1 21 LYS 21 22 22 LYS LYS A . n 
A 1 22 ARG 22 23 23 ARG ARG A . n 
A 1 23 ARG 23 24 24 ARG ARG A . n 
A 1 24 GLU 24 25 25 GLU GLU A . n 
A 1 25 GLN 25 26 26 GLN GLN A . n 
A 1 26 LEU 26 27 27 LEU LEU A . n 
A 1 27 LYS 27 28 28 LYS LYS A . n 
A 1 28 HIS 28 29 29 HIS HIS A . n 
A 1 29 LYS 29 30 30 LYS LYS A . n 
A 1 30 LEU 30 31 31 LEU LEU A . n 
A 1 31 GLU 31 32 32 GLU GLU A . n 
A 1 32 GLN 32 33 33 GLN GLN A . n 
A 1 33 LEU 33 34 34 LEU LEU A . n 
A 1 34 NH2 34 35 35 NH2 NH2 A . n 
B 2 1  ACE 1  2  2  ACE ACE B . n 
B 2 2  CYS 2  3  3  CYS CYS B . n 
B 2 3  GLY 3  4  4  GLY GLY B . n 
B 2 4  GLY 4  5  5  GLY GLY B . n 
B 2 5  MET 5  6  6  MET MET B . n 
B 2 6  ARG 6  7  7  ARG ARG B . n 
B 2 7  ARG 7  8  8  ARG ARG B . n 
B 2 8  LYS 8  9  9  LYS LYS B . n 
B 2 9  ASN 9  10 10 ASN ASN B . n 
B 2 10 ASP 10 11 11 ASP ASP B . n 
B 2 11 THR 11 12 12 THR THR B . n 
B 2 12 HIS 12 13 13 HIS HIS B . n 
B 2 13 GLN 13 14 14 GLN GLN B . n 
B 2 14 GLN 14 15 15 GLN GLN B . n 
B 2 15 ASP 15 16 16 ASP ASP B . n 
B 2 16 ILE 16 17 17 ILE ILE B . n 
B 2 17 ASP 17 18 18 ASP ASP B . n 
B 2 18 ASP 18 19 19 ASP ASP B . n 
B 2 19 LEU 19 20 20 LEU LEU B . n 
B 2 20 LYS 20 21 21 LYS LYS B . n 
B 2 21 ARG 21 22 22 ARG ARG B . n 
B 2 22 GLN 22 23 23 GLN GLN B . n 
B 2 23 ASN 23 24 24 ASN ASN B . n 
B 2 24 ALA 24 25 25 ALA ALA B . n 
B 2 25 LEU 25 26 26 LEU LEU B . n 
B 2 26 LEU 26 27 27 LEU LEU B . n 
B 2 27 GLU 27 28 28 GLU GLU B . n 
B 2 28 GLN 28 29 29 GLN GLN B . n 
B 2 29 GLN 29 30 30 GLN GLN B . n 
B 2 30 VAL 30 31 31 VAL VAL B . n 
B 2 31 ARG 31 32 32 ARG ARG B . n 
B 2 32 ALA 32 33 33 ALA ALA B . n 
B 2 33 LEU 33 34 34 LEU LEU B . n 
B 2 34 NH2 34 35 35 NH2 NH2 B . n 
# 
loop_
_software.name 
_software.classification 
_software.version 
_software.citation_id 
_software.pdbx_ordinal 
X-PLOR 'model building' 3.1 ? 1 
X-PLOR refinement       3.1 ? 2 
X-PLOR phasing          3.1 ? 3 
# 
_cell.entry_id           1A93 
_cell.length_a           1.000 
_cell.length_b           1.000 
_cell.length_c           1.000 
_cell.angle_alpha        90.00 
_cell.angle_beta         90.00 
_cell.angle_gamma        90.00 
_cell.Z_PDB              1 
_cell.pdbx_unique_axis   ? 
# 
_symmetry.entry_id                         1A93 
_symmetry.space_group_name_H-M             'P 1' 
_symmetry.pdbx_full_space_group_name_H-M   ? 
_symmetry.cell_setting                     ? 
_symmetry.Int_Tables_number                1 
# 
_exptl.entry_id          1A93 
_exptl.method            'SOLUTION NMR' 
_exptl.crystals_number   ? 
# 
_struct.entry_id                  1A93 
_struct.title                     
'NMR SOLUTION STRUCTURE OF THE C-MYC-MAX HETERODIMERIC LEUCINE ZIPPER, NMR, MINIMIZED AVERAGE STRUCTURE' 
_struct.pdbx_model_details        ? 
_struct.pdbx_CASP_flag            ? 
_struct.pdbx_model_type_details   ? 
# 
_struct_keywords.entry_id        1A93 
_struct_keywords.pdbx_keywords   'LEUCINE ZIPPER' 
_struct_keywords.text            
'LEUCINE ZIPPER, 2D NMR, SOLUTION STRUCTURE, H-BONDS, BURIED SALT BRIDGE, PROTO-ONCOGENE, NUCLEAR PROTEIN' 
# 
loop_
_struct_asym.id 
_struct_asym.pdbx_blank_PDB_chainid_flag 
_struct_asym.pdbx_modified 
_struct_asym.entity_id 
_struct_asym.details 
A N N 1 ? 
B N N 2 ? 
# 
loop_
_struct_ref.id 
_struct_ref.db_name 
_struct_ref.db_code 
_struct_ref.entity_id 
_struct_ref.pdbx_db_accession 
_struct_ref.pdbx_align_begin 
_struct_ref.pdbx_seq_one_letter_code 
_struct_ref.pdbx_db_isoform 
1 UNP MYC_HUMAN 1 P01106 1 
;MPLNVSFTNRNYDLDYDSVQPYFYCDEEENFYQQQQQSELQPPAPSEDIWKKFELLPTPPLSPSRRSGLCSPSYVAVTPF
SLRGDNDGGGGSFSTADQLEMVTELLGGDMVNQSFICDPDDETFIKNIIIQDCMWSGFSAAAKLVSEKLASYQAARKDSG
SPNPARGHSVCSTSSLYLQDLSAAASECIDPSVVFPYPLNDSSSPKSCASQDSSAFSPSSDSLLSSTESSPQGSPEPLVL
HEETPPTTSSDSEEEQEDEEEIDVVSVEKRQAPGKRSESGSPSAGGHSKPPHSPLVLKRCHVSTHQHNYAAPPSTRKDYP
AAKRVKLDSVRVLRQISNNRKCTSPRSSDTEENVKRRTHNVLERQRRNELKRSFFALRDQIPELENNEKAPKVVILKKAT
AYILSVQAEEQKLISEEDLLRKRREQLKHKLEQLRNSCA
;
? 
2 UNP MAX_MOUSE 2 P28574 1 
;MSDNDDIEVESDEEQARFQSAADKRAHHNALERKRRDHIKDSFHSLRDSVPSLQGEKASRAQILDKATEYIQYMRRKNDT
HQQDIDDLKRQNALLEQQVRALEKARSSAQLQTNYPSSDNSLYTNAKGGTISAFDGGSDSSSESEPEEPQSRKKLRMEAS

;
? 
# 
loop_
_struct_ref_seq.align_id 
_struct_ref_seq.ref_id 
_struct_ref_seq.pdbx_PDB_id_code 
_struct_ref_seq.pdbx_strand_id 
_struct_ref_seq.seq_align_beg 
_struct_ref_seq.pdbx_seq_align_beg_ins_code 
_struct_ref_seq.seq_align_end 
_struct_ref_seq.pdbx_seq_align_end_ins_code 
_struct_ref_seq.pdbx_db_accession 
_struct_ref_seq.db_align_beg 
_struct_ref_seq.pdbx_db_align_beg_ins_code 
_struct_ref_seq.db_align_end 
_struct_ref_seq.pdbx_db_align_end_ins_code 
_struct_ref_seq.pdbx_auth_seq_align_beg 
_struct_ref_seq.pdbx_auth_seq_align_end 
1 1 1A93 A 5 ? 33 ? P01106 406 ? 434 ? 6 34 
2 2 1A93 B 5 ? 33 ? P28574 74  ? 102 ? 6 34 
# 
_pdbx_struct_assembly.id                   1 
_pdbx_struct_assembly.details              author_defined_assembly 
_pdbx_struct_assembly.method_details       ? 
_pdbx_struct_assembly.oligomeric_details   dimeric 
_pdbx_struct_assembly.oligomeric_count     2 
# 
_pdbx_struct_assembly_gen.assembly_id       1 
_pdbx_struct_assembly_gen.oper_expression   1 
_pdbx_struct_assembly_gen.asym_id_list      A,B 
# 
_pdbx_struct_oper_list.id                   1 
_pdbx_struct_oper_list.type                 'identity operation' 
_pdbx_struct_oper_list.name                 1_555 
_pdbx_struct_oper_list.symmetry_operation   x,y,z 
_pdbx_struct_oper_list.matrix[1][1]         1.0000000000 
_pdbx_struct_oper_list.matrix[1][2]         0.0000000000 
_pdbx_struct_oper_list.matrix[1][3]         0.0000000000 
_pdbx_struct_oper_list.vector[1]            0.0000000000 
_pdbx_struct_oper_list.matrix[2][1]         0.0000000000 
_pdbx_struct_oper_list.matrix[2][2]         1.0000000000 
_pdbx_struct_oper_list.matrix[2][3]         0.0000000000 
_pdbx_struct_oper_list.vector[2]            0.0000000000 
_pdbx_struct_oper_list.matrix[3][1]         0.0000000000 
_pdbx_struct_oper_list.matrix[3][2]         0.0000000000 
_pdbx_struct_oper_list.matrix[3][3]         1.0000000000 
_pdbx_struct_oper_list.vector[3]            0.0000000000 
# 
_struct_biol.id   1 
# 
loop_
_struct_conf.conf_type_id 
_struct_conf.id 
_struct_conf.pdbx_PDB_helix_id 
_struct_conf.beg_label_comp_id 
_struct_conf.beg_label_asym_id 
_struct_conf.beg_label_seq_id 
_struct_conf.pdbx_beg_PDB_ins_code 
_struct_conf.end_label_comp_id 
_struct_conf.end_label_asym_id 
_struct_conf.end_label_seq_id 
_struct_conf.pdbx_end_PDB_ins_code 
_struct_conf.beg_auth_comp_id 
_struct_conf.beg_auth_asym_id 
_struct_conf.beg_auth_seq_id 
_struct_conf.end_auth_comp_id 
_struct_conf.end_auth_asym_id 
_struct_conf.end_auth_seq_id 
_struct_conf.pdbx_PDB_helix_class 
_struct_conf.details 
_struct_conf.pdbx_PDB_helix_length 
HELX_P HELX_P1 1 VAL A 5 ? GLU A 31 ? VAL A 6 GLU A 32 1 ? 27 
HELX_P HELX_P2 2 MET B 5 ? ARG B 31 ? MET B 6 ARG B 32 1 ? 27 
# 
_struct_conf_type.id          HELX_P 
_struct_conf_type.criteria    ? 
_struct_conf_type.reference   ? 
# 
loop_
_struct_conn.id 
_struct_conn.conn_type_id 
_struct_conn.pdbx_leaving_atom_flag 
_struct_conn.pdbx_PDB_id 
_struct_conn.ptnr1_label_asym_id 
_struct_conn.ptnr1_label_comp_id 
_struct_conn.ptnr1_label_seq_id 
_struct_conn.ptnr1_label_atom_id 
_struct_conn.pdbx_ptnr1_label_alt_id 
_struct_conn.pdbx_ptnr1_PDB_ins_code 
_struct_conn.pdbx_ptnr1_standard_comp_id 
_struct_conn.ptnr1_symmetry 
_struct_conn.ptnr2_label_asym_id 
_struct_conn.ptnr2_label_comp_id 
_struct_conn.ptnr2_label_seq_id 
_struct_conn.ptnr2_label_atom_id 
_struct_conn.pdbx_ptnr2_label_alt_id 
_struct_conn.pdbx_ptnr2_PDB_ins_code 
_struct_conn.ptnr1_auth_asym_id 
_struct_conn.ptnr1_auth_comp_id 
_struct_conn.ptnr1_auth_seq_id 
_struct_conn.ptnr2_auth_asym_id 
_struct_conn.ptnr2_auth_comp_id 
_struct_conn.ptnr2_auth_seq_id 
_struct_conn.ptnr2_symmetry 
_struct_conn.pdbx_ptnr3_label_atom_id 
_struct_conn.pdbx_ptnr3_label_seq_id 
_struct_conn.pdbx_ptnr3_label_comp_id 
_struct_conn.pdbx_ptnr3_label_asym_id 
_struct_conn.pdbx_ptnr3_label_alt_id 
_struct_conn.pdbx_ptnr3_PDB_ins_code 
_struct_conn.details 
_struct_conn.pdbx_dist_value 
_struct_conn.pdbx_value_order 
_struct_conn.pdbx_role 
disulf1 disulf ?    ? A CYS 2  SG ? ? ? 1_555 B CYS 2  SG ? ? A CYS 3  B CYS 3  1_555 ? ? ? ? ? ? ? 2.020 ? ? 
covale1 covale both ? A ACE 1  C  ? ? ? 1_555 A CYS 2  N  ? ? A ACE 2  A CYS 3  1_555 ? ? ? ? ? ? ? 1.330 ? ? 
covale2 covale both ? A LEU 33 C  ? ? ? 1_555 A NH2 34 N  ? ? A LEU 34 A NH2 35 1_555 ? ? ? ? ? ? ? 1.305 ? ? 
covale3 covale both ? B ACE 1  C  ? ? ? 1_555 B CYS 2  N  ? ? B ACE 2  B CYS 3  1_555 ? ? ? ? ? ? ? 1.330 ? ? 
covale4 covale both ? B LEU 33 C  ? ? ? 1_555 B NH2 34 N  ? ? B LEU 34 B NH2 35 1_555 ? ? ? ? ? ? ? 1.305 ? ? 
# 
loop_
_struct_conn_type.id 
_struct_conn_type.criteria 
_struct_conn_type.reference 
disulf ? ? 
covale ? ? 
# 
loop_
_pdbx_modification_feature.ordinal 
_pdbx_modification_feature.label_comp_id 
_pdbx_modification_feature.label_asym_id 
_pdbx_modification_feature.label_seq_id 
_pdbx_modification_feature.label_alt_id 
_pdbx_modification_feature.modified_residue_label_comp_id 
_pdbx_modification_feature.modified_residue_label_asym_id 
_pdbx_modification_feature.modified_residue_label_seq_id 
_pdbx_modification_feature.modified_residue_label_alt_id 
_pdbx_modification_feature.auth_comp_id 
_pdbx_modification_feature.auth_asym_id 
_pdbx_modification_feature.auth_seq_id 
_pdbx_modification_feature.PDB_ins_code 
_pdbx_modification_feature.symmetry 
_pdbx_modification_feature.modified_residue_auth_comp_id 
_pdbx_modification_feature.modified_residue_auth_asym_id 
_pdbx_modification_feature.modified_residue_auth_seq_id 
_pdbx_modification_feature.modified_residue_PDB_ins_code 
_pdbx_modification_feature.modified_residue_symmetry 
_pdbx_modification_feature.comp_id_linking_atom 
_pdbx_modification_feature.modified_residue_id_linking_atom 
_pdbx_modification_feature.modified_residue_id 
_pdbx_modification_feature.ref_pcm_id 
_pdbx_modification_feature.ref_comp_id 
_pdbx_modification_feature.type 
_pdbx_modification_feature.category 
1 ACE A 1  ? CYS A 2  ? ACE A 2  ? 1_555 CYS A 3  ? 1_555 .  .  CYS 11 ACE None 'Terminal acetylation' 
2 ACE B 1  ? CYS B 2  ? ACE B 2  ? 1_555 CYS B 3  ? 1_555 .  .  CYS 11 ACE None 'Terminal acetylation' 
3 NH2 A 34 ? LEU A 33 ? NH2 A 35 ? 1_555 LEU A 34 ? 1_555 .  .  LEU 14 NH2 None 'Terminal amidation'   
4 NH2 B 34 ? LEU B 33 ? NH2 B 35 ? 1_555 LEU B 34 ? 1_555 .  .  LEU 14 NH2 None 'Terminal amidation'   
5 CYS A 2  ? CYS B 2  ? CYS A 3  ? 1_555 CYS B 3  ? 1_555 SG SG .   .  .   None 'Disulfide bridge'     
# 
loop_
_struct_site.id 
_struct_site.pdbx_evidence_code 
_struct_site.pdbx_auth_asym_id 
_struct_site.pdbx_auth_comp_id 
_struct_site.pdbx_auth_seq_id 
_struct_site.pdbx_auth_ins_code 
_struct_site.pdbx_num_residues 
_struct_site.details 
AC3 Software A NH2 35 ? 1 'BINDING SITE FOR RESIDUE NH2 A 35' 
AC4 Software B NH2 35 ? 1 'BINDING SITE FOR RESIDUE NH2 B 35' 
# 
loop_
_struct_site_gen.id 
_struct_site_gen.site_id 
_struct_site_gen.pdbx_num_res 
_struct_site_gen.label_comp_id 
_struct_site_gen.label_asym_id 
_struct_site_gen.label_seq_id 
_struct_site_gen.pdbx_auth_ins_code 
_struct_site_gen.auth_comp_id 
_struct_site_gen.auth_asym_id 
_struct_site_gen.auth_seq_id 
_struct_site_gen.label_atom_id 
_struct_site_gen.label_alt_id 
_struct_site_gen.symmetry 
_struct_site_gen.details 
1 AC3 1 LEU A 33 ? LEU A 34 . ? 1_555 ? 
2 AC4 1 LEU B 33 ? LEU B 34 . ? 1_555 ? 
# 
_pdbx_entry_details.entry_id                   1A93 
_pdbx_entry_details.compound_details           ? 
_pdbx_entry_details.source_details             ? 
_pdbx_entry_details.nonpolymer_details         ? 
_pdbx_entry_details.sequence_details           ? 
_pdbx_entry_details.has_ligand_of_interest     ? 
_pdbx_entry_details.has_protein_modification   Y 
# 
_pdbx_validate_torsion.id              1 
_pdbx_validate_torsion.PDB_model_num   1 
_pdbx_validate_torsion.auth_comp_id    ILE 
_pdbx_validate_torsion.auth_asym_id    B 
_pdbx_validate_torsion.auth_seq_id     17 
_pdbx_validate_torsion.PDB_ins_code    ? 
_pdbx_validate_torsion.label_alt_id    ? 
_pdbx_validate_torsion.phi             -62.17 
_pdbx_validate_torsion.psi             -74.01 
# 
_pdbx_nmr_ensemble.entry_id                             1A93 
_pdbx_nmr_ensemble.conformers_calculated_total_number   40 
_pdbx_nmr_ensemble.conformers_submitted_total_number    1 
_pdbx_nmr_ensemble.conformer_selection_criteria         'LEAST RESTRAINT VIOLATION ONLY' 
# 
_pdbx_nmr_sample_details.solution_id   1 
_pdbx_nmr_sample_details.contents      WATER 
# 
_pdbx_nmr_exptl_sample_conditions.conditions_id       1 
_pdbx_nmr_exptl_sample_conditions.temperature         298 
_pdbx_nmr_exptl_sample_conditions.pressure            1 
_pdbx_nmr_exptl_sample_conditions.pH                  4.8 
_pdbx_nmr_exptl_sample_conditions.ionic_strength      10mM 
_pdbx_nmr_exptl_sample_conditions.pressure_units      atm 
_pdbx_nmr_exptl_sample_conditions.temperature_units   K 
# 
loop_
_pdbx_nmr_exptl.experiment_id 
_pdbx_nmr_exptl.conditions_id 
_pdbx_nmr_exptl.type 
_pdbx_nmr_exptl.solution_id 
1 1 NOESY    1 
2 1 TOCSY    1 
3 1 DQF-COSY 1 
# 
_pdbx_nmr_details.entry_id   1A93 
_pdbx_nmr_details.text       'THE STRUCTURE WAS DETERMINED USING 1H 2D NMR SPECTROSCOPY' 
# 
_pdbx_nmr_refine.entry_id           1A93 
_pdbx_nmr_refine.method             'simulated annealing' 
_pdbx_nmr_refine.details            'REFINEMENT DETAILS CAN BE FOUND IN THE JRNL CITATION ABOVE.' 
_pdbx_nmr_refine.software_ordinal   1 
# 
loop_
_pdbx_nmr_software.classification 
_pdbx_nmr_software.name 
_pdbx_nmr_software.version 
_pdbx_nmr_software.authors 
_pdbx_nmr_software.ordinal 
refinement           X-PLOR 3.1 BRUNGER 1 
'structure solution' X-PLOR ?   ?       2 
# 
loop_
_chem_comp_atom.comp_id 
_chem_comp_atom.atom_id 
_chem_comp_atom.type_symbol 
_chem_comp_atom.pdbx_aromatic_flag 
_chem_comp_atom.pdbx_stereo_config 
_chem_comp_atom.pdbx_ordinal 
ACE C    C N N 1   
ACE O    O N N 2   
ACE CH3  C N N 3   
ACE H    H N N 4   
ACE H1   H N N 5   
ACE H2   H N N 6   
ACE H3   H N N 7   
ALA N    N N N 8   
ALA CA   C N S 9   
ALA C    C N N 10  
ALA O    O N N 11  
ALA CB   C N N 12  
ALA OXT  O N N 13  
ALA H    H N N 14  
ALA H2   H N N 15  
ALA HA   H N N 16  
ALA HB1  H N N 17  
ALA HB2  H N N 18  
ALA HB3  H N N 19  
ALA HXT  H N N 20  
ARG N    N N N 21  
ARG CA   C N S 22  
ARG C    C N N 23  
ARG O    O N N 24  
ARG CB   C N N 25  
ARG CG   C N N 26  
ARG CD   C N N 27  
ARG NE   N N N 28  
ARG CZ   C N N 29  
ARG NH1  N N N 30  
ARG NH2  N N N 31  
ARG OXT  O N N 32  
ARG H    H N N 33  
ARG H2   H N N 34  
ARG HA   H N N 35  
ARG HB2  H N N 36  
ARG HB3  H N N 37  
ARG HG2  H N N 38  
ARG HG3  H N N 39  
ARG HD2  H N N 40  
ARG HD3  H N N 41  
ARG HE   H N N 42  
ARG HH11 H N N 43  
ARG HH12 H N N 44  
ARG HH21 H N N 45  
ARG HH22 H N N 46  
ARG HXT  H N N 47  
ASN N    N N N 48  
ASN CA   C N S 49  
ASN C    C N N 50  
ASN O    O N N 51  
ASN CB   C N N 52  
ASN CG   C N N 53  
ASN OD1  O N N 54  
ASN ND2  N N N 55  
ASN OXT  O N N 56  
ASN H    H N N 57  
ASN H2   H N N 58  
ASN HA   H N N 59  
ASN HB2  H N N 60  
ASN HB3  H N N 61  
ASN HD21 H N N 62  
ASN HD22 H N N 63  
ASN HXT  H N N 64  
ASP N    N N N 65  
ASP CA   C N S 66  
ASP C    C N N 67  
ASP O    O N N 68  
ASP CB   C N N 69  
ASP CG   C N N 70  
ASP OD1  O N N 71  
ASP OD2  O N N 72  
ASP OXT  O N N 73  
ASP H    H N N 74  
ASP H2   H N N 75  
ASP HA   H N N 76  
ASP HB2  H N N 77  
ASP HB3  H N N 78  
ASP HD2  H N N 79  
ASP HXT  H N N 80  
CYS N    N N N 81  
CYS CA   C N R 82  
CYS C    C N N 83  
CYS O    O N N 84  
CYS CB   C N N 85  
CYS SG   S N N 86  
CYS OXT  O N N 87  
CYS H    H N N 88  
CYS H2   H N N 89  
CYS HA   H N N 90  
CYS HB2  H N N 91  
CYS HB3  H N N 92  
CYS HG   H N N 93  
CYS HXT  H N N 94  
GLN N    N N N 95  
GLN CA   C N S 96  
GLN C    C N N 97  
GLN O    O N N 98  
GLN CB   C N N 99  
GLN CG   C N N 100 
GLN CD   C N N 101 
GLN OE1  O N N 102 
GLN NE2  N N N 103 
GLN OXT  O N N 104 
GLN H    H N N 105 
GLN H2   H N N 106 
GLN HA   H N N 107 
GLN HB2  H N N 108 
GLN HB3  H N N 109 
GLN HG2  H N N 110 
GLN HG3  H N N 111 
GLN HE21 H N N 112 
GLN HE22 H N N 113 
GLN HXT  H N N 114 
GLU N    N N N 115 
GLU CA   C N S 116 
GLU C    C N N 117 
GLU O    O N N 118 
GLU CB   C N N 119 
GLU CG   C N N 120 
GLU CD   C N N 121 
GLU OE1  O N N 122 
GLU OE2  O N N 123 
GLU OXT  O N N 124 
GLU H    H N N 125 
GLU H2   H N N 126 
GLU HA   H N N 127 
GLU HB2  H N N 128 
GLU HB3  H N N 129 
GLU HG2  H N N 130 
GLU HG3  H N N 131 
GLU HE2  H N N 132 
GLU HXT  H N N 133 
GLY N    N N N 134 
GLY CA   C N N 135 
GLY C    C N N 136 
GLY O    O N N 137 
GLY OXT  O N N 138 
GLY H    H N N 139 
GLY H2   H N N 140 
GLY HA2  H N N 141 
GLY HA3  H N N 142 
GLY HXT  H N N 143 
HIS N    N N N 144 
HIS CA   C N S 145 
HIS C    C N N 146 
HIS O    O N N 147 
HIS CB   C N N 148 
HIS CG   C Y N 149 
HIS ND1  N Y N 150 
HIS CD2  C Y N 151 
HIS CE1  C Y N 152 
HIS NE2  N Y N 153 
HIS OXT  O N N 154 
HIS H    H N N 155 
HIS H2   H N N 156 
HIS HA   H N N 157 
HIS HB2  H N N 158 
HIS HB3  H N N 159 
HIS HD1  H N N 160 
HIS HD2  H N N 161 
HIS HE1  H N N 162 
HIS HE2  H N N 163 
HIS HXT  H N N 164 
ILE N    N N N 165 
ILE CA   C N S 166 
ILE C    C N N 167 
ILE O    O N N 168 
ILE CB   C N S 169 
ILE CG1  C N N 170 
ILE CG2  C N N 171 
ILE CD1  C N N 172 
ILE OXT  O N N 173 
ILE H    H N N 174 
ILE H2   H N N 175 
ILE HA   H N N 176 
ILE HB   H N N 177 
ILE HG12 H N N 178 
ILE HG13 H N N 179 
ILE HG21 H N N 180 
ILE HG22 H N N 181 
ILE HG23 H N N 182 
ILE HD11 H N N 183 
ILE HD12 H N N 184 
ILE HD13 H N N 185 
ILE HXT  H N N 186 
LEU N    N N N 187 
LEU CA   C N S 188 
LEU C    C N N 189 
LEU O    O N N 190 
LEU CB   C N N 191 
LEU CG   C N N 192 
LEU CD1  C N N 193 
LEU CD2  C N N 194 
LEU OXT  O N N 195 
LEU H    H N N 196 
LEU H2   H N N 197 
LEU HA   H N N 198 
LEU HB2  H N N 199 
LEU HB3  H N N 200 
LEU HG   H N N 201 
LEU HD11 H N N 202 
LEU HD12 H N N 203 
LEU HD13 H N N 204 
LEU HD21 H N N 205 
LEU HD22 H N N 206 
LEU HD23 H N N 207 
LEU HXT  H N N 208 
LYS N    N N N 209 
LYS CA   C N S 210 
LYS C    C N N 211 
LYS O    O N N 212 
LYS CB   C N N 213 
LYS CG   C N N 214 
LYS CD   C N N 215 
LYS CE   C N N 216 
LYS NZ   N N N 217 
LYS OXT  O N N 218 
LYS H    H N N 219 
LYS H2   H N N 220 
LYS HA   H N N 221 
LYS HB2  H N N 222 
LYS HB3  H N N 223 
LYS HG2  H N N 224 
LYS HG3  H N N 225 
LYS HD2  H N N 226 
LYS HD3  H N N 227 
LYS HE2  H N N 228 
LYS HE3  H N N 229 
LYS HZ1  H N N 230 
LYS HZ2  H N N 231 
LYS HZ3  H N N 232 
LYS HXT  H N N 233 
MET N    N N N 234 
MET CA   C N S 235 
MET C    C N N 236 
MET O    O N N 237 
MET CB   C N N 238 
MET CG   C N N 239 
MET SD   S N N 240 
MET CE   C N N 241 
MET OXT  O N N 242 
MET H    H N N 243 
MET H2   H N N 244 
MET HA   H N N 245 
MET HB2  H N N 246 
MET HB3  H N N 247 
MET HG2  H N N 248 
MET HG3  H N N 249 
MET HE1  H N N 250 
MET HE2  H N N 251 
MET HE3  H N N 252 
MET HXT  H N N 253 
NH2 N    N N N 254 
NH2 HN1  H N N 255 
NH2 HN2  H N N 256 
SER N    N N N 257 
SER CA   C N S 258 
SER C    C N N 259 
SER O    O N N 260 
SER CB   C N N 261 
SER OG   O N N 262 
SER OXT  O N N 263 
SER H    H N N 264 
SER H2   H N N 265 
SER HA   H N N 266 
SER HB2  H N N 267 
SER HB3  H N N 268 
SER HG   H N N 269 
SER HXT  H N N 270 
THR N    N N N 271 
THR CA   C N S 272 
THR C    C N N 273 
THR O    O N N 274 
THR CB   C N R 275 
THR OG1  O N N 276 
THR CG2  C N N 277 
THR OXT  O N N 278 
THR H    H N N 279 
THR H2   H N N 280 
THR HA   H N N 281 
THR HB   H N N 282 
THR HG1  H N N 283 
THR HG21 H N N 284 
THR HG22 H N N 285 
THR HG23 H N N 286 
THR HXT  H N N 287 
VAL N    N N N 288 
VAL CA   C N S 289 
VAL C    C N N 290 
VAL O    O N N 291 
VAL CB   C N N 292 
VAL CG1  C N N 293 
VAL CG2  C N N 294 
VAL OXT  O N N 295 
VAL H    H N N 296 
VAL H2   H N N 297 
VAL HA   H N N 298 
VAL HB   H N N 299 
VAL HG11 H N N 300 
VAL HG12 H N N 301 
VAL HG13 H N N 302 
VAL HG21 H N N 303 
VAL HG22 H N N 304 
VAL HG23 H N N 305 
VAL HXT  H N N 306 
# 
loop_
_chem_comp_bond.comp_id 
_chem_comp_bond.atom_id_1 
_chem_comp_bond.atom_id_2 
_chem_comp_bond.value_order 
_chem_comp_bond.pdbx_aromatic_flag 
_chem_comp_bond.pdbx_stereo_config 
_chem_comp_bond.pdbx_ordinal 
ACE C   O    doub N N 1   
ACE C   CH3  sing N N 2   
ACE C   H    sing N N 3   
ACE CH3 H1   sing N N 4   
ACE CH3 H2   sing N N 5   
ACE CH3 H3   sing N N 6   
ALA N   CA   sing N N 7   
ALA N   H    sing N N 8   
ALA N   H2   sing N N 9   
ALA CA  C    sing N N 10  
ALA CA  CB   sing N N 11  
ALA CA  HA   sing N N 12  
ALA C   O    doub N N 13  
ALA C   OXT  sing N N 14  
ALA CB  HB1  sing N N 15  
ALA CB  HB2  sing N N 16  
ALA CB  HB3  sing N N 17  
ALA OXT HXT  sing N N 18  
ARG N   CA   sing N N 19  
ARG N   H    sing N N 20  
ARG N   H2   sing N N 21  
ARG CA  C    sing N N 22  
ARG CA  CB   sing N N 23  
ARG CA  HA   sing N N 24  
ARG C   O    doub N N 25  
ARG C   OXT  sing N N 26  
ARG CB  CG   sing N N 27  
ARG CB  HB2  sing N N 28  
ARG CB  HB3  sing N N 29  
ARG CG  CD   sing N N 30  
ARG CG  HG2  sing N N 31  
ARG CG  HG3  sing N N 32  
ARG CD  NE   sing N N 33  
ARG CD  HD2  sing N N 34  
ARG CD  HD3  sing N N 35  
ARG NE  CZ   sing N N 36  
ARG NE  HE   sing N N 37  
ARG CZ  NH1  sing N N 38  
ARG CZ  NH2  doub N N 39  
ARG NH1 HH11 sing N N 40  
ARG NH1 HH12 sing N N 41  
ARG NH2 HH21 sing N N 42  
ARG NH2 HH22 sing N N 43  
ARG OXT HXT  sing N N 44  
ASN N   CA   sing N N 45  
ASN N   H    sing N N 46  
ASN N   H2   sing N N 47  
ASN CA  C    sing N N 48  
ASN CA  CB   sing N N 49  
ASN CA  HA   sing N N 50  
ASN C   O    doub N N 51  
ASN C   OXT  sing N N 52  
ASN CB  CG   sing N N 53  
ASN CB  HB2  sing N N 54  
ASN CB  HB3  sing N N 55  
ASN CG  OD1  doub N N 56  
ASN CG  ND2  sing N N 57  
ASN ND2 HD21 sing N N 58  
ASN ND2 HD22 sing N N 59  
ASN OXT HXT  sing N N 60  
ASP N   CA   sing N N 61  
ASP N   H    sing N N 62  
ASP N   H2   sing N N 63  
ASP CA  C    sing N N 64  
ASP CA  CB   sing N N 65  
ASP CA  HA   sing N N 66  
ASP C   O    doub N N 67  
ASP C   OXT  sing N N 68  
ASP CB  CG   sing N N 69  
ASP CB  HB2  sing N N 70  
ASP CB  HB3  sing N N 71  
ASP CG  OD1  doub N N 72  
ASP CG  OD2  sing N N 73  
ASP OD2 HD2  sing N N 74  
ASP OXT HXT  sing N N 75  
CYS N   CA   sing N N 76  
CYS N   H    sing N N 77  
CYS N   H2   sing N N 78  
CYS CA  C    sing N N 79  
CYS CA  CB   sing N N 80  
CYS CA  HA   sing N N 81  
CYS C   O    doub N N 82  
CYS C   OXT  sing N N 83  
CYS CB  SG   sing N N 84  
CYS CB  HB2  sing N N 85  
CYS CB  HB3  sing N N 86  
CYS SG  HG   sing N N 87  
CYS OXT HXT  sing N N 88  
GLN N   CA   sing N N 89  
GLN N   H    sing N N 90  
GLN N   H2   sing N N 91  
GLN CA  C    sing N N 92  
GLN CA  CB   sing N N 93  
GLN CA  HA   sing N N 94  
GLN C   O    doub N N 95  
GLN C   OXT  sing N N 96  
GLN CB  CG   sing N N 97  
GLN CB  HB2  sing N N 98  
GLN CB  HB3  sing N N 99  
GLN CG  CD   sing N N 100 
GLN CG  HG2  sing N N 101 
GLN CG  HG3  sing N N 102 
GLN CD  OE1  doub N N 103 
GLN CD  NE2  sing N N 104 
GLN NE2 HE21 sing N N 105 
GLN NE2 HE22 sing N N 106 
GLN OXT HXT  sing N N 107 
GLU N   CA   sing N N 108 
GLU N   H    sing N N 109 
GLU N   H2   sing N N 110 
GLU CA  C    sing N N 111 
GLU CA  CB   sing N N 112 
GLU CA  HA   sing N N 113 
GLU C   O    doub N N 114 
GLU C   OXT  sing N N 115 
GLU CB  CG   sing N N 116 
GLU CB  HB2  sing N N 117 
GLU CB  HB3  sing N N 118 
GLU CG  CD   sing N N 119 
GLU CG  HG2  sing N N 120 
GLU CG  HG3  sing N N 121 
GLU CD  OE1  doub N N 122 
GLU CD  OE2  sing N N 123 
GLU OE2 HE2  sing N N 124 
GLU OXT HXT  sing N N 125 
GLY N   CA   sing N N 126 
GLY N   H    sing N N 127 
GLY N   H2   sing N N 128 
GLY CA  C    sing N N 129 
GLY CA  HA2  sing N N 130 
GLY CA  HA3  sing N N 131 
GLY C   O    doub N N 132 
GLY C   OXT  sing N N 133 
GLY OXT HXT  sing N N 134 
HIS N   CA   sing N N 135 
HIS N   H    sing N N 136 
HIS N   H2   sing N N 137 
HIS CA  C    sing N N 138 
HIS CA  CB   sing N N 139 
HIS CA  HA   sing N N 140 
HIS C   O    doub N N 141 
HIS C   OXT  sing N N 142 
HIS CB  CG   sing N N 143 
HIS CB  HB2  sing N N 144 
HIS CB  HB3  sing N N 145 
HIS CG  ND1  sing Y N 146 
HIS CG  CD2  doub Y N 147 
HIS ND1 CE1  doub Y N 148 
HIS ND1 HD1  sing N N 149 
HIS CD2 NE2  sing Y N 150 
HIS CD2 HD2  sing N N 151 
HIS CE1 NE2  sing Y N 152 
HIS CE1 HE1  sing N N 153 
HIS NE2 HE2  sing N N 154 
HIS OXT HXT  sing N N 155 
ILE N   CA   sing N N 156 
ILE N   H    sing N N 157 
ILE N   H2   sing N N 158 
ILE CA  C    sing N N 159 
ILE CA  CB   sing N N 160 
ILE CA  HA   sing N N 161 
ILE C   O    doub N N 162 
ILE C   OXT  sing N N 163 
ILE CB  CG1  sing N N 164 
ILE CB  CG2  sing N N 165 
ILE CB  HB   sing N N 166 
ILE CG1 CD1  sing N N 167 
ILE CG1 HG12 sing N N 168 
ILE CG1 HG13 sing N N 169 
ILE CG2 HG21 sing N N 170 
ILE CG2 HG22 sing N N 171 
ILE CG2 HG23 sing N N 172 
ILE CD1 HD11 sing N N 173 
ILE CD1 HD12 sing N N 174 
ILE CD1 HD13 sing N N 175 
ILE OXT HXT  sing N N 176 
LEU N   CA   sing N N 177 
LEU N   H    sing N N 178 
LEU N   H2   sing N N 179 
LEU CA  C    sing N N 180 
LEU CA  CB   sing N N 181 
LEU CA  HA   sing N N 182 
LEU C   O    doub N N 183 
LEU C   OXT  sing N N 184 
LEU CB  CG   sing N N 185 
LEU CB  HB2  sing N N 186 
LEU CB  HB3  sing N N 187 
LEU CG  CD1  sing N N 188 
LEU CG  CD2  sing N N 189 
LEU CG  HG   sing N N 190 
LEU CD1 HD11 sing N N 191 
LEU CD1 HD12 sing N N 192 
LEU CD1 HD13 sing N N 193 
LEU CD2 HD21 sing N N 194 
LEU CD2 HD22 sing N N 195 
LEU CD2 HD23 sing N N 196 
LEU OXT HXT  sing N N 197 
LYS N   CA   sing N N 198 
LYS N   H    sing N N 199 
LYS N   H2   sing N N 200 
LYS CA  C    sing N N 201 
LYS CA  CB   sing N N 202 
LYS CA  HA   sing N N 203 
LYS C   O    doub N N 204 
LYS C   OXT  sing N N 205 
LYS CB  CG   sing N N 206 
LYS CB  HB2  sing N N 207 
LYS CB  HB3  sing N N 208 
LYS CG  CD   sing N N 209 
LYS CG  HG2  sing N N 210 
LYS CG  HG3  sing N N 211 
LYS CD  CE   sing N N 212 
LYS CD  HD2  sing N N 213 
LYS CD  HD3  sing N N 214 
LYS CE  NZ   sing N N 215 
LYS CE  HE2  sing N N 216 
LYS CE  HE3  sing N N 217 
LYS NZ  HZ1  sing N N 218 
LYS NZ  HZ2  sing N N 219 
LYS NZ  HZ3  sing N N 220 
LYS OXT HXT  sing N N 221 
MET N   CA   sing N N 222 
MET N   H    sing N N 223 
MET N   H2   sing N N 224 
MET CA  C    sing N N 225 
MET CA  CB   sing N N 226 
MET CA  HA   sing N N 227 
MET C   O    doub N N 228 
MET C   OXT  sing N N 229 
MET CB  CG   sing N N 230 
MET CB  HB2  sing N N 231 
MET CB  HB3  sing N N 232 
MET CG  SD   sing N N 233 
MET CG  HG2  sing N N 234 
MET CG  HG3  sing N N 235 
MET SD  CE   sing N N 236 
MET CE  HE1  sing N N 237 
MET CE  HE2  sing N N 238 
MET CE  HE3  sing N N 239 
MET OXT HXT  sing N N 240 
NH2 N   HN1  sing N N 241 
NH2 N   HN2  sing N N 242 
SER N   CA   sing N N 243 
SER N   H    sing N N 244 
SER N   H2   sing N N 245 
SER CA  C    sing N N 246 
SER CA  CB   sing N N 247 
SER CA  HA   sing N N 248 
SER C   O    doub N N 249 
SER C   OXT  sing N N 250 
SER CB  OG   sing N N 251 
SER CB  HB2  sing N N 252 
SER CB  HB3  sing N N 253 
SER OG  HG   sing N N 254 
SER OXT HXT  sing N N 255 
THR N   CA   sing N N 256 
THR N   H    sing N N 257 
THR N   H2   sing N N 258 
THR CA  C    sing N N 259 
THR CA  CB   sing N N 260 
THR CA  HA   sing N N 261 
THR C   O    doub N N 262 
THR C   OXT  sing N N 263 
THR CB  OG1  sing N N 264 
THR CB  CG2  sing N N 265 
THR CB  HB   sing N N 266 
THR OG1 HG1  sing N N 267 
THR CG2 HG21 sing N N 268 
THR CG2 HG22 sing N N 269 
THR CG2 HG23 sing N N 270 
THR OXT HXT  sing N N 271 
VAL N   CA   sing N N 272 
VAL N   H    sing N N 273 
VAL N   H2   sing N N 274 
VAL CA  C    sing N N 275 
VAL CA  CB   sing N N 276 
VAL CA  HA   sing N N 277 
VAL C   O    doub N N 278 
VAL C   OXT  sing N N 279 
VAL CB  CG1  sing N N 280 
VAL CB  CG2  sing N N 281 
VAL CB  HB   sing N N 282 
VAL CG1 HG11 sing N N 283 
VAL CG1 HG12 sing N N 284 
VAL CG1 HG13 sing N N 285 
VAL CG2 HG21 sing N N 286 
VAL CG2 HG22 sing N N 287 
VAL CG2 HG23 sing N N 288 
VAL OXT HXT  sing N N 289 
# 
loop_
_pdbx_nmr_spectrometer.spectrometer_id 
_pdbx_nmr_spectrometer.model 
_pdbx_nmr_spectrometer.manufacturer 
_pdbx_nmr_spectrometer.field_strength 
1 VXR-500     Varian 500 
2 'UNITY 600' Varian 600 
# 
_atom_sites.entry_id                    1A93 
_atom_sites.fract_transf_matrix[1][1]   1.000000 
_atom_sites.fract_transf_matrix[1][2]   0.000000 
_atom_sites.fract_transf_matrix[1][3]   0.000000 
_atom_sites.fract_transf_matrix[2][1]   0.000000 
_atom_sites.fract_transf_matrix[2][2]   1.000000 
_atom_sites.fract_transf_matrix[2][3]   0.000000 
_atom_sites.fract_transf_matrix[3][1]   0.000000 
_atom_sites.fract_transf_matrix[3][2]   0.000000 
_atom_sites.fract_transf_matrix[3][3]   1.000000 
_atom_sites.fract_transf_vector[1]      0.00000 
_atom_sites.fract_transf_vector[2]      0.00000 
_atom_sites.fract_transf_vector[3]      0.00000 
# 
loop_
_atom_type.symbol 
C 
H 
N 
O 
S 
# 
loop_
_atom_site.group_PDB 
_atom_site.id 
_atom_site.type_symbol 
_atom_site.label_atom_id 
_atom_site.label_alt_id 
_atom_site.label_comp_id 
_atom_site.label_asym_id 
_atom_site.label_entity_id 
_atom_site.label_seq_id 
_atom_site.pdbx_PDB_ins_code 
_atom_site.Cartn_x 
_atom_site.Cartn_y 
_atom_site.Cartn_z 
_atom_site.occupancy 
_atom_site.B_iso_or_equiv 
_atom_site.pdbx_formal_charge 
_atom_site.auth_seq_id 
_atom_site.auth_comp_id 
_atom_site.auth_asym_id 
_atom_site.auth_atom_id 
_atom_site.pdbx_PDB_model_num 
HETATM 1    C C    . ACE A 1 1  ? -24.194 8.047   -4.217  1.00 5.51 ? 2  ACE A C    1 
HETATM 2    O O    . ACE A 1 1  ? -23.763 8.775   -3.322  1.00 5.49 ? 2  ACE A O    1 
HETATM 3    C CH3  . ACE A 1 1  ? -25.682 7.728   -4.323  1.00 6.50 ? 2  ACE A CH3  1 
HETATM 4    H H1   . ACE A 1 1  ? -25.868 7.183   -5.237  1.00 6.80 ? 2  ACE A H1   1 
HETATM 5    H H2   . ACE A 1 1  ? -26.247 8.648   -4.331  1.00 6.77 ? 2  ACE A H2   1 
HETATM 6    H H3   . ACE A 1 1  ? -25.982 7.126   -3.478  1.00 6.93 ? 2  ACE A H3   1 
ATOM   7    N N    . CYS A 1 2  ? -23.415 7.495   -5.143  1.00 5.05 ? 3  CYS A N    1 
ATOM   8    C CA   . CYS A 1 2  ? -21.973 7.726   -5.147  1.00 4.41 ? 3  CYS A CA   1 
ATOM   9    C C    . CYS A 1 2  ? -21.659 9.117   -5.689  1.00 4.23 ? 3  CYS A C    1 
ATOM   10   O O    . CYS A 1 2  ? -22.035 9.462   -6.809  1.00 4.59 ? 3  CYS A O    1 
ATOM   11   C CB   . CYS A 1 2  ? -21.266 6.682   -6.014  1.00 4.15 ? 3  CYS A CB   1 
ATOM   12   S SG   . CYS A 1 2  ? -21.651 5.025   -5.396  1.00 4.20 ? 3  CYS A SG   1 
ATOM   13   H H    . CYS A 1 2  ? -23.814 6.924   -5.831  1.00 5.43 ? 3  CYS A H    1 
ATOM   14   H HA   . CYS A 1 2  ? -21.602 7.650   -4.136  1.00 4.68 ? 3  CYS A HA   1 
ATOM   15   H HB2  . CYS A 1 2  ? -21.606 6.773   -7.035  1.00 4.37 ? 3  CYS A HB2  1 
ATOM   16   H HB3  . CYS A 1 2  ? -20.199 6.844   -5.973  1.00 4.24 ? 3  CYS A HB3  1 
ATOM   17   N N    . GLY A 1 3  ? -20.965 9.911   -4.878  1.00 4.02 ? 4  GLY A N    1 
ATOM   18   C CA   . GLY A 1 3  ? -20.601 11.265  -5.283  1.00 4.00 ? 4  GLY A CA   1 
ATOM   19   C C    . GLY A 1 3  ? -19.122 11.343  -5.644  1.00 3.54 ? 4  GLY A C    1 
ATOM   20   O O    . GLY A 1 3  ? -18.750 11.884  -6.686  1.00 3.77 ? 4  GLY A O    1 
ATOM   21   H H    . GLY A 1 3  ? -20.692 9.580   -3.996  1.00 4.14 ? 4  GLY A H    1 
ATOM   22   H HA2  . GLY A 1 3  ? -21.194 11.551  -6.140  1.00 4.34 ? 4  GLY A HA2  1 
ATOM   23   H HA3  . GLY A 1 3  ? -20.801 11.946  -4.469  1.00 4.26 ? 4  GLY A HA3  1 
ATOM   24   N N    . GLY A 1 4  ? -18.283 10.794  -4.772  1.00 3.35 ? 5  GLY A N    1 
ATOM   25   C CA   . GLY A 1 4  ? -16.841 10.803  -5.005  1.00 3.10 ? 5  GLY A CA   1 
ATOM   26   C C    . GLY A 1 4  ? -16.225 9.459   -4.635  1.00 2.76 ? 5  GLY A C    1 
ATOM   27   O O    . GLY A 1 4  ? -15.091 9.388   -4.164  1.00 2.70 ? 5  GLY A O    1 
ATOM   28   H H    . GLY A 1 4  ? -18.637 10.376  -3.959  1.00 3.68 ? 5  GLY A H    1 
ATOM   29   H HA2  . GLY A 1 4  ? -16.653 11.008  -6.050  1.00 3.31 ? 5  GLY A HA2  1 
ATOM   30   H HA3  . GLY A 1 4  ? -16.389 11.577  -4.404  1.00 3.18 ? 5  GLY A HA3  1 
ATOM   31   N N    . VAL A 1 5  ? -16.989 8.392   -4.854  1.00 2.58 ? 6  VAL A N    1 
ATOM   32   C CA   . VAL A 1 5  ? -16.511 7.048   -4.540  1.00 2.27 ? 6  VAL A CA   1 
ATOM   33   C C    . VAL A 1 5  ? -15.438 6.620   -5.537  1.00 2.12 ? 6  VAL A C    1 
ATOM   34   O O    . VAL A 1 5  ? -14.409 6.059   -5.161  1.00 1.92 ? 6  VAL A O    1 
ATOM   35   C CB   . VAL A 1 5  ? -17.664 6.042   -4.584  1.00 2.23 ? 6  VAL A CB   1 
ATOM   36   C CG1  . VAL A 1 5  ? -17.184 4.688   -4.057  1.00 2.28 ? 6  VAL A CG1  1 
ATOM   37   C CG2  . VAL A 1 5  ? -18.817 6.545   -3.710  1.00 2.62 ? 6  VAL A CG2  1 
ATOM   38   H H    . VAL A 1 5  ? -17.886 8.509   -5.232  1.00 2.69 ? 6  VAL A H    1 
ATOM   39   H HA   . VAL A 1 5  ? -16.086 7.050   -3.547  1.00 2.24 ? 6  VAL A HA   1 
ATOM   40   H HB   . VAL A 1 5  ? -18.006 5.930   -5.603  1.00 2.55 ? 6  VAL A HB   1 
ATOM   41   H HG11 . VAL A 1 5  ? -16.584 4.838   -3.172  1.00 2.59 ? 6  VAL A HG11 1 
ATOM   42   H HG12 . VAL A 1 5  ? -18.038 4.073   -3.813  1.00 2.65 ? 6  VAL A HG12 1 
ATOM   43   H HG13 . VAL A 1 5  ? -16.591 4.198   -4.814  1.00 2.51 ? 6  VAL A HG13 1 
ATOM   44   H HG21 . VAL A 1 5  ? -18.457 6.721   -2.706  1.00 2.87 ? 6  VAL A HG21 1 
ATOM   45   H HG22 . VAL A 1 5  ? -19.204 7.466   -4.120  1.00 3.09 ? 6  VAL A HG22 1 
ATOM   46   H HG23 . VAL A 1 5  ? -19.601 5.803   -3.686  1.00 2.92 ? 6  VAL A HG23 1 
ATOM   47   N N    . GLN A 1 6  ? -15.693 6.891   -6.814  1.00 2.27 ? 7  GLN A N    1 
ATOM   48   C CA   . GLN A 1 6  ? -14.742 6.531   -7.863  1.00 2.23 ? 7  GLN A CA   1 
ATOM   49   C C    . GLN A 1 6  ? -13.430 7.287   -7.676  1.00 2.26 ? 7  GLN A C    1 
ATOM   50   O O    . GLN A 1 6  ? -12.346 6.717   -7.797  1.00 2.18 ? 7  GLN A O    1 
ATOM   51   C CB   . GLN A 1 6  ? -15.315 6.862   -9.242  1.00 2.46 ? 7  GLN A CB   1 
ATOM   52   C CG   . GLN A 1 6  ? -16.364 5.815   -9.624  1.00 2.73 ? 7  GLN A CG   1 
ATOM   53   C CD   . GLN A 1 6  ? -16.602 5.860   -11.130 1.00 3.10 ? 7  GLN A CD   1 
ATOM   54   O OE1  . GLN A 1 6  ? -15.690 6.157   -11.901 1.00 3.31 ? 7  GLN A OE1  1 
ATOM   55   N NE2  . GLN A 1 6  ? -17.787 5.579   -11.598 1.00 3.74 ? 7  GLN A NE2  1 
ATOM   56   H H    . GLN A 1 6  ? -16.529 7.340   -7.055  1.00 2.44 ? 7  GLN A H    1 
ATOM   57   H HA   . GLN A 1 6  ? -14.547 5.470   -7.811  1.00 2.08 ? 7  GLN A HA   1 
ATOM   58   H HB2  . GLN A 1 6  ? -15.774 7.840   -9.215  1.00 2.52 ? 7  GLN A HB2  1 
ATOM   59   H HB3  . GLN A 1 6  ? -14.521 6.857   -9.973  1.00 2.80 ? 7  GLN A HB3  1 
ATOM   60   H HG2  . GLN A 1 6  ? -16.011 4.833   -9.343  1.00 3.13 ? 7  GLN A HG2  1 
ATOM   61   H HG3  . GLN A 1 6  ? -17.288 6.027   -9.109  1.00 2.92 ? 7  GLN A HG3  1 
ATOM   62   H HE21 . GLN A 1 6  ? -18.514 5.343   -10.985 1.00 4.03 ? 7  GLN A HE21 1 
ATOM   63   H HE22 . GLN A 1 6  ? -17.951 5.605   -12.565 1.00 4.18 ? 7  GLN A HE22 1 
ATOM   64   N N    . ALA A 1 7  ? -13.543 8.579   -7.379  1.00 2.45 ? 8  ALA A N    1 
ATOM   65   C CA   . ALA A 1 7  ? -12.359 9.410   -7.177  1.00 2.57 ? 8  ALA A CA   1 
ATOM   66   C C    . ALA A 1 7  ? -11.549 8.901   -5.989  1.00 2.38 ? 8  ALA A C    1 
ATOM   67   O O    . ALA A 1 7  ? -10.328 8.765   -6.063  1.00 2.37 ? 8  ALA A O    1 
ATOM   68   C CB   . ALA A 1 7  ? -12.761 10.863  -6.920  1.00 2.88 ? 8  ALA A CB   1 
ATOM   69   H H    . ALA A 1 7  ? -14.433 8.979   -7.296  1.00 2.55 ? 8  ALA A H    1 
ATOM   70   H HA   . ALA A 1 7  ? -11.745 9.369   -8.064  1.00 2.62 ? 8  ALA A HA   1 
ATOM   71   H HB1  . ALA A 1 7  ? -13.653 10.886  -6.311  1.00 3.23 ? 8  ALA A HB1  1 
ATOM   72   H HB2  . ALA A 1 7  ? -11.960 11.372  -6.405  1.00 3.04 ? 8  ALA A HB2  1 
ATOM   73   H HB3  . ALA A 1 7  ? -12.954 11.355  -7.862  1.00 3.12 ? 8  ALA A HB3  1 
ATOM   74   N N    . GLU A 1 8  ? -12.245 8.620   -4.890  1.00 2.27 ? 9  GLU A N    1 
ATOM   75   C CA   . GLU A 1 8  ? -11.582 8.126   -3.686  1.00 2.11 ? 9  GLU A CA   1 
ATOM   76   C C    . GLU A 1 8  ? -11.016 6.730   -3.927  1.00 1.81 ? 9  GLU A C    1 
ATOM   77   O O    . GLU A 1 8  ? -9.917  6.405   -3.477  1.00 1.74 ? 9  GLU A O    1 
ATOM   78   C CB   . GLU A 1 8  ? -12.568 8.068   -2.517  1.00 2.12 ? 9  GLU A CB   1 
ATOM   79   C CG   . GLU A 1 8  ? -12.555 9.404   -1.773  1.00 2.44 ? 9  GLU A CG   1 
ATOM   80   C CD   . GLU A 1 8  ? -13.338 9.269   -0.471  1.00 2.84 ? 9  GLU A CD   1 
ATOM   81   O OE1  . GLU A 1 8  ? -12.750 8.843   0.510   1.00 3.33 ? 9  GLU A OE1  1 
ATOM   82   O OE2  . GLU A 1 8  ? -14.514 9.593   -0.473  1.00 3.23 ? 9  GLU A OE2  1 
ATOM   83   H H    . GLU A 1 8  ? -13.216 8.747   -4.889  1.00 2.32 ? 9  GLU A H    1 
ATOM   84   H HA   . GLU A 1 8  ? -10.775 8.793   -3.430  1.00 2.26 ? 9  GLU A HA   1 
ATOM   85   H HB2  . GLU A 1 8  ? -13.562 7.874   -2.895  1.00 2.37 ? 9  GLU A HB2  1 
ATOM   86   H HB3  . GLU A 1 8  ? -12.279 7.278   -1.841  1.00 2.11 ? 9  GLU A HB3  1 
ATOM   87   H HG2  . GLU A 1 8  ? -11.536 9.684   -1.553  1.00 2.72 ? 9  GLU A HG2  1 
ATOM   88   H HG3  . GLU A 1 8  ? -13.013 10.164  -2.389  1.00 2.79 ? 9  GLU A HG3  1 
ATOM   89   N N    . GLU A 1 9  ? -11.779 5.910   -4.644  1.00 1.70 ? 10 GLU A N    1 
ATOM   90   C CA   . GLU A 1 9  ? -11.345 4.548   -4.942  1.00 1.49 ? 10 GLU A CA   1 
ATOM   91   C C    . GLU A 1 9  ? -10.159 4.566   -5.902  1.00 1.61 ? 10 GLU A C    1 
ATOM   92   O O    . GLU A 1 9  ? -9.200  3.811   -5.742  1.00 1.53 ? 10 GLU A O    1 
ATOM   93   C CB   . GLU A 1 9  ? -12.486 3.748   -5.575  1.00 1.48 ? 10 GLU A CB   1 
ATOM   94   C CG   . GLU A 1 9  ? -12.216 2.252   -5.404  1.00 1.37 ? 10 GLU A CG   1 
ATOM   95   C CD   . GLU A 1 9  ? -13.160 1.459   -6.301  1.00 1.59 ? 10 GLU A CD   1 
ATOM   96   O OE1  . GLU A 1 9  ? -12.907 1.404   -7.493  1.00 2.07 ? 10 GLU A OE1  1 
ATOM   97   O OE2  . GLU A 1 9  ? -14.124 0.917   -5.783  1.00 1.98 ? 10 GLU A OE2  1 
ATOM   98   H H    . GLU A 1 9  ? -12.645 6.225   -4.977  1.00 1.81 ? 10 GLU A H    1 
ATOM   99   H HA   . GLU A 1 9  ? -11.047 4.065   -4.025  1.00 1.34 ? 10 GLU A HA   1 
ATOM   100  H HB2  . GLU A 1 9  ? -13.416 4.005   -5.090  1.00 1.58 ? 10 GLU A HB2  1 
ATOM   101  H HB3  . GLU A 1 9  ? -12.551 3.983   -6.626  1.00 1.65 ? 10 GLU A HB3  1 
ATOM   102  H HG2  . GLU A 1 9  ? -11.194 2.038   -5.678  1.00 1.47 ? 10 GLU A HG2  1 
ATOM   103  H HG3  . GLU A 1 9  ? -12.380 1.971   -4.375  1.00 1.43 ? 10 GLU A HG3  1 
ATOM   104  N N    . GLN A 1 10 ? -10.238 5.438   -6.904  1.00 1.85 ? 11 GLN A N    1 
ATOM   105  C CA   . GLN A 1 10 ? -9.165  5.551   -7.888  1.00 2.04 ? 11 GLN A CA   1 
ATOM   106  C C    . GLN A 1 10 ? -7.867  5.984   -7.215  1.00 2.07 ? 11 GLN A C    1 
ATOM   107  O O    . GLN A 1 10 ? -6.776  5.584   -7.622  1.00 2.16 ? 11 GLN A O    1 
ATOM   108  C CB   . GLN A 1 10 ? -9.532  6.573   -8.966  1.00 2.32 ? 11 GLN A CB   1 
ATOM   109  C CG   . GLN A 1 10 ? -8.731  6.285   -10.237 1.00 2.66 ? 11 GLN A CG   1 
ATOM   110  C CD   . GLN A 1 10 ? -9.389  6.985   -11.422 1.00 3.13 ? 11 GLN A CD   1 
ATOM   111  O OE1  . GLN A 1 10 ? -10.574 6.785   -11.689 1.00 3.57 ? 11 GLN A OE1  1 
ATOM   112  N NE2  . GLN A 1 10 ? -8.684  7.802   -12.156 1.00 3.58 ? 11 GLN A NE2  1 
ATOM   113  H H    . GLN A 1 10 ? -11.027 6.014   -6.981  1.00 1.93 ? 11 GLN A H    1 
ATOM   114  H HA   . GLN A 1 10 ? -9.015  4.589   -8.356  1.00 2.02 ? 11 GLN A HA   1 
ATOM   115  H HB2  . GLN A 1 10 ? -10.589 6.505   -9.182  1.00 2.49 ? 11 GLN A HB2  1 
ATOM   116  H HB3  . GLN A 1 10 ? -9.300  7.567   -8.613  1.00 2.54 ? 11 GLN A HB3  1 
ATOM   117  H HG2  . GLN A 1 10 ? -7.722  6.652   -10.117 1.00 2.98 ? 11 GLN A HG2  1 
ATOM   118  H HG3  . GLN A 1 10 ? -8.709  5.221   -10.416 1.00 2.93 ? 11 GLN A HG3  1 
ATOM   119  H HE21 . GLN A 1 10 ? -7.741  7.961   -11.943 1.00 3.72 ? 11 GLN A HE21 1 
ATOM   120  H HE22 . GLN A 1 10 ? -9.097  8.256   -12.919 1.00 4.04 ? 11 GLN A HE22 1 
ATOM   121  N N    . LYS A 1 11 ? -7.998  6.807   -6.179  1.00 2.05 ? 12 LYS A N    1 
ATOM   122  C CA   . LYS A 1 11 ? -6.828  7.293   -5.452  1.00 2.11 ? 12 LYS A CA   1 
ATOM   123  C C    . LYS A 1 11 ? -6.288  6.208   -4.526  1.00 1.90 ? 12 LYS A C    1 
ATOM   124  O O    . LYS A 1 11 ? -5.077  6.044   -4.379  1.00 1.95 ? 12 LYS A O    1 
ATOM   125  C CB   . LYS A 1 11 ? -7.188  8.526   -4.619  1.00 2.22 ? 12 LYS A CB   1 
ATOM   126  C CG   . LYS A 1 11 ? -5.907  9.242   -4.187  1.00 2.69 ? 12 LYS A CG   1 
ATOM   127  C CD   . LYS A 1 11 ? -6.268  10.480  -3.363  1.00 2.95 ? 12 LYS A CD   1 
ATOM   128  C CE   . LYS A 1 11 ? -6.913  11.528  -4.271  1.00 3.34 ? 12 LYS A CE   1 
ATOM   129  N NZ   . LYS A 1 11 ? -6.652  12.889  -3.722  1.00 3.88 ? 12 LYS A NZ   1 
ATOM   130  H H    . LYS A 1 11 ? -8.893  7.093   -5.900  1.00 2.03 ? 12 LYS A H    1 
ATOM   131  H HA   . LYS A 1 11 ? -6.061  7.564   -6.162  1.00 2.26 ? 12 LYS A HA   1 
ATOM   132  H HB2  . LYS A 1 11 ? -7.795  9.195   -5.211  1.00 2.26 ? 12 LYS A HB2  1 
ATOM   133  H HB3  . LYS A 1 11 ? -7.740  8.219   -3.743  1.00 2.37 ? 12 LYS A HB3  1 
ATOM   134  H HG2  . LYS A 1 11 ? -5.305  8.574   -3.589  1.00 3.08 ? 12 LYS A HG2  1 
ATOM   135  H HG3  . LYS A 1 11 ? -5.350  9.543   -5.062  1.00 3.04 ? 12 LYS A HG3  1 
ATOM   136  H HD2  . LYS A 1 11 ? -6.962  10.203  -2.583  1.00 3.22 ? 12 LYS A HD2  1 
ATOM   137  H HD3  . LYS A 1 11 ? -5.373  10.891  -2.921  1.00 3.22 ? 12 LYS A HD3  1 
ATOM   138  H HE2  . LYS A 1 11 ? -6.492  11.454  -5.263  1.00 3.49 ? 12 LYS A HE2  1 
ATOM   139  H HE3  . LYS A 1 11 ? -7.979  11.358  -4.319  1.00 3.71 ? 12 LYS A HE3  1 
ATOM   140  H HZ1  . LYS A 1 11 ? -6.755  12.872  -2.689  1.00 4.26 ? 12 LYS A HZ1  1 
ATOM   141  H HZ2  . LYS A 1 11 ? -5.685  13.183  -3.971  1.00 4.11 ? 12 LYS A HZ2  1 
ATOM   142  H HZ3  . LYS A 1 11 ? -7.334  13.563  -4.125  1.00 4.14 ? 12 LYS A HZ3  1 
ATOM   143  N N    . LEU A 1 12 ? -7.202  5.469   -3.905  1.00 1.67 ? 13 LEU A N    1 
ATOM   144  C CA   . LEU A 1 12 ? -6.810  4.397   -2.992  1.00 1.46 ? 13 LEU A CA   1 
ATOM   145  C C    . LEU A 1 12 ? -6.008  3.332   -3.735  1.00 1.45 ? 13 LEU A C    1 
ATOM   146  O O    . LEU A 1 12 ? -5.020  2.807   -3.222  1.00 1.45 ? 13 LEU A O    1 
ATOM   147  C CB   . LEU A 1 12 ? -8.047  3.745   -2.370  1.00 1.25 ? 13 LEU A CB   1 
ATOM   148  C CG   . LEU A 1 12 ? -8.503  4.566   -1.162  1.00 1.26 ? 13 LEU A CG   1 
ATOM   149  C CD1  . LEU A 1 12 ? -9.936  4.178   -0.792  1.00 1.18 ? 13 LEU A CD1  1 
ATOM   150  C CD2  . LEU A 1 12 ? -7.578  4.285   0.024   1.00 1.16 ? 13 LEU A CD2  1 
ATOM   151  H H    . LEU A 1 12 ? -8.153  5.645   -4.062  1.00 1.67 ? 13 LEU A H    1 
ATOM   152  H HA   . LEU A 1 12 ? -6.199  4.812   -2.205  1.00 1.48 ? 13 LEU A HA   1 
ATOM   153  H HB2  . LEU A 1 12 ? -8.841  3.708   -3.101  1.00 1.27 ? 13 LEU A HB2  1 
ATOM   154  H HB3  . LEU A 1 12 ? -7.803  2.743   -2.050  1.00 1.11 ? 13 LEU A HB3  1 
ATOM   155  H HG   . LEU A 1 12 ? -8.468  5.618   -1.408  1.00 1.46 ? 13 LEU A HG   1 
ATOM   156  H HD11 . LEU A 1 12 ? -10.561 4.228   -1.672  1.00 1.58 ? 13 LEU A HD11 1 
ATOM   157  H HD12 . LEU A 1 12 ? -9.946  3.171   -0.401  1.00 1.40 ? 13 LEU A HD12 1 
ATOM   158  H HD13 . LEU A 1 12 ? -10.312 4.860   -0.044  1.00 1.65 ? 13 LEU A HD13 1 
ATOM   159  H HD21 . LEU A 1 12 ? -7.147  3.302   -0.080  1.00 1.55 ? 13 LEU A HD21 1 
ATOM   160  H HD22 . LEU A 1 12 ? -6.790  5.024   0.048   1.00 1.48 ? 13 LEU A HD22 1 
ATOM   161  H HD23 . LEU A 1 12 ? -8.145  4.335   0.942   1.00 1.55 ? 13 LEU A HD23 1 
ATOM   162  N N    . ILE A 1 13 ? -6.447  3.020   -4.951  1.00 1.51 ? 14 ILE A N    1 
ATOM   163  C CA   . ILE A 1 13 ? -5.764  2.016   -5.764  1.00 1.57 ? 14 ILE A CA   1 
ATOM   164  C C    . ILE A 1 13 ? -4.366  2.501   -6.137  1.00 1.77 ? 14 ILE A C    1 
ATOM   165  O O    . ILE A 1 13 ? -3.370  1.821   -5.890  1.00 1.79 ? 14 ILE A O    1 
ATOM   166  C CB   . ILE A 1 13 ? -6.558  1.732   -7.044  1.00 1.64 ? 14 ILE A CB   1 
ATOM   167  C CG1  . ILE A 1 13 ? -7.987  1.321   -6.677  1.00 1.45 ? 14 ILE A CG1  1 
ATOM   168  C CG2  . ILE A 1 13 ? -5.890  0.600   -7.836  1.00 1.75 ? 14 ILE A CG2  1 
ATOM   169  C CD1  . ILE A 1 13 ? -8.951  1.792   -7.767  1.00 1.51 ? 14 ILE A CD1  1 
ATOM   170  H H    . ILE A 1 13 ? -7.240  3.472   -5.309  1.00 1.54 ? 14 ILE A H    1 
ATOM   171  H HA   . ILE A 1 13 ? -5.678  1.102   -5.194  1.00 1.46 ? 14 ILE A HA   1 
ATOM   172  H HB   . ILE A 1 13 ? -6.586  2.625   -7.652  1.00 1.77 ? 14 ILE A HB   1 
ATOM   173  H HG12 . ILE A 1 13 ? -8.039  0.245   -6.590  1.00 1.39 ? 14 ILE A HG12 1 
ATOM   174  H HG13 . ILE A 1 13 ? -8.263  1.771   -5.736  1.00 1.37 ? 14 ILE A HG13 1 
ATOM   175  H HG21 . ILE A 1 13 ? -4.853  0.518   -7.545  1.00 2.11 ? 14 ILE A HG21 1 
ATOM   176  H HG22 . ILE A 1 13 ? -6.395  -0.333  -7.632  1.00 1.93 ? 14 ILE A HG22 1 
ATOM   177  H HG23 . ILE A 1 13 ? -5.950  0.817   -8.893  1.00 2.09 ? 14 ILE A HG23 1 
ATOM   178  H HD11 . ILE A 1 13 ? -8.533  2.649   -8.272  1.00 1.90 ? 14 ILE A HD11 1 
ATOM   179  H HD12 . ILE A 1 13 ? -9.106  0.995   -8.480  1.00 1.74 ? 14 ILE A HD12 1 
ATOM   180  H HD13 . ILE A 1 13 ? -9.896  2.063   -7.320  1.00 1.85 ? 14 ILE A HD13 1 
ATOM   181  N N    . SER A 1 14 ? -4.305  3.684   -6.742  1.00 1.95 ? 15 SER A N    1 
ATOM   182  C CA   . SER A 1 14 ? -3.025  4.253   -7.159  1.00 2.16 ? 15 SER A CA   1 
ATOM   183  C C    . SER A 1 14 ? -2.095  4.424   -5.959  1.00 2.08 ? 15 SER A C    1 
ATOM   184  O O    . SER A 1 14 ? -0.887  4.209   -6.058  1.00 2.14 ? 15 SER A O    1 
ATOM   185  C CB   . SER A 1 14 ? -3.235  5.613   -7.822  1.00 2.37 ? 15 SER A CB   1 
ATOM   186  O OG   . SER A 1 14 ? -4.413  5.572   -8.616  1.00 2.67 ? 15 SER A OG   1 
ATOM   187  H H    . SER A 1 14 ? -5.132  4.178   -6.919  1.00 1.96 ? 15 SER A H    1 
ATOM   188  H HA   . SER A 1 14 ? -2.562  3.584   -7.869  1.00 2.25 ? 15 SER A HA   1 
ATOM   189  H HB2  . SER A 1 14 ? -3.343  6.373   -7.067  1.00 2.58 ? 15 SER A HB2  1 
ATOM   190  H HB3  . SER A 1 14 ? -2.379  5.845   -8.444  1.00 2.76 ? 15 SER A HB3  1 
ATOM   191  H HG   . SER A 1 14 ? -4.921  6.367   -8.436  1.00 3.06 ? 15 SER A HG   1 
ATOM   192  N N    . GLU A 1 15 ? -2.673  4.811   -4.826  1.00 1.97 ? 16 GLU A N    1 
ATOM   193  C CA   . GLU A 1 15 ? -1.887  5.006   -3.611  1.00 1.90 ? 16 GLU A CA   1 
ATOM   194  C C    . GLU A 1 15 ? -1.391  3.666   -3.081  1.00 1.78 ? 16 GLU A C    1 
ATOM   195  O O    . GLU A 1 15 ? -0.252  3.541   -2.630  1.00 1.78 ? 16 GLU A O    1 
ATOM   196  C CB   . GLU A 1 15 ? -2.729  5.689   -2.531  1.00 1.84 ? 16 GLU A CB   1 
ATOM   197  C CG   . GLU A 1 15 ? -1.805  6.353   -1.508  1.00 2.14 ? 16 GLU A CG   1 
ATOM   198  C CD   . GLU A 1 15 ? -2.621  7.272   -0.606  1.00 2.42 ? 16 GLU A CD   1 
ATOM   199  O OE1  . GLU A 1 15 ? -3.355  8.091   -1.135  1.00 2.97 ? 16 GLU A OE1  1 
ATOM   200  O OE2  . GLU A 1 15 ? -2.502  7.143   0.601   1.00 2.78 ? 16 GLU A OE2  1 
ATOM   201  H H    . GLU A 1 15 ? -3.641  4.966   -4.806  1.00 1.94 ? 16 GLU A H    1 
ATOM   202  H HA   . GLU A 1 15 ? -1.037  5.631   -3.839  1.00 2.01 ? 16 GLU A HA   1 
ATOM   203  H HB2  . GLU A 1 15 ? -3.359  6.438   -2.987  1.00 1.99 ? 16 GLU A HB2  1 
ATOM   204  H HB3  . GLU A 1 15 ? -3.343  4.954   -2.035  1.00 1.94 ? 16 GLU A HB3  1 
ATOM   205  H HG2  . GLU A 1 15 ? -1.325  5.592   -0.909  1.00 2.55 ? 16 GLU A HG2  1 
ATOM   206  H HG3  . GLU A 1 15 ? -1.054  6.933   -2.023  1.00 2.58 ? 16 GLU A HG3  1 
ATOM   207  N N    . GLU A 1 16 ? -2.261  2.661   -3.143  1.00 1.69 ? 17 GLU A N    1 
ATOM   208  C CA   . GLU A 1 16 ? -1.904  1.327   -2.669  1.00 1.60 ? 17 GLU A CA   1 
ATOM   209  C C    . GLU A 1 16 ? -0.842  0.711   -3.573  1.00 1.71 ? 17 GLU A C    1 
ATOM   210  O O    . GLU A 1 16 ? 0.128   0.116   -3.102  1.00 1.68 ? 17 GLU A O    1 
ATOM   211  C CB   . GLU A 1 16 ? -3.134  0.416   -2.651  1.00 1.54 ? 17 GLU A CB   1 
ATOM   212  C CG   . GLU A 1 16 ? -2.787  -0.896  -1.946  1.00 1.68 ? 17 GLU A CG   1 
ATOM   213  C CD   . GLU A 1 16 ? -3.643  -2.022  -2.520  1.00 1.83 ? 17 GLU A CD   1 
ATOM   214  O OE1  . GLU A 1 16 ? -3.277  -2.547  -3.558  1.00 2.31 ? 17 GLU A OE1  1 
ATOM   215  O OE2  . GLU A 1 16 ? -4.650  -2.341  -1.911  1.00 2.13 ? 17 GLU A OE2  1 
ATOM   216  H H    . GLU A 1 16 ? -3.153  2.818   -3.514  1.00 1.72 ? 17 GLU A H    1 
ATOM   217  H HA   . GLU A 1 16 ? -1.511  1.403   -1.667  1.00 1.53 ? 17 GLU A HA   1 
ATOM   218  H HB2  . GLU A 1 16 ? -3.937  0.909   -2.122  1.00 1.83 ? 17 GLU A HB2  1 
ATOM   219  H HB3  . GLU A 1 16 ? -3.442  0.209   -3.664  1.00 1.84 ? 17 GLU A HB3  1 
ATOM   220  H HG2  . GLU A 1 16 ? -1.742  -1.123  -2.101  1.00 2.03 ? 17 GLU A HG2  1 
ATOM   221  H HG3  . GLU A 1 16 ? -2.982  -0.802  -0.889  1.00 2.12 ? 17 GLU A HG3  1 
ATOM   222  N N    . ASP A 1 17 ? -1.037  0.863   -4.881  1.00 1.86 ? 18 ASP A N    1 
ATOM   223  C CA   . ASP A 1 17 ? -0.088  0.321   -5.850  1.00 1.99 ? 18 ASP A CA   1 
ATOM   224  C C    . ASP A 1 17 ? 1.281   0.969   -5.671  1.00 2.00 ? 18 ASP A C    1 
ATOM   225  O O    . ASP A 1 17 ? 2.316   0.337   -5.882  1.00 2.03 ? 18 ASP A O    1 
ATOM   226  C CB   . ASP A 1 17 ? -0.577  0.574   -7.279  1.00 2.17 ? 18 ASP A CB   1 
ATOM   227  C CG   . ASP A 1 17 ? 0.050   -0.447  -8.221  1.00 2.32 ? 18 ASP A CG   1 
ATOM   228  O OD1  . ASP A 1 17 ? 1.242   -0.343  -8.467  1.00 2.56 ? 18 ASP A OD1  1 
ATOM   229  O OD2  . ASP A 1 17 ? -0.668  -1.317  -8.683  1.00 2.66 ? 18 ASP A OD2  1 
ATOM   230  H H    . ASP A 1 17 ? -1.827  1.348   -5.198  1.00 1.89 ? 18 ASP A H    1 
ATOM   231  H HA   . ASP A 1 17 ? 0.004   -0.744  -5.696  1.00 1.96 ? 18 ASP A HA   1 
ATOM   232  H HB2  . ASP A 1 17 ? -1.652  0.483   -7.312  1.00 2.14 ? 18 ASP A HB2  1 
ATOM   233  H HB3  . ASP A 1 17 ? -0.291  1.569   -7.586  1.00 2.24 ? 18 ASP A HB3  1 
ATOM   234  N N    . LEU A 1 18 ? 1.273   2.239   -5.274  1.00 2.00 ? 19 LEU A N    1 
ATOM   235  C CA   . LEU A 1 18 ? 2.520   2.969   -5.062  1.00 2.04 ? 19 LEU A CA   1 
ATOM   236  C C    . LEU A 1 18 ? 3.331   2.315   -3.948  1.00 1.90 ? 19 LEU A C    1 
ATOM   237  O O    . LEU A 1 18 ? 4.540   2.123   -4.071  1.00 1.87 ? 19 LEU A O    1 
ATOM   238  C CB   . LEU A 1 18 ? 2.234   4.423   -4.685  1.00 2.08 ? 19 LEU A CB   1 
ATOM   239  C CG   . LEU A 1 18 ? 3.347   5.321   -5.229  1.00 2.38 ? 19 LEU A CG   1 
ATOM   240  C CD1  . LEU A 1 18 ? 2.876   6.776   -5.233  1.00 2.90 ? 19 LEU A CD1  1 
ATOM   241  C CD2  . LEU A 1 18 ? 4.587   5.188   -4.341  1.00 2.45 ? 19 LEU A CD2  1 
ATOM   242  H H    . LEU A 1 18 ? 0.418   2.691   -5.118  1.00 2.00 ? 19 LEU A H    1 
ATOM   243  H HA   . LEU A 1 18 ? 3.097   2.950   -5.975  1.00 2.16 ? 19 LEU A HA   1 
ATOM   244  H HB2  . LEU A 1 18 ? 1.288   4.726   -5.110  1.00 2.19 ? 19 LEU A HB2  1 
ATOM   245  H HB3  . LEU A 1 18 ? 2.193   4.516   -3.610  1.00 2.03 ? 19 LEU A HB3  1 
ATOM   246  H HG   . LEU A 1 18 ? 3.591   5.019   -6.237  1.00 2.70 ? 19 LEU A HG   1 
ATOM   247  H HD11 . LEU A 1 18 ? 1.977   6.861   -5.825  1.00 3.22 ? 19 LEU A HD11 1 
ATOM   248  H HD12 . LEU A 1 18 ? 2.673   7.090   -4.220  1.00 3.16 ? 19 LEU A HD12 1 
ATOM   249  H HD13 . LEU A 1 18 ? 3.647   7.402   -5.656  1.00 3.28 ? 19 LEU A HD13 1 
ATOM   250  H HD21 . LEU A 1 18 ? 4.291   5.217   -3.303  1.00 2.63 ? 19 LEU A HD21 1 
ATOM   251  H HD22 . LEU A 1 18 ? 5.081   4.250   -4.548  1.00 2.73 ? 19 LEU A HD22 1 
ATOM   252  H HD23 . LEU A 1 18 ? 5.264   6.005   -4.544  1.00 2.84 ? 19 LEU A HD23 1 
ATOM   253  N N    . LEU A 1 19 ? 2.647   1.973   -2.860  1.00 1.82 ? 20 LEU A N    1 
ATOM   254  C CA   . LEU A 1 19 ? 3.309   1.335   -1.726  1.00 1.69 ? 20 LEU A CA   1 
ATOM   255  C C    . LEU A 1 19 ? 3.789   -0.060  -2.112  1.00 1.70 ? 20 LEU A C    1 
ATOM   256  O O    . LEU A 1 19 ? 4.816   -0.536  -1.631  1.00 1.64 ? 20 LEU A O    1 
ATOM   257  C CB   . LEU A 1 19 ? 2.351   1.225   -0.539  1.00 1.61 ? 20 LEU A CB   1 
ATOM   258  C CG   . LEU A 1 19 ? 2.463   2.479   0.328   1.00 1.58 ? 20 LEU A CG   1 
ATOM   259  C CD1  . LEU A 1 19 ? 1.149   2.699   1.080   1.00 1.53 ? 20 LEU A CD1  1 
ATOM   260  C CD2  . LEU A 1 19 ? 3.602   2.304   1.335   1.00 1.50 ? 20 LEU A CD2  1 
ATOM   261  H H    . LEU A 1 19 ? 1.684   2.148   -2.820  1.00 1.86 ? 20 LEU A H    1 
ATOM   262  H HA   . LEU A 1 19 ? 4.160   1.932   -1.435  1.00 1.68 ? 20 LEU A HA   1 
ATOM   263  H HB2  . LEU A 1 19 ? 1.338   1.126   -0.902  1.00 1.65 ? 20 LEU A HB2  1 
ATOM   264  H HB3  . LEU A 1 19 ? 2.608   0.358   0.052   1.00 1.55 ? 20 LEU A HB3  1 
ATOM   265  H HG   . LEU A 1 19 ? 2.663   3.335   -0.301  1.00 1.68 ? 20 LEU A HG   1 
ATOM   266  H HD11 . LEU A 1 19 ? 0.322   2.636   0.388   1.00 1.81 ? 20 LEU A HD11 1 
ATOM   267  H HD12 . LEU A 1 19 ? 1.039   1.940   1.842   1.00 1.69 ? 20 LEU A HD12 1 
ATOM   268  H HD13 . LEU A 1 19 ? 1.157   3.674   1.545   1.00 1.96 ? 20 LEU A HD13 1 
ATOM   269  H HD21 . LEU A 1 19 ? 4.384   1.703   0.892   1.00 1.83 ? 20 LEU A HD21 1 
ATOM   270  H HD22 . LEU A 1 19 ? 4.000   3.271   1.602   1.00 1.66 ? 20 LEU A HD22 1 
ATOM   271  H HD23 . LEU A 1 19 ? 3.227   1.812   2.220   1.00 1.88 ? 20 LEU A HD23 1 
ATOM   272  N N    . ARG A 1 20 ? 3.030   -0.710  -2.993  1.00 1.79 ? 21 ARG A N    1 
ATOM   273  C CA   . ARG A 1 20 ? 3.382   -2.052  -3.444  1.00 1.84 ? 21 ARG A CA   1 
ATOM   274  C C    . ARG A 1 20 ? 4.705   -2.026  -4.202  1.00 1.90 ? 21 ARG A C    1 
ATOM   275  O O    . ARG A 1 20 ? 5.539   -2.921  -4.059  1.00 1.88 ? 21 ARG A O    1 
ATOM   276  C CB   . ARG A 1 20 ? 2.293   -2.613  -4.361  1.00 1.98 ? 21 ARG A CB   1 
ATOM   277  C CG   . ARG A 1 20 ? 1.159   -3.191  -3.513  1.00 1.87 ? 21 ARG A CG   1 
ATOM   278  C CD   . ARG A 1 20 ? -0.091  -3.368  -4.379  1.00 2.15 ? 21 ARG A CD   1 
ATOM   279  N NE   . ARG A 1 20 ? 0.216   -4.159  -5.574  1.00 2.34 ? 21 ARG A NE   1 
ATOM   280  C CZ   . ARG A 1 20 ? -0.747  -4.667  -6.357  1.00 2.72 ? 21 ARG A CZ   1 
ATOM   281  N NH1  . ARG A 1 20 ? -2.016  -4.481  -6.084  1.00 3.07 ? 21 ARG A NH1  1 
ATOM   282  N NH2  . ARG A 1 20 ? -0.414  -5.363  -7.410  1.00 3.25 ? 21 ARG A NH2  1 
ATOM   283  H H    . ARG A 1 20 ? 2.223   -0.280  -3.344  1.00 1.85 ? 21 ARG A H    1 
ATOM   284  H HA   . ARG A 1 20 ? 3.482   -2.698  -2.584  1.00 1.78 ? 21 ARG A HA   1 
ATOM   285  H HB2  . ARG A 1 20 ? 1.909   -1.822  -4.988  1.00 2.20 ? 21 ARG A HB2  1 
ATOM   286  H HB3  . ARG A 1 20 ? 2.711   -3.393  -4.980  1.00 2.29 ? 21 ARG A HB3  1 
ATOM   287  H HG2  . ARG A 1 20 ? 1.460   -4.149  -3.116  1.00 2.06 ? 21 ARG A HG2  1 
ATOM   288  H HG3  . ARG A 1 20 ? 0.938   -2.517  -2.699  1.00 2.04 ? 21 ARG A HG3  1 
ATOM   289  H HD2  . ARG A 1 20 ? -0.852  -3.873  -3.806  1.00 2.43 ? 21 ARG A HD2  1 
ATOM   290  H HD3  . ARG A 1 20 ? -0.456  -2.396  -4.675  1.00 2.63 ? 21 ARG A HD3  1 
ATOM   291  H HE   . ARG A 1 20 ? 1.153   -4.320  -5.809  1.00 2.62 ? 21 ARG A HE   1 
ATOM   292  H HH11 . ARG A 1 20 ? -2.288  -3.951  -5.281  1.00 3.12 ? 21 ARG A HH11 1 
ATOM   293  H HH12 . ARG A 1 20 ? -2.716  -4.871  -6.683  1.00 3.58 ? 21 ARG A HH12 1 
ATOM   294  H HH21 . ARG A 1 20 ? 0.552   -5.512  -7.626  1.00 3.52 ? 21 ARG A HH21 1 
ATOM   295  H HH22 . ARG A 1 20 ? -1.123  -5.748  -8.001  1.00 3.65 ? 21 ARG A HH22 1 
ATOM   296  N N    . LYS A 1 21 ? 4.889   -0.986  -5.011  1.00 1.98 ? 22 LYS A N    1 
ATOM   297  C CA   . LYS A 1 21 ? 6.116   -0.846  -5.790  1.00 2.06 ? 22 LYS A CA   1 
ATOM   298  C C    . LYS A 1 21 ? 7.313   -0.664  -4.864  1.00 1.91 ? 22 LYS A C    1 
ATOM   299  O O    . LYS A 1 21 ? 8.409   -1.158  -5.135  1.00 1.92 ? 22 LYS A O    1 
ATOM   300  C CB   . LYS A 1 21 ? 6.022   0.360   -6.727  1.00 2.21 ? 22 LYS A CB   1 
ATOM   301  C CG   . LYS A 1 21 ? 6.831   0.088   -7.997  1.00 2.59 ? 22 LYS A CG   1 
ATOM   302  C CD   . LYS A 1 21 ? 6.379   1.040   -9.106  1.00 2.97 ? 22 LYS A CD   1 
ATOM   303  C CE   . LYS A 1 21 ? 6.501   0.340   -10.461 1.00 3.40 ? 22 LYS A CE   1 
ATOM   304  N NZ   . LYS A 1 21 ? 7.901   0.461   -10.958 1.00 4.01 ? 22 LYS A NZ   1 
ATOM   305  H H    . LYS A 1 21 ? 4.190   -0.303  -5.084  1.00 2.02 ? 22 LYS A H    1 
ATOM   306  H HA   . LYS A 1 21 ? 6.260   -1.738  -6.382  1.00 2.14 ? 22 LYS A HA   1 
ATOM   307  H HB2  . LYS A 1 21 ? 4.987   0.532   -6.988  1.00 2.37 ? 22 LYS A HB2  1 
ATOM   308  H HB3  . LYS A 1 21 ? 6.418   1.234   -6.231  1.00 2.43 ? 22 LYS A HB3  1 
ATOM   309  H HG2  . LYS A 1 21 ? 7.881   0.242   -7.794  1.00 2.89 ? 22 LYS A HG2  1 
ATOM   310  H HG3  . LYS A 1 21 ? 6.672   -0.933  -8.314  1.00 2.97 ? 22 LYS A HG3  1 
ATOM   311  H HD2  . LYS A 1 21 ? 5.350   1.325   -8.938  1.00 3.32 ? 22 LYS A HD2  1 
ATOM   312  H HD3  . LYS A 1 21 ? 7.003   1.921   -9.101  1.00 3.23 ? 22 LYS A HD3  1 
ATOM   313  H HE2  . LYS A 1 21 ? 6.246   -0.703  -10.352 1.00 3.70 ? 22 LYS A HE2  1 
ATOM   314  H HE3  . LYS A 1 21 ? 5.827   0.803   -11.167 1.00 3.59 ? 22 LYS A HE3  1 
ATOM   315  H HZ1  . LYS A 1 21 ? 8.167   1.464   -11.006 1.00 4.43 ? 22 LYS A HZ1  1 
ATOM   316  H HZ2  . LYS A 1 21 ? 8.542   -0.039  -10.310 1.00 4.09 ? 22 LYS A HZ2  1 
ATOM   317  H HZ3  . LYS A 1 21 ? 7.970   0.041   -11.907 1.00 4.39 ? 22 LYS A HZ3  1 
ATOM   318  N N    . ARG A 1 22 ? 7.091   0.050   -3.765  1.00 1.79 ? 23 ARG A N    1 
ATOM   319  C CA   . ARG A 1 22 ? 8.156   0.293   -2.797  1.00 1.66 ? 23 ARG A CA   1 
ATOM   320  C C    . ARG A 1 22 ? 8.457   -0.976  -2.006  1.00 1.56 ? 23 ARG A C    1 
ATOM   321  O O    . ARG A 1 22 ? 9.602   -1.241  -1.639  1.00 1.53 ? 23 ARG A O    1 
ATOM   322  C CB   . ARG A 1 22 ? 7.754   1.403   -1.823  1.00 1.60 ? 23 ARG A CB   1 
ATOM   323  C CG   . ARG A 1 22 ? 9.009   2.010   -1.194  1.00 1.63 ? 23 ARG A CG   1 
ATOM   324  C CD   . ARG A 1 22 ? 8.617   2.832   0.035   1.00 1.65 ? 23 ARG A CD   1 
ATOM   325  N NE   . ARG A 1 22 ? 9.795   3.474   0.623   1.00 1.60 ? 23 ARG A NE   1 
ATOM   326  C CZ   . ARG A 1 22 ? 10.406  4.515   0.038   1.00 2.07 ? 23 ARG A CZ   1 
ATOM   327  N NH1  . ARG A 1 22 ? 9.975   5.006   -1.099  1.00 2.73 ? 23 ARG A NH1  1 
ATOM   328  N NH2  . ARG A 1 22 ? 11.449  5.050   0.612   1.00 2.25 ? 23 ARG A NH2  1 
ATOM   329  H H    . ARG A 1 22 ? 6.197   0.416   -3.600  1.00 1.81 ? 23 ARG A H    1 
ATOM   330  H HA   . ARG A 1 22 ? 9.047   0.599   -3.324  1.00 1.72 ? 23 ARG A HA   1 
ATOM   331  H HB2  . ARG A 1 22 ? 7.210   2.169   -2.356  1.00 1.75 ? 23 ARG A HB2  1 
ATOM   332  H HB3  . ARG A 1 22 ? 7.127   0.991   -1.047  1.00 1.53 ? 23 ARG A HB3  1 
ATOM   333  H HG2  . ARG A 1 22 ? 9.683   1.219   -0.900  1.00 2.06 ? 23 ARG A HG2  1 
ATOM   334  H HG3  . ARG A 1 22 ? 9.497   2.652   -1.912  1.00 2.14 ? 23 ARG A HG3  1 
ATOM   335  H HD2  . ARG A 1 22 ? 7.908   3.591   -0.255  1.00 2.21 ? 23 ARG A HD2  1 
ATOM   336  H HD3  . ARG A 1 22 ? 8.161   2.180   0.767   1.00 2.13 ? 23 ARG A HD3  1 
ATOM   337  H HE   . ARG A 1 22 ? 10.147  3.134   1.472   1.00 1.64 ? 23 ARG A HE   1 
ATOM   338  H HH11 . ARG A 1 22 ? 9.178   4.608   -1.552  1.00 2.80 ? 23 ARG A HH11 1 
ATOM   339  H HH12 . ARG A 1 22 ? 10.447  5.782   -1.515  1.00 3.31 ? 23 ARG A HH12 1 
ATOM   340  H HH21 . ARG A 1 22 ? 11.787  4.683   1.479   1.00 2.12 ? 23 ARG A HH21 1 
ATOM   341  H HH22 . ARG A 1 22 ? 11.912  5.826   0.185   1.00 2.76 ? 23 ARG A HH22 1 
ATOM   342  N N    . ARG A 1 23 ? 7.413   -1.759  -1.748  1.00 1.55 ? 24 ARG A N    1 
ATOM   343  C CA   . ARG A 1 23 ? 7.571   -3.002  -0.999  1.00 1.51 ? 24 ARG A CA   1 
ATOM   344  C C    . ARG A 1 23 ? 8.488   -3.963  -1.751  1.00 1.65 ? 24 ARG A C    1 
ATOM   345  O O    . ARG A 1 23 ? 9.246   -4.721  -1.147  1.00 1.64 ? 24 ARG A O    1 
ATOM   346  C CB   . ARG A 1 23 ? 6.214   -3.675  -0.784  1.00 1.56 ? 24 ARG A CB   1 
ATOM   347  C CG   . ARG A 1 23 ? 6.322   -4.691  0.354   1.00 1.66 ? 24 ARG A CG   1 
ATOM   348  C CD   . ARG A 1 23 ? 4.999   -4.744  1.119   1.00 1.50 ? 24 ARG A CD   1 
ATOM   349  N NE   . ARG A 1 23 ? 4.766   -6.088  1.658   1.00 1.97 ? 24 ARG A NE   1 
ATOM   350  C CZ   . ARG A 1 23 ? 4.446   -7.125  0.871   1.00 2.30 ? 24 ARG A CZ   1 
ATOM   351  N NH1  . ARG A 1 23 ? 4.329   -6.984  -0.428  1.00 2.50 ? 24 ARG A NH1  1 
ATOM   352  N NH2  . ARG A 1 23 ? 4.249   -8.298  1.408   1.00 3.04 ? 24 ARG A NH2  1 
ATOM   353  H H    . ARG A 1 23 ? 6.523   -1.496  -2.065  1.00 1.60 ? 24 ARG A H    1 
ATOM   354  H HA   . ARG A 1 23 ? 8.008   -2.781  -0.038  1.00 1.40 ? 24 ARG A HA   1 
ATOM   355  H HB2  . ARG A 1 23 ? 5.478   -2.925  -0.530  1.00 1.82 ? 24 ARG A HB2  1 
ATOM   356  H HB3  . ARG A 1 23 ? 5.914   -4.181  -1.690  1.00 1.80 ? 24 ARG A HB3  1 
ATOM   357  H HG2  . ARG A 1 23 ? 6.542   -5.667  -0.055  1.00 2.04 ? 24 ARG A HG2  1 
ATOM   358  H HG3  . ARG A 1 23 ? 7.112   -4.396  1.027   1.00 2.03 ? 24 ARG A HG3  1 
ATOM   359  H HD2  . ARG A 1 23 ? 5.028   -4.037  1.932   1.00 1.66 ? 24 ARG A HD2  1 
ATOM   360  H HD3  . ARG A 1 23 ? 4.191   -4.483  0.450   1.00 1.79 ? 24 ARG A HD3  1 
ATOM   361  H HE   . ARG A 1 23 ? 4.847   -6.231  2.623   1.00 2.50 ? 24 ARG A HE   1 
ATOM   362  H HH11 . ARG A 1 23 ? 4.478   -6.093  -0.856  1.00 2.48 ? 24 ARG A HH11 1 
ATOM   363  H HH12 . ARG A 1 23 ? 4.089   -7.773  -0.994  1.00 3.06 ? 24 ARG A HH12 1 
ATOM   364  H HH21 . ARG A 1 23 ? 4.336   -8.416  2.397   1.00 3.47 ? 24 ARG A HH21 1 
ATOM   365  H HH22 . ARG A 1 23 ? 4.008   -9.078  0.830   1.00 3.40 ? 24 ARG A HH22 1 
ATOM   366  N N    . GLU A 1 24 ? 8.406   -3.922  -3.078  1.00 1.82 ? 25 GLU A N    1 
ATOM   367  C CA   . GLU A 1 24 ? 9.233   -4.792  -3.909  1.00 1.99 ? 25 GLU A CA   1 
ATOM   368  C C    . GLU A 1 24 ? 10.687  -4.335  -3.877  1.00 1.90 ? 25 GLU A C    1 
ATOM   369  O O    . GLU A 1 24 ? 11.605  -5.147  -3.757  1.00 1.97 ? 25 GLU A O    1 
ATOM   370  C CB   . GLU A 1 24 ? 8.738   -4.779  -5.357  1.00 2.22 ? 25 GLU A CB   1 
ATOM   371  C CG   . GLU A 1 24 ? 7.634   -5.825  -5.529  1.00 2.45 ? 25 GLU A CG   1 
ATOM   372  C CD   . GLU A 1 24 ? 7.376   -6.052  -7.014  1.00 2.70 ? 25 GLU A CD   1 
ATOM   373  O OE1  . GLU A 1 24 ? 6.962   -5.113  -7.674  1.00 3.08 ? 25 GLU A OE1  1 
ATOM   374  O OE2  . GLU A 1 24 ? 7.597   -7.162  -7.471  1.00 3.07 ? 25 GLU A OE2  1 
ATOM   375  H H    . GLU A 1 24 ? 7.783   -3.296  -3.504  1.00 1.86 ? 25 GLU A H    1 
ATOM   376  H HA   . GLU A 1 24 ? 9.173   -5.801  -3.529  1.00 2.06 ? 25 GLU A HA   1 
ATOM   377  H HB2  . GLU A 1 24 ? 8.348   -3.801  -5.595  1.00 2.34 ? 25 GLU A HB2  1 
ATOM   378  H HB3  . GLU A 1 24 ? 9.557   -5.012  -6.020  1.00 2.57 ? 25 GLU A HB3  1 
ATOM   379  H HG2  . GLU A 1 24 ? 7.943   -6.753  -5.071  1.00 2.77 ? 25 GLU A HG2  1 
ATOM   380  H HG3  . GLU A 1 24 ? 6.728   -5.474  -5.058  1.00 2.82 ? 25 GLU A HG3  1 
ATOM   381  N N    . GLN A 1 25 ? 10.886  -3.025  -3.988  1.00 1.79 ? 26 GLN A N    1 
ATOM   382  C CA   . GLN A 1 25 ? 12.235  -2.466  -3.971  1.00 1.74 ? 26 GLN A CA   1 
ATOM   383  C C    . GLN A 1 25 ? 12.896  -2.714  -2.619  1.00 1.58 ? 26 GLN A C    1 
ATOM   384  O O    . GLN A 1 25 ? 14.066  -3.089  -2.543  1.00 1.61 ? 26 GLN A O    1 
ATOM   385  C CB   . GLN A 1 25 ? 12.196  -0.961  -4.239  1.00 1.74 ? 26 GLN A CB   1 
ATOM   386  C CG   . GLN A 1 25 ? 12.134  -0.710  -5.746  1.00 2.10 ? 26 GLN A CG   1 
ATOM   387  C CD   . GLN A 1 25 ? 12.482  0.746   -6.036  1.00 2.22 ? 26 GLN A CD   1 
ATOM   388  O OE1  . GLN A 1 25 ? 11.861  1.659   -5.491  1.00 2.84 ? 26 GLN A OE1  1 
ATOM   389  N NE2  . GLN A 1 25 ? 13.448  1.020   -6.868  1.00 2.41 ? 26 GLN A NE2  1 
ATOM   390  H H    . GLN A 1 25 ? 10.117  -2.425  -4.081  1.00 1.79 ? 26 GLN A H    1 
ATOM   391  H HA   . GLN A 1 25 ? 12.823  -2.942  -4.742  1.00 1.88 ? 26 GLN A HA   1 
ATOM   392  H HB2  . GLN A 1 25 ? 11.323  -0.533  -3.765  1.00 1.89 ? 26 GLN A HB2  1 
ATOM   393  H HB3  . GLN A 1 25 ? 13.086  -0.500  -3.836  1.00 1.77 ? 26 GLN A HB3  1 
ATOM   394  H HG2  . GLN A 1 25 ? 12.839  -1.356  -6.248  1.00 2.53 ? 26 GLN A HG2  1 
ATOM   395  H HG3  . GLN A 1 25 ? 11.136  -0.918  -6.105  1.00 2.58 ? 26 GLN A HG3  1 
ATOM   396  H HE21 . GLN A 1 25 ? 13.942  0.293   -7.302  1.00 2.57 ? 26 GLN A HE21 1 
ATOM   397  H HE22 . GLN A 1 25 ? 13.679  1.953   -7.061  1.00 2.81 ? 26 GLN A HE22 1 
ATOM   398  N N    . LEU A 1 26 ? 12.132  -2.499  -1.552  1.00 1.45 ? 27 LEU A N    1 
ATOM   399  C CA   . LEU A 1 26 ? 12.650  -2.701  -0.201  1.00 1.32 ? 27 LEU A CA   1 
ATOM   400  C C    . LEU A 1 26 ? 12.992  -4.171  0.022   1.00 1.52 ? 27 LEU A C    1 
ATOM   401  O O    . LEU A 1 26 ? 14.010  -4.502  0.630   1.00 1.59 ? 27 LEU A O    1 
ATOM   402  C CB   . LEU A 1 26 ? 11.618  -2.266  0.839   1.00 1.18 ? 27 LEU A CB   1 
ATOM   403  C CG   . LEU A 1 26 ? 11.477  -0.743  0.816   1.00 1.06 ? 27 LEU A CG   1 
ATOM   404  C CD1  . LEU A 1 26 ? 10.182  -0.339  1.523   1.00 1.01 ? 27 LEU A CD1  1 
ATOM   405  C CD2  . LEU A 1 26 ? 12.669  -0.111  1.536   1.00 1.06 ? 27 LEU A CD2  1 
ATOM   406  H H    . LEU A 1 26 ? 11.206  -2.200  -1.673  1.00 1.47 ? 27 LEU A H    1 
ATOM   407  H HA   . LEU A 1 26 ? 13.544  -2.109  -0.076  1.00 1.26 ? 27 LEU A HA   1 
ATOM   408  H HB2  . LEU A 1 26 ? 10.664  -2.721  0.612   1.00 1.27 ? 27 LEU A HB2  1 
ATOM   409  H HB3  . LEU A 1 26 ? 11.941  -2.581  1.821   1.00 1.18 ? 27 LEU A HB3  1 
ATOM   410  H HG   . LEU A 1 26 ? 11.448  -0.402  -0.209  1.00 1.15 ? 27 LEU A HG   1 
ATOM   411  H HD11 . LEU A 1 26 ? 9.366   -0.946  1.155   1.00 1.43 ? 27 LEU A HD11 1 
ATOM   412  H HD12 . LEU A 1 26 ? 10.290  -0.490  2.587   1.00 1.39 ? 27 LEU A HD12 1 
ATOM   413  H HD13 . LEU A 1 26 ? 9.973   0.701   1.325   1.00 1.46 ? 27 LEU A HD13 1 
ATOM   414  H HD21 . LEU A 1 26 ? 12.853  -0.639  2.460   1.00 1.44 ? 27 LEU A HD21 1 
ATOM   415  H HD22 . LEU A 1 26 ? 13.544  -0.173  0.906   1.00 1.43 ? 27 LEU A HD22 1 
ATOM   416  H HD23 . LEU A 1 26 ? 12.451  0.926   1.750   1.00 1.51 ? 27 LEU A HD23 1 
ATOM   417  N N    . LYS A 1 27 ? 12.126  -5.049  -0.476  1.00 1.69 ? 28 LYS A N    1 
ATOM   418  C CA   . LYS A 1 27 ? 12.341  -6.486  -0.327  1.00 1.95 ? 28 LYS A CA   1 
ATOM   419  C C    . LYS A 1 27 ? 13.466  -6.953  -1.246  1.00 2.11 ? 28 LYS A C    1 
ATOM   420  O O    . LYS A 1 27 ? 14.209  -7.880  -0.919  1.00 2.29 ? 28 LYS A O    1 
ATOM   421  C CB   . LYS A 1 27 ? 11.064  -7.257  -0.670  1.00 2.18 ? 28 LYS A CB   1 
ATOM   422  C CG   . LYS A 1 27 ? 11.143  -8.666  -0.081  1.00 2.40 ? 28 LYS A CG   1 
ATOM   423  C CD   . LYS A 1 27 ? 9.924   -9.475  -0.528  1.00 2.75 ? 28 LYS A CD   1 
ATOM   424  C CE   . LYS A 1 27 ? 9.560   -10.492 0.556   1.00 3.37 ? 28 LYS A CE   1 
ATOM   425  N NZ   . LYS A 1 27 ? 8.666   -11.534 -0.022  1.00 4.01 ? 28 LYS A NZ   1 
ATOM   426  H H    . LYS A 1 27 ? 11.332  -4.727  -0.950  1.00 1.69 ? 28 LYS A H    1 
ATOM   427  H HA   . LYS A 1 27 ? 12.612  -6.697  0.696   1.00 1.94 ? 28 LYS A HA   1 
ATOM   428  H HB2  . LYS A 1 27 ? 10.210  -6.739  -0.256  1.00 2.37 ? 28 LYS A HB2  1 
ATOM   429  H HB3  . LYS A 1 27 ? 10.960  -7.322  -1.743  1.00 2.46 ? 28 LYS A HB3  1 
ATOM   430  H HG2  . LYS A 1 27 ? 12.045  -9.150  -0.427  1.00 2.83 ? 28 LYS A HG2  1 
ATOM   431  H HG3  . LYS A 1 27 ? 11.157  -8.605  0.996   1.00 2.57 ? 28 LYS A HG3  1 
ATOM   432  H HD2  . LYS A 1 27 ? 9.091   -8.808  -0.693  1.00 2.87 ? 28 LYS A HD2  1 
ATOM   433  H HD3  . LYS A 1 27 ? 10.155  -9.997  -1.445  1.00 3.13 ? 28 LYS A HD3  1 
ATOM   434  H HE2  . LYS A 1 27 ? 10.460  -10.957 0.931   1.00 3.69 ? 28 LYS A HE2  1 
ATOM   435  H HE3  . LYS A 1 27 ? 9.051   -9.988  1.365   1.00 3.63 ? 28 LYS A HE3  1 
ATOM   436  H HZ1  . LYS A 1 27 ? 7.826   -11.081 -0.435  1.00 4.21 ? 28 LYS A HZ1  1 
ATOM   437  H HZ2  . LYS A 1 27 ? 9.177   -12.059 -0.760  1.00 4.25 ? 28 LYS A HZ2  1 
ATOM   438  H HZ3  . LYS A 1 27 ? 8.368   -12.190 0.728   1.00 4.48 ? 28 LYS A HZ3  1 
ATOM   439  N N    . HIS A 1 28 ? 13.583  -6.301  -2.398  1.00 2.07 ? 29 HIS A N    1 
ATOM   440  C CA   . HIS A 1 28 ? 14.622  -6.656  -3.362  1.00 2.23 ? 29 HIS A CA   1 
ATOM   441  C C    . HIS A 1 28 ? 16.006  -6.443  -2.758  1.00 2.19 ? 29 HIS A C    1 
ATOM   442  O O    . HIS A 1 28 ? 16.858  -7.329  -2.798  1.00 2.44 ? 29 HIS A O    1 
ATOM   443  C CB   . HIS A 1 28 ? 14.492  -5.804  -4.626  1.00 2.21 ? 29 HIS A CB   1 
ATOM   444  C CG   . HIS A 1 28 ? 13.488  -6.431  -5.552  1.00 2.38 ? 29 HIS A CG   1 
ATOM   445  N ND1  . HIS A 1 28 ? 13.484  -7.789  -5.828  1.00 2.62 ? 29 HIS A ND1  1 
ATOM   446  C CD2  . HIS A 1 28 ? 12.449  -5.898  -6.275  1.00 2.43 ? 29 HIS A CD2  1 
ATOM   447  C CE1  . HIS A 1 28 ? 12.472  -8.026  -6.682  1.00 2.78 ? 29 HIS A CE1  1 
ATOM   448  N NE2  . HIS A 1 28 ? 11.809  -6.908  -6.988  1.00 2.67 ? 29 HIS A NE2  1 
ATOM   449  H H    . HIS A 1 28 ? 12.963  -5.571  -2.605  1.00 1.96 ? 29 HIS A H    1 
ATOM   450  H HA   . HIS A 1 28 ? 14.512  -7.696  -3.630  1.00 2.47 ? 29 HIS A HA   1 
ATOM   451  H HB2  . HIS A 1 28 ? 14.164  -4.810  -4.358  1.00 2.07 ? 29 HIS A HB2  1 
ATOM   452  H HB3  . HIS A 1 28 ? 15.451  -5.746  -5.120  1.00 2.27 ? 29 HIS A HB3  1 
ATOM   453  H HD1  . HIS A 1 28 ? 14.104  -8.455  -5.466  1.00 2.69 ? 29 HIS A HD1  1 
ATOM   454  H HD2  . HIS A 1 28 ? 12.171  -4.855  -6.288  1.00 2.34 ? 29 HIS A HD2  1 
ATOM   455  H HE1  . HIS A 1 28 ? 12.226  -9.002  -7.074  1.00 3.00 ? 29 HIS A HE1  1 
ATOM   456  N N    . LYS A 1 29 ? 16.219  -5.255  -2.198  1.00 1.95 ? 30 LYS A N    1 
ATOM   457  C CA   . LYS A 1 29 ? 17.505  -4.932  -1.586  1.00 1.99 ? 30 LYS A CA   1 
ATOM   458  C C    . LYS A 1 29 ? 17.794  -5.876  -0.424  1.00 2.17 ? 30 LYS A C    1 
ATOM   459  O O    . LYS A 1 29 ? 18.942  -6.243  -0.173  1.00 2.46 ? 30 LYS A O    1 
ATOM   460  C CB   . LYS A 1 29 ? 17.507  -3.491  -1.072  1.00 1.73 ? 30 LYS A CB   1 
ATOM   461  C CG   . LYS A 1 29 ? 17.832  -2.538  -2.225  1.00 1.98 ? 30 LYS A CG   1 
ATOM   462  C CD   . LYS A 1 29 ? 17.550  -1.097  -1.793  1.00 2.17 ? 30 LYS A CD   1 
ATOM   463  C CE   . LYS A 1 29 ? 18.560  -0.159  -2.457  1.00 2.46 ? 30 LYS A CE   1 
ATOM   464  N NZ   . LYS A 1 29 ? 18.544  1.160   -1.764  1.00 2.99 ? 30 LYS A NZ   1 
ATOM   465  H H    . LYS A 1 29 ? 15.502  -4.587  -2.196  1.00 1.78 ? 30 LYS A H    1 
ATOM   466  H HA   . LYS A 1 29 ? 18.283  -5.039  -2.327  1.00 2.18 ? 30 LYS A HA   1 
ATOM   467  H HB2  . LYS A 1 29 ? 16.535  -3.251  -0.668  1.00 1.77 ? 30 LYS A HB2  1 
ATOM   468  H HB3  . LYS A 1 29 ? 18.254  -3.385  -0.300  1.00 1.85 ? 30 LYS A HB3  1 
ATOM   469  H HG2  . LYS A 1 29 ? 18.874  -2.638  -2.491  1.00 2.51 ? 30 LYS A HG2  1 
ATOM   470  H HG3  . LYS A 1 29 ? 17.217  -2.782  -3.077  1.00 2.28 ? 30 LYS A HG3  1 
ATOM   471  H HD2  . LYS A 1 29 ? 16.550  -0.821  -2.092  1.00 2.52 ? 30 LYS A HD2  1 
ATOM   472  H HD3  . LYS A 1 29 ? 17.640  -1.018  -0.720  1.00 2.55 ? 30 LYS A HD3  1 
ATOM   473  H HE2  . LYS A 1 29 ? 19.549  -0.589  -2.391  1.00 2.79 ? 30 LYS A HE2  1 
ATOM   474  H HE3  . LYS A 1 29 ? 18.296  -0.023  -3.496  1.00 2.76 ? 30 LYS A HE3  1 
ATOM   475  H HZ1  . LYS A 1 29 ? 18.610  1.013   -0.737  1.00 3.35 ? 30 LYS A HZ1  1 
ATOM   476  H HZ2  . LYS A 1 29 ? 19.352  1.730   -2.083  1.00 3.41 ? 30 LYS A HZ2  1 
ATOM   477  H HZ3  . LYS A 1 29 ? 17.657  1.658   -1.989  1.00 3.19 ? 30 LYS A HZ3  1 
ATOM   478  N N    . LEU A 1 30 ? 16.736  -6.265  0.283   1.00 2.07 ? 31 LEU A N    1 
ATOM   479  C CA   . LEU A 1 30 ? 16.883  -7.171  1.419   1.00 2.30 ? 31 LEU A CA   1 
ATOM   480  C C    . LEU A 1 30 ? 17.152  -8.591  0.934   1.00 2.71 ? 31 LEU A C    1 
ATOM   481  O O    . LEU A 1 30 ? 17.953  -9.322  1.517   1.00 3.02 ? 31 LEU A O    1 
ATOM   482  C CB   . LEU A 1 30 ? 15.613  -7.164  2.275   1.00 2.20 ? 31 LEU A CB   1 
ATOM   483  C CG   . LEU A 1 30 ? 15.987  -7.301  3.753   1.00 2.30 ? 31 LEU A CG   1 
ATOM   484  C CD1  . LEU A 1 30 ? 14.741  -7.094  4.616   1.00 2.55 ? 31 LEU A CD1  1 
ATOM   485  C CD2  . LEU A 1 30 ? 16.556  -8.697  4.007   1.00 2.80 ? 31 LEU A CD2  1 
ATOM   486  H H    . LEU A 1 30 ? 15.845  -5.942  0.036   1.00 1.90 ? 31 LEU A H    1 
ATOM   487  H HA   . LEU A 1 30 ? 17.716  -6.842  2.024   1.00 2.33 ? 31 LEU A HA   1 
ATOM   488  H HB2  . LEU A 1 30 ? 15.081  -6.235  2.122   1.00 2.04 ? 31 LEU A HB2  1 
ATOM   489  H HB3  . LEU A 1 30 ? 14.979  -7.991  1.989   1.00 2.48 ? 31 LEU A HB3  1 
ATOM   490  H HG   . LEU A 1 30 ? 16.728  -6.555  4.006   1.00 2.66 ? 31 LEU A HG   1 
ATOM   491  H HD11 . LEU A 1 30 ? 14.041  -6.461  4.091   1.00 2.94 ? 31 LEU A HD11 1 
ATOM   492  H HD12 . LEU A 1 30 ? 14.281  -8.049  4.819   1.00 2.95 ? 31 LEU A HD12 1 
ATOM   493  H HD13 . LEU A 1 30 ? 15.023  -6.625  5.548   1.00 2.75 ? 31 LEU A HD13 1 
ATOM   494  H HD21 . LEU A 1 30 ? 15.962  -9.430  3.480   1.00 3.24 ? 31 LEU A HD21 1 
ATOM   495  H HD22 . LEU A 1 30 ? 17.576  -8.741  3.655   1.00 3.02 ? 31 LEU A HD22 1 
ATOM   496  H HD23 . LEU A 1 30 ? 16.532  -8.909  5.066   1.00 3.22 ? 31 LEU A HD23 1 
ATOM   497  N N    . GLU A 1 31 ? 16.471  -8.973  -0.143  1.00 2.76 ? 32 GLU A N    1 
ATOM   498  C CA   . GLU A 1 31 ? 16.640  -10.310 -0.707  1.00 3.17 ? 32 GLU A CA   1 
ATOM   499  C C    . GLU A 1 31 ? 17.984  -10.422 -1.418  1.00 3.33 ? 32 GLU A C    1 
ATOM   500  O O    . GLU A 1 31 ? 18.730  -11.382 -1.220  1.00 3.72 ? 32 GLU A O    1 
ATOM   501  C CB   . GLU A 1 31 ? 15.521  -10.615 -1.705  1.00 3.23 ? 32 GLU A CB   1 
ATOM   502  C CG   . GLU A 1 31 ? 15.344  -12.130 -1.827  1.00 3.61 ? 32 GLU A CG   1 
ATOM   503  C CD   . GLU A 1 31 ? 14.777  -12.466 -3.202  1.00 4.10 ? 32 GLU A CD   1 
ATOM   504  O OE1  . GLU A 1 31 ? 13.961  -11.700 -3.688  1.00 4.46 ? 32 GLU A OE1  1 
ATOM   505  O OE2  . GLU A 1 31 ? 15.168  -13.484 -3.750  1.00 4.56 ? 32 GLU A OE2  1 
ATOM   506  H H    . GLU A 1 31 ? 15.846  -8.347  -0.565  1.00 2.55 ? 32 GLU A H    1 
ATOM   507  H HA   . GLU A 1 31 ? 16.603  -11.035 0.093   1.00 3.43 ? 32 GLU A HA   1 
ATOM   508  H HB2  . GLU A 1 31 ? 14.599  -10.171 -1.359  1.00 3.38 ? 32 GLU A HB2  1 
ATOM   509  H HB3  . GLU A 1 31 ? 15.779  -10.205 -2.670  1.00 3.29 ? 32 GLU A HB3  1 
ATOM   510  H HG2  . GLU A 1 31 ? 16.301  -12.615 -1.703  1.00 3.76 ? 32 GLU A HG2  1 
ATOM   511  H HG3  . GLU A 1 31 ? 14.662  -12.475 -1.064  1.00 3.93 ? 32 GLU A HG3  1 
ATOM   512  N N    . GLN A 1 32 ? 18.286  -9.429  -2.249  1.00 3.16 ? 33 GLN A N    1 
ATOM   513  C CA   . GLN A 1 32 ? 19.545  -9.422  -2.989  1.00 3.39 ? 33 GLN A CA   1 
ATOM   514  C C    . GLN A 1 32 ? 20.729  -9.385  -2.027  1.00 3.57 ? 33 GLN A C    1 
ATOM   515  O O    . GLN A 1 32 ? 21.772  -9.989  -2.279  1.00 3.99 ? 33 GLN A O    1 
ATOM   516  C CB   . GLN A 1 32 ? 19.617  -8.206  -3.915  1.00 3.32 ? 33 GLN A CB   1 
ATOM   517  C CG   . GLN A 1 32 ? 20.808  -8.357  -4.865  1.00 3.52 ? 33 GLN A CG   1 
ATOM   518  C CD   . GLN A 1 32 ? 20.629  -7.425  -6.058  1.00 3.99 ? 33 GLN A CD   1 
ATOM   519  O OE1  . GLN A 1 32 ? 20.443  -6.220  -5.891  1.00 4.41 ? 33 GLN A OE1  1 
ATOM   520  N NE2  . GLN A 1 32 ? 20.674  -7.916  -7.266  1.00 4.43 ? 33 GLN A NE2  1 
ATOM   521  H H    . GLN A 1 32 ? 17.653  -8.690  -2.367  1.00 2.99 ? 33 GLN A H    1 
ATOM   522  H HA   . GLN A 1 32 ? 19.606  -10.320 -3.586  1.00 3.69 ? 33 GLN A HA   1 
ATOM   523  H HB2  . GLN A 1 32 ? 18.705  -8.136  -4.488  1.00 3.41 ? 33 GLN A HB2  1 
ATOM   524  H HB3  . GLN A 1 32 ? 19.742  -7.311  -3.325  1.00 3.49 ? 33 GLN A HB3  1 
ATOM   525  H HG2  . GLN A 1 32 ? 21.719  -8.104  -4.342  1.00 3.72 ? 33 GLN A HG2  1 
ATOM   526  H HG3  . GLN A 1 32 ? 20.865  -9.378  -5.213  1.00 3.70 ? 33 GLN A HG3  1 
ATOM   527  H HE21 . GLN A 1 32 ? 20.822  -8.876  -7.400  1.00 4.51 ? 33 GLN A HE21 1 
ATOM   528  H HE22 . GLN A 1 32 ? 20.560  -7.326  -8.040  1.00 4.94 ? 33 GLN A HE22 1 
ATOM   529  N N    . LEU A 1 33 ? 20.555  -8.668  -0.920  1.00 3.53 ? 34 LEU A N    1 
ATOM   530  C CA   . LEU A 1 33 ? 21.615  -8.556  0.078   1.00 3.93 ? 34 LEU A CA   1 
ATOM   531  C C    . LEU A 1 33 ? 21.052  -8.769  1.479   1.00 4.18 ? 34 LEU A C    1 
ATOM   532  O O    . LEU A 1 33 ? 20.146  -8.057  1.910   1.00 4.56 ? 34 LEU A O    1 
ATOM   533  C CB   . LEU A 1 33 ? 22.274  -7.177  0.009   1.00 4.41 ? 34 LEU A CB   1 
ATOM   534  C CG   . LEU A 1 33 ? 23.293  -7.155  -1.132  1.00 4.94 ? 34 LEU A CG   1 
ATOM   535  C CD1  . LEU A 1 33 ? 23.356  -5.751  -1.733  1.00 5.57 ? 34 LEU A CD1  1 
ATOM   536  C CD2  . LEU A 1 33 ? 24.671  -7.539  -0.589  1.00 5.58 ? 34 LEU A CD2  1 
ATOM   537  H H    . LEU A 1 33 ? 19.702  -8.209  -0.772  1.00 3.42 ? 34 LEU A H    1 
ATOM   538  H HA   . LEU A 1 33 ? 22.363  -9.311  -0.118  1.00 4.23 ? 34 LEU A HA   1 
ATOM   539  H HB2  . LEU A 1 33 ? 21.517  -6.426  -0.168  1.00 4.47 ? 34 LEU A HB2  1 
ATOM   540  H HB3  . LEU A 1 33 ? 22.776  -6.971  0.942   1.00 4.74 ? 34 LEU A HB3  1 
ATOM   541  H HG   . LEU A 1 33 ? 22.995  -7.860  -1.894  1.00 4.92 ? 34 LEU A HG   1 
ATOM   542  H HD11 . LEU A 1 33 ? 22.354  -5.395  -1.922  1.00 5.77 ? 34 LEU A HD11 1 
ATOM   543  H HD12 . LEU A 1 33 ? 23.851  -5.084  -1.042  1.00 5.85 ? 34 LEU A HD12 1 
ATOM   544  H HD13 . LEU A 1 33 ? 23.908  -5.781  -2.661  1.00 5.92 ? 34 LEU A HD13 1 
ATOM   545  H HD21 . LEU A 1 33 ? 24.903  -6.928  0.271   1.00 5.88 ? 34 LEU A HD21 1 
ATOM   546  H HD22 . LEU A 1 33 ? 24.669  -8.580  -0.301  1.00 5.78 ? 34 LEU A HD22 1 
ATOM   547  H HD23 . LEU A 1 33 ? 25.417  -7.380  -1.354  1.00 5.92 ? 34 LEU A HD23 1 
HETATM 548  N N    . NH2 A 1 34 ? 21.542  -9.720  2.226   1.00 4.55 ? 35 NH2 A N    1 
HETATM 549  H HN1  . NH2 A 1 34 ? 22.264  -10.288 1.885   1.00 4.63 ? 35 NH2 A HN1  1 
HETATM 550  H HN2  . NH2 A 1 34 ? 21.189  -9.866  3.128   1.00 5.04 ? 35 NH2 A HN2  1 
HETATM 551  C C    . ACE B 2 1  ? -24.603 1.485   -7.496  1.00 4.95 ? 2  ACE B C    1 
HETATM 552  O O    . ACE B 2 1  ? -24.440 1.113   -8.659  1.00 5.12 ? 2  ACE B O    1 
HETATM 553  C CH3  . ACE B 2 1  ? -25.989 1.841   -6.971  1.00 5.72 ? 2  ACE B CH3  1 
HETATM 554  H H1   . ACE B 2 1  ? -26.220 1.222   -6.117  1.00 6.13 ? 2  ACE B H1   1 
HETATM 555  H H2   . ACE B 2 1  ? -26.722 1.674   -7.745  1.00 5.96 ? 2  ACE B H2   1 
HETATM 556  H H3   . ACE B 2 1  ? -26.007 2.880   -6.676  1.00 5.96 ? 2  ACE B H3   1 
ATOM   557  N N    . CYS B 2 2  ? -23.604 1.604   -6.625  1.00 4.47 ? 3  CYS B N    1 
ATOM   558  C CA   . CYS B 2 2  ? -22.230 1.292   -7.010  1.00 4.02 ? 3  CYS B CA   1 
ATOM   559  C C    . CYS B 2 2  ? -21.931 -0.184  -6.765  1.00 3.94 ? 3  CYS B C    1 
ATOM   560  O O    . CYS B 2 2  ? -21.448 -0.890  -7.651  1.00 4.27 ? 3  CYS B O    1 
ATOM   561  C CB   . CYS B 2 2  ? -21.243 2.141   -6.207  1.00 3.88 ? 3  CYS B CB   1 
ATOM   562  S SG   . CYS B 2 2  ? -21.152 3.800   -6.923  1.00 4.28 ? 3  CYS B SG   1 
ATOM   563  H H    . CYS B 2 2  ? -23.794 1.904   -5.713  1.00 4.70 ? 3  CYS B H    1 
ATOM   564  H HA   . CYS B 2 2  ? -22.101 1.507   -8.060  1.00 4.27 ? 3  CYS B HA   1 
ATOM   565  H HB2  . CYS B 2 2  ? -21.578 2.208   -5.182  1.00 4.13 ? 3  CYS B HB2  1 
ATOM   566  H HB3  . CYS B 2 2  ? -20.266 1.681   -6.237  1.00 3.83 ? 3  CYS B HB3  1 
ATOM   567  N N    . GLY B 2 3  ? -22.223 -0.641  -5.551  1.00 3.91 ? 4  GLY B N    1 
ATOM   568  C CA   . GLY B 2 3  ? -21.982 -2.036  -5.196  1.00 4.01 ? 4  GLY B CA   1 
ATOM   569  C C    . GLY B 2 3  ? -21.176 -2.136  -3.905  1.00 3.61 ? 4  GLY B C    1 
ATOM   570  O O    . GLY B 2 3  ? -21.734 -2.149  -2.807  1.00 4.02 ? 4  GLY B O    1 
ATOM   571  H H    . GLY B 2 3  ? -22.606 -0.033  -4.885  1.00 4.08 ? 4  GLY B H    1 
ATOM   572  H HA2  . GLY B 2 3  ? -22.929 -2.538  -5.064  1.00 4.28 ? 4  GLY B HA2  1 
ATOM   573  H HA3  . GLY B 2 3  ? -21.432 -2.516  -5.991  1.00 4.39 ? 4  GLY B HA3  1 
ATOM   574  N N    . GLY B 2 4  ? -19.856 -2.206  -4.049  1.00 3.18 ? 5  GLY B N    1 
ATOM   575  C CA   . GLY B 2 4  ? -18.976 -2.305  -2.888  1.00 2.90 ? 5  GLY B CA   1 
ATOM   576  C C    . GLY B 2 4  ? -18.217 -1.001  -2.669  1.00 2.10 ? 5  GLY B C    1 
ATOM   577  O O    . GLY B 2 4  ? -17.030 -0.898  -2.976  1.00 1.80 ? 5  GLY B O    1 
ATOM   578  H H    . GLY B 2 4  ? -19.467 -2.192  -4.949  1.00 3.36 ? 5  GLY B H    1 
ATOM   579  H HA2  . GLY B 2 4  ? -19.568 -2.524  -2.011  1.00 3.24 ? 5  GLY B HA2  1 
ATOM   580  H HA3  . GLY B 2 4  ? -18.266 -3.104  -3.045  1.00 3.28 ? 5  GLY B HA3  1 
ATOM   581  N N    . MET B 2 5  ? -18.919 -0.005  -2.136  1.00 2.05 ? 6  MET B N    1 
ATOM   582  C CA   . MET B 2 5  ? -18.304 1.295   -1.879  1.00 1.68 ? 6  MET B CA   1 
ATOM   583  C C    . MET B 2 5  ? -17.425 1.235   -0.634  1.00 1.48 ? 6  MET B C    1 
ATOM   584  O O    . MET B 2 5  ? -16.209 1.407   -0.705  1.00 1.20 ? 6  MET B O    1 
ATOM   585  C CB   . MET B 2 5  ? -19.380 2.364   -1.677  1.00 1.97 ? 6  MET B CB   1 
ATOM   586  C CG   . MET B 2 5  ? -20.303 2.398   -2.897  1.00 2.48 ? 6  MET B CG   1 
ATOM   587  S SD   . MET B 2 5  ? -21.962 2.913   -2.387  1.00 3.39 ? 6  MET B SD   1 
ATOM   588  C CE   . MET B 2 5  ? -21.492 4.492   -1.640  1.00 4.05 ? 6  MET B CE   1 
ATOM   589  H H    . MET B 2 5  ? -19.862 -0.145  -1.912  1.00 2.50 ? 6  MET B H    1 
ATOM   590  H HA   . MET B 2 5  ? -17.694 1.569   -2.726  1.00 1.90 ? 6  MET B HA   1 
ATOM   591  H HB2  . MET B 2 5  ? -19.957 2.131   -0.793  1.00 2.39 ? 6  MET B HB2  1 
ATOM   592  H HB3  . MET B 2 5  ? -18.911 3.329   -1.557  1.00 2.26 ? 6  MET B HB3  1 
ATOM   593  H HG2  . MET B 2 5  ? -19.917 3.097   -3.622  1.00 2.86 ? 6  MET B HG2  1 
ATOM   594  H HG3  . MET B 2 5  ? -20.352 1.413   -3.338  1.00 2.70 ? 6  MET B HG3  1 
ATOM   595  H HE1  . MET B 2 5  ? -20.807 5.011   -2.298  1.00 4.32 ? 6  MET B HE1  1 
ATOM   596  H HE2  . MET B 2 5  ? -22.371 5.097   -1.491  1.00 4.18 ? 6  MET B HE2  1 
ATOM   597  H HE3  . MET B 2 5  ? -21.016 4.310   -0.686  1.00 4.57 ? 6  MET B HE3  1 
ATOM   598  N N    . ARG B 2 6  ? -18.058 0.991   0.510   1.00 1.72 ? 7  ARG B N    1 
ATOM   599  C CA   . ARG B 2 6  ? -17.327 0.911   1.772   1.00 1.64 ? 7  ARG B CA   1 
ATOM   600  C C    . ARG B 2 6  ? -16.483 -0.359  1.825   1.00 1.42 ? 7  ARG B C    1 
ATOM   601  O O    . ARG B 2 6  ? -15.417 -0.387  2.440   1.00 1.22 ? 7  ARG B O    1 
ATOM   602  C CB   . ARG B 2 6  ? -18.298 0.915   2.954   1.00 2.01 ? 7  ARG B CB   1 
ATOM   603  C CG   . ARG B 2 6  ? -18.675 2.357   3.299   1.00 2.19 ? 7  ARG B CG   1 
ATOM   604  C CD   . ARG B 2 6  ? -19.392 2.390   4.649   1.00 2.46 ? 7  ARG B CD   1 
ATOM   605  N NE   . ARG B 2 6  ? -18.429 2.289   5.748   1.00 3.17 ? 7  ARG B NE   1 
ATOM   606  C CZ   . ARG B 2 6  ? -18.816 2.123   7.022   1.00 3.79 ? 7  ARG B CZ   1 
ATOM   607  N NH1  . ARG B 2 6  ? -20.086 2.045   7.343   1.00 3.96 ? 7  ARG B NH1  1 
ATOM   608  N NH2  . ARG B 2 6  ? -17.913 2.040   7.959   1.00 4.66 ? 7  ARG B NH2  1 
ATOM   609  H H    . ARG B 2 6  ? -19.029 0.864   0.508   1.00 1.99 ? 7  ARG B H    1 
ATOM   610  H HA   . ARG B 2 6  ? -16.675 1.768   1.854   1.00 1.55 ? 7  ARG B HA   1 
ATOM   611  H HB2  . ARG B 2 6  ? -19.188 0.362   2.691   1.00 2.36 ? 7  ARG B HB2  1 
ATOM   612  H HB3  . ARG B 2 6  ? -17.827 0.455   3.810   1.00 2.38 ? 7  ARG B HB3  1 
ATOM   613  H HG2  . ARG B 2 6  ? -17.780 2.961   3.351   1.00 2.58 ? 7  ARG B HG2  1 
ATOM   614  H HG3  . ARG B 2 6  ? -19.330 2.750   2.536   1.00 2.58 ? 7  ARG B HG3  1 
ATOM   615  H HD2  . ARG B 2 6  ? -19.938 3.316   4.740   1.00 2.73 ? 7  ARG B HD2  1 
ATOM   616  H HD3  . ARG B 2 6  ? -20.086 1.563   4.703   1.00 2.65 ? 7  ARG B HD3  1 
ATOM   617  H HE   . ARG B 2 6  ? -17.472 2.343   5.546   1.00 3.54 ? 7  ARG B HE   1 
ATOM   618  H HH11 . ARG B 2 6  ? -20.790 2.108   6.637   1.00 3.66 ? 7  ARG B HH11 1 
ATOM   619  H HH12 . ARG B 2 6  ? -20.350 1.921   8.299   1.00 4.68 ? 7  ARG B HH12 1 
ATOM   620  H HH21 . ARG B 2 6  ? -16.942 2.098   7.725   1.00 4.94 ? 7  ARG B HH21 1 
ATOM   621  H HH22 . ARG B 2 6  ? -18.190 1.915   8.911   1.00 5.24 ? 7  ARG B HH22 1 
ATOM   622  N N    . ARG B 2 7  ? -16.973 -1.412  1.174   1.00 1.54 ? 8  ARG B N    1 
ATOM   623  C CA   . ARG B 2 7  ? -16.256 -2.685  1.155   1.00 1.48 ? 8  ARG B CA   1 
ATOM   624  C C    . ARG B 2 7  ? -14.885 -2.517  0.504   1.00 1.18 ? 8  ARG B C    1 
ATOM   625  O O    . ARG B 2 7  ? -13.855 -2.830  1.101   1.00 1.12 ? 8  ARG B O    1 
ATOM   626  C CB   . ARG B 2 7  ? -17.049 -3.735  0.375   1.00 1.80 ? 8  ARG B CB   1 
ATOM   627  C CG   . ARG B 2 7  ? -18.018 -4.450  1.320   1.00 2.34 ? 8  ARG B CG   1 
ATOM   628  C CD   . ARG B 2 7  ? -18.634 -5.652  0.603   1.00 2.73 ? 8  ARG B CD   1 
ATOM   629  N NE   . ARG B 2 7  ? -19.079 -6.657  1.572   1.00 3.27 ? 8  ARG B NE   1 
ATOM   630  C CZ   . ARG B 2 7  ? -19.365 -7.917  1.210   1.00 3.78 ? 8  ARG B CZ   1 
ATOM   631  N NH1  . ARG B 2 7  ? -19.255 -8.309  -0.037  1.00 3.94 ? 8  ARG B NH1  1 
ATOM   632  N NH2  . ARG B 2 7  ? -19.760 -8.769  2.115   1.00 4.54 ? 8  ARG B NH2  1 
ATOM   633  H H    . ARG B 2 7  ? -17.828 -1.333  0.703   1.00 1.73 ? 8  ARG B H    1 
ATOM   634  H HA   . ARG B 2 7  ? -16.122 -3.030  2.169   1.00 1.50 ? 8  ARG B HA   1 
ATOM   635  H HB2  . ARG B 2 7  ? -17.606 -3.251  -0.415  1.00 2.06 ? 8  ARG B HB2  1 
ATOM   636  H HB3  . ARG B 2 7  ? -16.368 -4.456  -0.053  1.00 1.87 ? 8  ARG B HB3  1 
ATOM   637  H HG2  . ARG B 2 7  ? -17.483 -4.785  2.196   1.00 2.64 ? 8  ARG B HG2  1 
ATOM   638  H HG3  . ARG B 2 7  ? -18.802 -3.768  1.614   1.00 2.81 ? 8  ARG B HG3  1 
ATOM   639  H HD2  . ARG B 2 7  ? -19.479 -5.325  0.019   1.00 3.03 ? 8  ARG B HD2  1 
ATOM   640  H HD3  . ARG B 2 7  ? -17.896 -6.090  -0.054  1.00 3.04 ? 8  ARG B HD3  1 
ATOM   641  H HE   . ARG B 2 7  ? -19.173 -6.402  2.513   1.00 3.62 ? 8  ARG B HE   1 
ATOM   642  H HH11 . ARG B 2 7  ? -18.954 -7.669  -0.742  1.00 3.74 ? 8  ARG B HH11 1 
ATOM   643  H HH12 . ARG B 2 7  ? -19.474 -9.253  -0.283  1.00 4.55 ? 8  ARG B HH12 1 
ATOM   644  H HH21 . ARG B 2 7  ? -19.847 -8.482  3.069   1.00 4.84 ? 8  ARG B HH21 1 
ATOM   645  H HH22 . ARG B 2 7  ? -19.976 -9.711  1.857   1.00 5.03 ? 8  ARG B HH22 1 
ATOM   646  N N    . LYS B 2 8  ? -14.886 -2.020  -0.730  1.00 1.05 ? 9  LYS B N    1 
ATOM   647  C CA   . LYS B 2 8  ? -13.638 -1.812  -1.458  1.00 0.87 ? 9  LYS B CA   1 
ATOM   648  C C    . LYS B 2 8  ? -12.753 -0.808  -0.726  1.00 0.57 ? 9  LYS B C    1 
ATOM   649  O O    . LYS B 2 8  ? -11.541 -0.990  -0.617  1.00 0.53 ? 9  LYS B O    1 
ATOM   650  C CB   . LYS B 2 8  ? -13.920 -1.291  -2.869  1.00 0.97 ? 9  LYS B CB   1 
ATOM   651  C CG   . LYS B 2 8  ? -14.169 -2.471  -3.810  1.00 1.51 ? 9  LYS B CG   1 
ATOM   652  C CD   . LYS B 2 8  ? -14.596 -1.948  -5.183  1.00 2.00 ? 9  LYS B CD   1 
ATOM   653  C CE   . LYS B 2 8  ? -15.080 -3.116  -6.046  1.00 2.46 ? 9  LYS B CE   1 
ATOM   654  N NZ   . LYS B 2 8  ? -13.914 -3.747  -6.725  1.00 2.87 ? 9  LYS B NZ   1 
ATOM   655  H H    . LYS B 2 8  ? -15.738 -1.788  -1.156  1.00 1.15 ? 9  LYS B H    1 
ATOM   656  H HA   . LYS B 2 8  ? -13.114 -2.753  -1.532  1.00 0.99 ? 9  LYS B HA   1 
ATOM   657  H HB2  . LYS B 2 8  ? -14.793 -0.654  -2.849  1.00 1.27 ? 9  LYS B HB2  1 
ATOM   658  H HB3  . LYS B 2 8  ? -13.071 -0.725  -3.221  1.00 1.04 ? 9  LYS B HB3  1 
ATOM   659  H HG2  . LYS B 2 8  ? -13.261 -3.049  -3.910  1.00 1.99 ? 9  LYS B HG2  1 
ATOM   660  H HG3  . LYS B 2 8  ? -14.951 -3.096  -3.406  1.00 2.06 ? 9  LYS B HG3  1 
ATOM   661  H HD2  . LYS B 2 8  ? -15.397 -1.233  -5.062  1.00 2.44 ? 9  LYS B HD2  1 
ATOM   662  H HD3  . LYS B 2 8  ? -13.755 -1.472  -5.665  1.00 2.45 ? 9  LYS B HD3  1 
ATOM   663  H HE2  . LYS B 2 8  ? -15.572 -3.846  -5.422  1.00 2.91 ? 9  LYS B HE2  1 
ATOM   664  H HE3  . LYS B 2 8  ? -15.775 -2.750  -6.789  1.00 2.78 ? 9  LYS B HE3  1 
ATOM   665  H HZ1  . LYS B 2 8  ? -13.100 -3.758  -6.079  1.00 3.23 ? 9  LYS B HZ1  1 
ATOM   666  H HZ2  . LYS B 2 8  ? -14.157 -4.724  -6.993  1.00 3.08 ? 9  LYS B HZ2  1 
ATOM   667  H HZ3  . LYS B 2 8  ? -13.672 -3.204  -7.577  1.00 3.25 ? 9  LYS B HZ3  1 
ATOM   668  N N    . ASN B 2 9  ? -13.375 0.256   -0.226  1.00 0.56 ? 10 ASN B N    1 
ATOM   669  C CA   . ASN B 2 9  ? -12.636 1.289   0.496   1.00 0.53 ? 10 ASN B CA   1 
ATOM   670  C C    . ASN B 2 9  ? -11.982 0.704   1.744   1.00 0.48 ? 10 ASN B C    1 
ATOM   671  O O    . ASN B 2 9  ? -10.841 1.028   2.075   1.00 0.51 ? 10 ASN B O    1 
ATOM   672  C CB   . ASN B 2 9  ? -13.573 2.426   0.910   1.00 0.82 ? 10 ASN B CB   1 
ATOM   673  C CG   . ASN B 2 9  ? -13.706 3.418   -0.240  1.00 0.93 ? 10 ASN B CG   1 
ATOM   674  O OD1  . ASN B 2 9  ? -12.792 3.565   -1.051  1.00 1.52 ? 10 ASN B OD1  1 
ATOM   675  N ND2  . ASN B 2 9  ? -14.802 4.117   -0.359  1.00 1.18 ? 10 ASN B ND2  1 
ATOM   676  H H    . ASN B 2 9  ? -14.343 0.348   -0.343  1.00 0.73 ? 10 ASN B H    1 
ATOM   677  H HA   . ASN B 2 9  ? -11.868 1.687   -0.149  1.00 0.53 ? 10 ASN B HA   1 
ATOM   678  H HB2  . ASN B 2 9  ? -14.544 2.022   1.152   1.00 0.95 ? 10 ASN B HB2  1 
ATOM   679  H HB3  . ASN B 2 9  ? -13.166 2.931   1.774   1.00 0.97 ? 10 ASN B HB3  1 
ATOM   680  H HD21 . ASN B 2 9  ? -15.530 4.000   0.287   1.00 1.71 ? 10 ASN B HD21 1 
ATOM   681  H HD22 . ASN B 2 9  ? -14.897 4.757   -1.095  1.00 1.23 ? 10 ASN B HD22 1 
ATOM   682  N N    . ASP B 2 10 ? -12.719 -0.162  2.434   1.00 0.56 ? 11 ASP B N    1 
ATOM   683  C CA   . ASP B 2 10 ? -12.202 -0.789  3.647   1.00 0.59 ? 11 ASP B CA   1 
ATOM   684  C C    . ASP B 2 10 ? -10.980 -1.642  3.324   1.00 0.42 ? 11 ASP B C    1 
ATOM   685  O O    . ASP B 2 10 ? -9.953  -1.563  3.999   1.00 0.44 ? 11 ASP B O    1 
ATOM   686  C CB   . ASP B 2 10 ? -13.272 -1.673  4.292   1.00 0.83 ? 11 ASP B CB   1 
ATOM   687  C CG   . ASP B 2 10 ? -12.972 -1.831  5.778   1.00 1.36 ? 11 ASP B CG   1 
ATOM   688  O OD1  . ASP B 2 10 ? -11.925 -2.370  6.098   1.00 1.79 ? 11 ASP B OD1  1 
ATOM   689  O OD2  . ASP B 2 10 ? -13.795 -1.413  6.576   1.00 2.09 ? 11 ASP B OD2  1 
ATOM   690  H H    . ASP B 2 10 ? -13.622 -0.383  2.124   1.00 0.67 ? 11 ASP B H    1 
ATOM   691  H HA   . ASP B 2 10 ? -11.918 -0.018  4.347   1.00 0.69 ? 11 ASP B HA   1 
ATOM   692  H HB2  . ASP B 2 10 ? -14.242 -1.214  4.166   1.00 0.92 ? 11 ASP B HB2  1 
ATOM   693  H HB3  . ASP B 2 10 ? -13.268 -2.645  3.820   1.00 1.08 ? 11 ASP B HB3  1 
ATOM   694  N N    . THR B 2 11 ? -11.103 -2.460  2.284   1.00 0.46 ? 12 THR B N    1 
ATOM   695  C CA   . THR B 2 11 ? -10.002 -3.328  1.875   1.00 0.57 ? 12 THR B CA   1 
ATOM   696  C C    . THR B 2 11 ? -8.803  -2.495  1.435   1.00 0.51 ? 12 THR B C    1 
ATOM   697  O O    . THR B 2 11 ? -7.652  -2.862  1.671   1.00 0.67 ? 12 THR B O    1 
ATOM   698  C CB   . THR B 2 11 ? -10.433 -4.233  0.718   1.00 0.80 ? 12 THR B CB   1 
ATOM   699  O OG1  . THR B 2 11 ? -11.417 -3.566  -0.060  1.00 1.36 ? 12 THR B OG1  1 
ATOM   700  C CG2  . THR B 2 11 ? -11.013 -5.534  1.273   1.00 1.63 ? 12 THR B CG2  1 
ATOM   701  H H    . THR B 2 11 ? -11.945 -2.481  1.782   1.00 0.56 ? 12 THR B H    1 
ATOM   702  H HA   . THR B 2 11 ? -9.712  -3.946  2.712   1.00 0.65 ? 12 THR B HA   1 
ATOM   703  H HB   . THR B 2 11 ? -9.578  -4.459  0.099   1.00 1.30 ? 12 THR B HB   1 
ATOM   704  H HG1  . THR B 2 11 ? -11.628 -4.123  -0.814  1.00 1.70 ? 12 THR B HG1  1 
ATOM   705  H HG21 . THR B 2 11 ? -10.571 -5.744  2.236   1.00 2.15 ? 12 THR B HG21 1 
ATOM   706  H HG22 . THR B 2 11 ? -12.083 -5.433  1.383   1.00 2.12 ? 12 THR B HG22 1 
ATOM   707  H HG23 . THR B 2 11 ? -10.795 -6.344  0.593   1.00 2.21 ? 12 THR B HG23 1 
ATOM   708  N N    . HIS B 2 12 ? -9.087  -1.366  0.792   1.00 0.42 ? 13 HIS B N    1 
ATOM   709  C CA   . HIS B 2 12 ? -8.026  -0.481  0.320   1.00 0.60 ? 13 HIS B CA   1 
ATOM   710  C C    . HIS B 2 12 ? -7.223  0.061   1.497   1.00 0.63 ? 13 HIS B C    1 
ATOM   711  O O    . HIS B 2 12 ? -5.993  0.024   1.502   1.00 0.81 ? 13 HIS B O    1 
ATOM   712  C CB   . HIS B 2 12 ? -8.615  0.693   -0.463  1.00 0.68 ? 13 HIS B CB   1 
ATOM   713  C CG   . HIS B 2 12 ? -8.925  0.256   -1.869  1.00 0.74 ? 13 HIS B CG   1 
ATOM   714  N ND1  . HIS B 2 12 ? -7.954  -0.255  -2.715  1.00 0.98 ? 13 HIS B ND1  1 
ATOM   715  C CD2  . HIS B 2 12 ? -10.093 0.250   -2.591  1.00 0.69 ? 13 HIS B CD2  1 
ATOM   716  C CE1  . HIS B 2 12 ? -8.549  -0.545  -3.886  1.00 1.05 ? 13 HIS B CE1  1 
ATOM   717  N NE2  . HIS B 2 12 ? -9.853  -0.256  -3.864  1.00 0.88 ? 13 HIS B NE2  1 
ATOM   718  H H    . HIS B 2 12 ? -10.024 -1.124  0.632   1.00 0.34 ? 13 HIS B H    1 
ATOM   719  H HA   . HIS B 2 12 ? -7.368  -1.037  -0.326  1.00 0.74 ? 13 HIS B HA   1 
ATOM   720  H HB2  . HIS B 2 12 ? -9.523  1.028   0.018   1.00 0.61 ? 13 HIS B HB2  1 
ATOM   721  H HB3  . HIS B 2 12 ? -7.902  1.503   -0.488  1.00 0.91 ? 13 HIS B HB3  1 
ATOM   722  H HD1  . HIS B 2 12 ? -7.006  -0.384  -2.499  1.00 1.11 ? 13 HIS B HD1  1 
ATOM   723  H HD2  . HIS B 2 12 ? -11.052 0.588   -2.226  1.00 0.61 ? 13 HIS B HD2  1 
ATOM   724  H HE1  . HIS B 2 12 ? -8.035  -0.960  -4.741  1.00 1.27 ? 13 HIS B HE1  1 
ATOM   725  N N    . GLN B 2 13 ? -7.939  0.567   2.495   1.00 0.54 ? 14 GLN B N    1 
ATOM   726  C CA   . GLN B 2 13 ? -7.293  1.121   3.682   1.00 0.65 ? 14 GLN B CA   1 
ATOM   727  C C    . GLN B 2 13 ? -6.492  0.043   4.406   1.00 0.60 ? 14 GLN B C    1 
ATOM   728  O O    . GLN B 2 13 ? -5.374  0.282   4.863   1.00 0.69 ? 14 GLN B O    1 
ATOM   729  C CB   . GLN B 2 13 ? -8.337  1.695   4.642   1.00 0.69 ? 14 GLN B CB   1 
ATOM   730  C CG   . GLN B 2 13 ? -8.593  3.164   4.300   1.00 1.23 ? 14 GLN B CG   1 
ATOM   731  C CD   . GLN B 2 13 ? -9.448  3.800   5.390   1.00 1.48 ? 14 GLN B CD   1 
ATOM   732  O OE1  . GLN B 2 13 ? -10.558 3.343   5.663   1.00 2.01 ? 14 GLN B OE1  1 
ATOM   733  N NE2  . GLN B 2 13 ? -8.991  4.838   6.038   1.00 2.01 ? 14 GLN B NE2  1 
ATOM   734  H H    . GLN B 2 13 ? -8.916  0.569   2.433   1.00 0.47 ? 14 GLN B H    1 
ATOM   735  H HA   . GLN B 2 13 ? -6.624  1.913   3.380   1.00 0.81 ? 14 GLN B HA   1 
ATOM   736  H HB2  . GLN B 2 13 ? -9.257  1.137   4.549   1.00 1.03 ? 14 GLN B HB2  1 
ATOM   737  H HB3  . GLN B 2 13 ? -7.972  1.623   5.656   1.00 0.98 ? 14 GLN B HB3  1 
ATOM   738  H HG2  . GLN B 2 13 ? -7.649  3.687   4.230   1.00 1.82 ? 14 GLN B HG2  1 
ATOM   739  H HG3  . GLN B 2 13 ? -9.111  3.229   3.355   1.00 1.83 ? 14 GLN B HG3  1 
ATOM   740  H HE21 . GLN B 2 13 ? -8.108  5.201   5.821   1.00 2.39 ? 14 GLN B HE21 1 
ATOM   741  H HE22 . GLN B 2 13 ? -9.533  5.253   6.740   1.00 2.41 ? 14 GLN B HE22 1 
ATOM   742  N N    . GLN B 2 14 ? -7.077  -1.148  4.504   1.00 0.53 ? 15 GLN B N    1 
ATOM   743  C CA   . GLN B 2 14 ? -6.409  -2.259  5.175   1.00 0.56 ? 15 GLN B CA   1 
ATOM   744  C C    . GLN B 2 14 ? -5.119  -2.621  4.448   1.00 0.64 ? 15 GLN B C    1 
ATOM   745  O O    . GLN B 2 14 ? -4.050  -2.698  5.054   1.00 0.67 ? 15 GLN B O    1 
ATOM   746  C CB   . GLN B 2 14 ? -7.322  -3.487  5.214   1.00 0.56 ? 15 GLN B CB   1 
ATOM   747  C CG   . GLN B 2 14 ? -7.034  -4.297  6.480   1.00 1.16 ? 15 GLN B CG   1 
ATOM   748  C CD   . GLN B 2 14 ? -8.316  -4.970  6.957   1.00 1.51 ? 15 GLN B CD   1 
ATOM   749  O OE1  . GLN B 2 14 ? -8.961  -4.499  7.894   1.00 2.16 ? 15 GLN B OE1  1 
ATOM   750  N NE2  . GLN B 2 14 ? -8.729  -6.056  6.362   1.00 2.08 ? 15 GLN B NE2  1 
ATOM   751  H H    . GLN B 2 14 ? -7.969  -1.279  4.121   1.00 0.49 ? 15 GLN B H    1 
ATOM   752  H HA   . GLN B 2 14 ? -6.172  -1.967  6.188   1.00 0.60 ? 15 GLN B HA   1 
ATOM   753  H HB2  . GLN B 2 14 ? -8.354  -3.168  5.216   1.00 0.88 ? 15 GLN B HB2  1 
ATOM   754  H HB3  . GLN B 2 14 ? -7.136  -4.102  4.346   1.00 1.03 ? 15 GLN B HB3  1 
ATOM   755  H HG2  . GLN B 2 14 ? -6.290  -5.049  6.264   1.00 1.78 ? 15 GLN B HG2  1 
ATOM   756  H HG3  . GLN B 2 14 ? -6.666  -3.638  7.253   1.00 1.79 ? 15 GLN B HG3  1 
ATOM   757  H HE21 . GLN B 2 14 ? -8.215  -6.431  5.616   1.00 2.45 ? 15 GLN B HE21 1 
ATOM   758  H HE22 . GLN B 2 14 ? -9.551  -6.496  6.660   1.00 2.56 ? 15 GLN B HE22 1 
ATOM   759  N N    . ASP B 2 15 ? -5.229  -2.839  3.140   1.00 0.71 ? 16 ASP B N    1 
ATOM   760  C CA   . ASP B 2 15 ? -4.061  -3.190  2.334   1.00 0.83 ? 16 ASP B CA   1 
ATOM   761  C C    . ASP B 2 15 ? -3.029  -2.068  2.384   1.00 0.89 ? 16 ASP B C    1 
ATOM   762  O O    . ASP B 2 15 ? -1.826  -2.313  2.475   1.00 0.95 ? 16 ASP B O    1 
ATOM   763  C CB   . ASP B 2 15 ? -4.466  -3.430  0.878   1.00 0.93 ? 16 ASP B CB   1 
ATOM   764  C CG   . ASP B 2 15 ? -3.547  -4.478  0.260   1.00 1.15 ? 16 ASP B CG   1 
ATOM   765  O OD1  . ASP B 2 15 ? -3.566  -5.605  0.729   1.00 1.45 ? 16 ASP B OD1  1 
ATOM   766  O OD2  . ASP B 2 15 ? -2.837  -4.139  -0.672  1.00 1.78 ? 16 ASP B OD2  1 
ATOM   767  H H    . ASP B 2 15 ? -6.106  -2.761  2.710   1.00 0.70 ? 16 ASP B H    1 
ATOM   768  H HA   . ASP B 2 15 ? -3.620  -4.092  2.728   1.00 0.84 ? 16 ASP B HA   1 
ATOM   769  H HB2  . ASP B 2 15 ? -5.488  -3.781  0.842   1.00 0.86 ? 16 ASP B HB2  1 
ATOM   770  H HB3  . ASP B 2 15 ? -4.382  -2.508  0.324   1.00 0.99 ? 16 ASP B HB3  1 
ATOM   771  N N    . ILE B 2 16 ? -3.516  -0.832  2.330   1.00 0.90 ? 17 ILE B N    1 
ATOM   772  C CA   . ILE B 2 16 ? -2.635  0.331   2.376   1.00 1.00 ? 17 ILE B CA   1 
ATOM   773  C C    . ILE B 2 16 ? -1.879  0.363   3.704   1.00 0.94 ? 17 ILE B C    1 
ATOM   774  O O    . ILE B 2 16 ? -0.678  0.103   3.763   1.00 0.97 ? 17 ILE B O    1 
ATOM   775  C CB   . ILE B 2 16 ? -3.465  1.629   2.206   1.00 1.06 ? 17 ILE B CB   1 
ATOM   776  C CG1  . ILE B 2 16 ? -3.743  1.853   0.719   1.00 1.19 ? 17 ILE B CG1  1 
ATOM   777  C CG2  . ILE B 2 16 ? -2.721  2.858   2.769   1.00 1.14 ? 17 ILE B CG2  1 
ATOM   778  C CD1  . ILE B 2 16 ? -4.751  2.991   0.553   1.00 1.59 ? 17 ILE B CD1  1 
ATOM   779  H H    . ILE B 2 16 ? -4.485  -0.700  2.263   1.00 0.87 ? 17 ILE B H    1 
ATOM   780  H HA   . ILE B 2 16 ? -1.922  0.264   1.568   1.00 1.10 ? 17 ILE B HA   1 
ATOM   781  H HB   . ILE B 2 16 ? -4.404  1.516   2.728   1.00 0.99 ? 17 ILE B HB   1 
ATOM   782  H HG12 . ILE B 2 16 ? -2.822  2.109   0.216   1.00 1.46 ? 17 ILE B HG12 1 
ATOM   783  H HG13 . ILE B 2 16 ? -4.150  0.950   0.288   1.00 1.67 ? 17 ILE B HG13 1 
ATOM   784  H HG21 . ILE B 2 16 ? -1.665  2.767   2.558   1.00 1.58 ? 17 ILE B HG21 1 
ATOM   785  H HG22 . ILE B 2 16 ? -3.106  3.756   2.314   1.00 1.48 ? 17 ILE B HG22 1 
ATOM   786  H HG23 . ILE B 2 16 ? -2.867  2.906   3.840   1.00 1.56 ? 17 ILE B HG23 1 
ATOM   787  H HD11 . ILE B 2 16 ? -5.523  2.901   1.303   1.00 2.18 ? 17 ILE B HD11 1 
ATOM   788  H HD12 . ILE B 2 16 ? -4.246  3.939   0.670   1.00 1.99 ? 17 ILE B HD12 1 
ATOM   789  H HD13 . ILE B 2 16 ? -5.195  2.939   -0.430  1.00 1.99 ? 17 ILE B HD13 1 
ATOM   790  N N    . ASP B 2 17 ? -2.604  0.722   4.761   1.00 0.87 ? 18 ASP B N    1 
ATOM   791  C CA   . ASP B 2 17 ? -2.018  0.835   6.095   1.00 0.84 ? 18 ASP B CA   1 
ATOM   792  C C    . ASP B 2 17 ? -1.137  -0.373  6.432   1.00 0.79 ? 18 ASP B C    1 
ATOM   793  O O    . ASP B 2 17 ? -0.172  -0.263  7.189   1.00 0.81 ? 18 ASP B O    1 
ATOM   794  C CB   . ASP B 2 17 ? -3.125  0.960   7.148   1.00 0.80 ? 18 ASP B CB   1 
ATOM   795  C CG   . ASP B 2 17 ? -3.361  2.433   7.476   1.00 0.91 ? 18 ASP B CG   1 
ATOM   796  O OD1  . ASP B 2 17 ? -3.980  3.106   6.669   1.00 1.51 ? 18 ASP B OD1  1 
ATOM   797  O OD2  . ASP B 2 17 ? -2.919  2.863   8.529   1.00 1.37 ? 18 ASP B OD2  1 
ATOM   798  H H    . ASP B 2 17 ? -3.552  0.939   4.638   1.00 0.87 ? 18 ASP B H    1 
ATOM   799  H HA   . ASP B 2 17 ? -1.413  1.731   6.116   1.00 0.92 ? 18 ASP B HA   1 
ATOM   800  H HB2  . ASP B 2 17 ? -4.037  0.528   6.762   1.00 0.77 ? 18 ASP B HB2  1 
ATOM   801  H HB3  . ASP B 2 17 ? -2.833  0.437   8.046   1.00 0.76 ? 18 ASP B HB3  1 
ATOM   802  N N    . ASP B 2 18 ? -1.480  -1.523  5.858   1.00 0.75 ? 19 ASP B N    1 
ATOM   803  C CA   . ASP B 2 18 ? -0.713  -2.742  6.101   1.00 0.76 ? 19 ASP B CA   1 
ATOM   804  C C    . ASP B 2 18 ? 0.614   -2.690  5.351   1.00 0.85 ? 19 ASP B C    1 
ATOM   805  O O    . ASP B 2 18 ? 1.644   -3.144  5.849   1.00 0.86 ? 19 ASP B O    1 
ATOM   806  C CB   . ASP B 2 18 ? -1.499  -3.973  5.643   1.00 0.76 ? 19 ASP B CB   1 
ATOM   807  C CG   . ASP B 2 18 ? -0.779  -5.237  6.101   1.00 0.81 ? 19 ASP B CG   1 
ATOM   808  O OD1  . ASP B 2 18 ? 0.366   -5.413  5.721   1.00 1.55 ? 19 ASP B OD1  1 
ATOM   809  O OD2  . ASP B 2 18 ? -1.384  -6.010  6.826   1.00 1.16 ? 19 ASP B OD2  1 
ATOM   810  H H    . ASP B 2 18 ? -2.257  -1.552  5.262   1.00 0.75 ? 19 ASP B H    1 
ATOM   811  H HA   . ASP B 2 18 ? -0.516  -2.828  7.160   1.00 0.73 ? 19 ASP B HA   1 
ATOM   812  H HB2  . ASP B 2 18 ? -2.490  -3.947  6.072   1.00 0.70 ? 19 ASP B HB2  1 
ATOM   813  H HB3  . ASP B 2 18 ? -1.572  -3.973  4.566   1.00 0.82 ? 19 ASP B HB3  1 
ATOM   814  N N    . LEU B 2 19 ? 0.575   -2.130  4.146   1.00 0.93 ? 20 LEU B N    1 
ATOM   815  C CA   . LEU B 2 19 ? 1.779   -2.017  3.327   1.00 1.04 ? 20 LEU B CA   1 
ATOM   816  C C    . LEU B 2 19 ? 2.778   -1.065  3.979   1.00 1.02 ? 20 LEU B C    1 
ATOM   817  O O    . LEU B 2 19 ? 3.971   -1.355  4.063   1.00 1.04 ? 20 LEU B O    1 
ATOM   818  C CB   . LEU B 2 19 ? 1.431   -1.491  1.932   1.00 1.19 ? 20 LEU B CB   1 
ATOM   819  C CG   . LEU B 2 19 ? 0.726   -2.588  1.133   1.00 1.23 ? 20 LEU B CG   1 
ATOM   820  C CD1  . LEU B 2 19 ? -0.166  -1.949  0.067   1.00 1.35 ? 20 LEU B CD1  1 
ATOM   821  C CD2  . LEU B 2 19 ? 1.772   -3.477  0.456   1.00 1.40 ? 20 LEU B CD2  1 
ATOM   822  H H    . LEU B 2 19 ? -0.275  -1.784  3.802   1.00 0.92 ? 20 LEU B H    1 
ATOM   823  H HA   . LEU B 2 19 ? 2.232   -2.991  3.230   1.00 1.06 ? 20 LEU B HA   1 
ATOM   824  H HB2  . LEU B 2 19 ? 0.778   -0.635  2.024   1.00 1.17 ? 20 LEU B HB2  1 
ATOM   825  H HB3  . LEU B 2 19 ? 2.336   -1.201  1.421   1.00 1.31 ? 20 LEU B HB3  1 
ATOM   826  H HG   . LEU B 2 19 ? 0.120   -3.185  1.799   1.00 1.10 ? 20 LEU B HG   1 
ATOM   827  H HD11 . LEU B 2 19 ? -0.698  -1.113  0.496   1.00 1.70 ? 20 LEU B HD11 1 
ATOM   828  H HD12 . LEU B 2 19 ? 0.445   -1.606  -0.754  1.00 1.62 ? 20 LEU B HD12 1 
ATOM   829  H HD13 . LEU B 2 19 ? -0.875  -2.680  -0.294  1.00 1.79 ? 20 LEU B HD13 1 
ATOM   830  H HD21 . LEU B 2 19 ? 2.502   -2.857  -0.043  1.00 1.87 ? 20 LEU B HD21 1 
ATOM   831  H HD22 . LEU B 2 19 ? 2.264   -4.084  1.201   1.00 1.68 ? 20 LEU B HD22 1 
ATOM   832  H HD23 . LEU B 2 19 ? 1.287   -4.117  -0.266  1.00 1.73 ? 20 LEU B HD23 1 
ATOM   833  N N    . LYS B 2 20 ? 2.273   0.077   4.438   1.00 1.00 ? 21 LYS B N    1 
ATOM   834  C CA   . LYS B 2 20 ? 3.127   1.071   5.083   1.00 1.00 ? 21 LYS B CA   1 
ATOM   835  C C    . LYS B 2 20 ? 3.761   0.495   6.344   1.00 0.89 ? 21 LYS B C    1 
ATOM   836  O O    . LYS B 2 20 ? 4.901   0.814   6.683   1.00 0.90 ? 21 LYS B O    1 
ATOM   837  C CB   . LYS B 2 20 ? 2.314   2.313   5.457   1.00 1.04 ? 21 LYS B CB   1 
ATOM   838  C CG   . LYS B 2 20 ? 2.311   3.294   4.283   1.00 1.35 ? 21 LYS B CG   1 
ATOM   839  C CD   . LYS B 2 20 ? 1.916   4.685   4.782   1.00 1.74 ? 21 LYS B CD   1 
ATOM   840  C CE   . LYS B 2 20 ? 2.126   5.708   3.664   1.00 2.00 ? 21 LYS B CE   1 
ATOM   841  N NZ   . LYS B 2 20 ? 2.109   7.083   4.239   1.00 2.56 ? 21 LYS B NZ   1 
ATOM   842  H H    . LYS B 2 20 ? 1.314   0.253   4.343   1.00 1.00 ? 21 LYS B H    1 
ATOM   843  H HA   . LYS B 2 20 ? 3.909   1.361   4.396   1.00 1.08 ? 21 LYS B HA   1 
ATOM   844  H HB2  . LYS B 2 20 ? 1.299   2.022   5.685   1.00 1.27 ? 21 LYS B HB2  1 
ATOM   845  H HB3  . LYS B 2 20 ? 2.756   2.787   6.319   1.00 1.28 ? 21 LYS B HB3  1 
ATOM   846  H HG2  . LYS B 2 20 ? 3.299   3.335   3.846   1.00 1.79 ? 21 LYS B HG2  1 
ATOM   847  H HG3  . LYS B 2 20 ? 1.601   2.966   3.539   1.00 1.80 ? 21 LYS B HG3  1 
ATOM   848  H HD2  . LYS B 2 20 ? 0.876   4.680   5.075   1.00 2.25 ? 21 LYS B HD2  1 
ATOM   849  H HD3  . LYS B 2 20 ? 2.528   4.951   5.630   1.00 2.12 ? 21 LYS B HD3  1 
ATOM   850  H HE2  . LYS B 2 20 ? 3.078   5.530   3.187   1.00 2.36 ? 21 LYS B HE2  1 
ATOM   851  H HE3  . LYS B 2 20 ? 1.335   5.613   2.935   1.00 2.24 ? 21 LYS B HE3  1 
ATOM   852  H HZ1  . LYS B 2 20 ? 2.675   7.102   5.110   1.00 2.93 ? 21 LYS B HZ1  1 
ATOM   853  H HZ2  . LYS B 2 20 ? 2.510   7.751   3.550   1.00 2.87 ? 21 LYS B HZ2  1 
ATOM   854  H HZ3  . LYS B 2 20 ? 1.130   7.355   4.459   1.00 2.93 ? 21 LYS B HZ3  1 
ATOM   855  N N    . ARG B 2 21 ? 3.011   -0.359  7.034   1.00 0.82 ? 22 ARG B N    1 
ATOM   856  C CA   . ARG B 2 21 ? 3.511   -0.975  8.260   1.00 0.73 ? 22 ARG B CA   1 
ATOM   857  C C    . ARG B 2 21 ? 4.640   -1.949  7.940   1.00 0.69 ? 22 ARG B C    1 
ATOM   858  O O    . ARG B 2 21 ? 5.635   -2.029  8.662   1.00 0.62 ? 22 ARG B O    1 
ATOM   859  C CB   . ARG B 2 21 ? 2.391   -1.729  8.981   1.00 0.74 ? 22 ARG B CB   1 
ATOM   860  C CG   . ARG B 2 21 ? 2.680   -1.756  10.485  1.00 1.37 ? 22 ARG B CG   1 
ATOM   861  C CD   . ARG B 2 21 ? 1.366   -1.685  11.270  1.00 1.67 ? 22 ARG B CD   1 
ATOM   862  N NE   . ARG B 2 21 ? 1.036   -2.993  11.843  1.00 2.29 ? 22 ARG B NE   1 
ATOM   863  C CZ   . ARG B 2 21 ? 1.636   -3.460  12.947  1.00 2.87 ? 22 ARG B CZ   1 
ATOM   864  N NH1  . ARG B 2 21 ? 2.556   -2.762  13.569  1.00 3.11 ? 22 ARG B NH1  1 
ATOM   865  N NH2  . ARG B 2 21 ? 1.300   -4.633  13.411  1.00 3.73 ? 22 ARG B NH2  1 
ATOM   866  H H    . ARG B 2 21 ? 2.110   -0.576  6.716   1.00 0.84 ? 22 ARG B H    1 
ATOM   867  H HA   . ARG B 2 21 ? 3.888   -0.203  8.913   1.00 0.74 ? 22 ARG B HA   1 
ATOM   868  H HB2  . ARG B 2 21 ? 1.448   -1.229  8.805   1.00 1.13 ? 22 ARG B HB2  1 
ATOM   869  H HB3  . ARG B 2 21 ? 2.339   -2.741  8.608   1.00 1.12 ? 22 ARG B HB3  1 
ATOM   870  H HG2  . ARG B 2 21 ? 3.198   -2.671  10.733  1.00 2.04 ? 22 ARG B HG2  1 
ATOM   871  H HG3  . ARG B 2 21 ? 3.299   -0.912  10.748  1.00 2.00 ? 22 ARG B HG3  1 
ATOM   872  H HD2  . ARG B 2 21 ? 1.468   -0.967  12.068  1.00 2.02 ? 22 ARG B HD2  1 
ATOM   873  H HD3  . ARG B 2 21 ? 0.569   -1.371  10.610  1.00 2.17 ? 22 ARG B HD3  1 
ATOM   874  H HE   . ARG B 2 21 ? 0.353   -3.544  11.404  1.00 2.74 ? 22 ARG B HE   1 
ATOM   875  H HH11 . ARG B 2 21 ? 2.826   -1.863  13.226  1.00 2.91 ? 22 ARG B HH11 1 
ATOM   876  H HH12 . ARG B 2 21 ? 2.989   -3.131  14.391  1.00 3.83 ? 22 ARG B HH12 1 
ATOM   877  H HH21 . ARG B 2 21 ? 0.600   -5.174  12.944  1.00 4.04 ? 22 ARG B HH21 1 
ATOM   878  H HH22 . ARG B 2 21 ? 1.742   -4.990  14.234  1.00 4.28 ? 22 ARG B HH22 1 
ATOM   879  N N    . GLN B 2 22 ? 4.475   -2.690  6.847   1.00 0.78 ? 23 GLN B N    1 
ATOM   880  C CA   . GLN B 2 22 ? 5.488   -3.657  6.436   1.00 0.80 ? 23 GLN B CA   1 
ATOM   881  C C    . GLN B 2 22 ? 6.720   -2.937  5.896   1.00 0.80 ? 23 GLN B C    1 
ATOM   882  O O    . GLN B 2 22 ? 7.854   -3.279  6.231   1.00 0.78 ? 23 GLN B O    1 
ATOM   883  C CB   . GLN B 2 22 ? 4.936   -4.583  5.350   1.00 0.91 ? 23 GLN B CB   1 
ATOM   884  C CG   . GLN B 2 22 ? 4.261   -5.791  6.003   1.00 1.23 ? 23 GLN B CG   1 
ATOM   885  C CD   . GLN B 2 22 ? 5.328   -6.749  6.525   1.00 1.28 ? 23 GLN B CD   1 
ATOM   886  O OE1  . GLN B 2 22 ? 5.310   -7.129  7.695   1.00 2.02 ? 23 GLN B OE1  1 
ATOM   887  N NE2  . GLN B 2 22 ? 6.266   -7.165  5.718   1.00 1.47 ? 23 GLN B NE2  1 
ATOM   888  H H    . GLN B 2 22 ? 3.663   -2.583  6.310   1.00 0.87 ? 23 GLN B H    1 
ATOM   889  H HA   . GLN B 2 22 ? 5.775   -4.252  7.291   1.00 0.77 ? 23 GLN B HA   1 
ATOM   890  H HB2  . GLN B 2 22 ? 4.214   -4.045  4.753   1.00 1.19 ? 23 GLN B HB2  1 
ATOM   891  H HB3  . GLN B 2 22 ? 5.745   -4.922  4.720   1.00 1.17 ? 23 GLN B HB3  1 
ATOM   892  H HG2  . GLN B 2 22 ? 3.643   -5.458  6.824   1.00 1.75 ? 23 GLN B HG2  1 
ATOM   893  H HG3  . GLN B 2 22 ? 3.649   -6.300  5.274   1.00 1.79 ? 23 GLN B HG3  1 
ATOM   894  H HE21 . GLN B 2 22 ? 6.281   -6.862  4.786   1.00 1.83 ? 23 GLN B HE21 1 
ATOM   895  H HE22 . GLN B 2 22 ? 6.955   -7.780  6.044   1.00 1.78 ? 23 GLN B HE22 1 
ATOM   896  N N    . ASN B 2 23 ? 6.482   -1.932  5.057   1.00 0.86 ? 24 ASN B N    1 
ATOM   897  C CA   . ASN B 2 23 ? 7.578   -1.164  4.475   1.00 0.88 ? 24 ASN B CA   1 
ATOM   898  C C    . ASN B 2 23 ? 8.333   -0.407  5.561   1.00 0.78 ? 24 ASN B C    1 
ATOM   899  O O    . ASN B 2 23 ? 9.545   -0.205  5.471   1.00 0.77 ? 24 ASN B O    1 
ATOM   900  C CB   . ASN B 2 23 ? 7.042   -0.162  3.449   1.00 1.01 ? 24 ASN B CB   1 
ATOM   901  C CG   . ASN B 2 23 ? 6.286   -0.904  2.351   1.00 1.22 ? 24 ASN B CG   1 
ATOM   902  O OD1  . ASN B 2 23 ? 5.843   -2.036  2.546   1.00 1.48 ? 24 ASN B OD1  1 
ATOM   903  N ND2  . ASN B 2 23 ? 6.109   -0.327  1.194   1.00 1.28 ? 24 ASN B ND2  1 
ATOM   904  H H    . ASN B 2 23 ? 5.557   -1.704  4.827   1.00 0.90 ? 24 ASN B H    1 
ATOM   905  H HA   . ASN B 2 23 ? 8.258   -1.841  3.979   1.00 0.92 ? 24 ASN B HA   1 
ATOM   906  H HB2  . ASN B 2 23 ? 6.375   0.532   3.941   1.00 1.00 ? 24 ASN B HB2  1 
ATOM   907  H HB3  . ASN B 2 23 ? 7.867   0.381   3.012   1.00 1.06 ? 24 ASN B HB3  1 
ATOM   908  H HD21 . ASN B 2 23 ? 6.461   0.574   1.039   1.00 1.32 ? 24 ASN B HD21 1 
ATOM   909  H HD22 . ASN B 2 23 ? 5.626   -0.795  0.482   1.00 1.41 ? 24 ASN B HD22 1 
ATOM   910  N N    . ALA B 2 24 ? 7.603   0.010   6.593   1.00 0.75 ? 25 ALA B N    1 
ATOM   911  C CA   . ALA B 2 24 ? 8.211   0.746   7.699   1.00 0.70 ? 25 ALA B CA   1 
ATOM   912  C C    . ALA B 2 24 ? 9.261   -0.111  8.396   1.00 0.57 ? 25 ALA B C    1 
ATOM   913  O O    . ALA B 2 24 ? 10.427  0.270   8.499   1.00 0.55 ? 25 ALA B O    1 
ATOM   914  C CB   . ALA B 2 24 ? 7.146   1.157   8.718   1.00 0.78 ? 25 ALA B CB   1 
ATOM   915  H H    . ALA B 2 24 ? 6.641   -0.179  6.611   1.00 0.79 ? 25 ALA B H    1 
ATOM   916  H HA   . ALA B 2 24 ? 8.684   1.636   7.310   1.00 0.75 ? 25 ALA B HA   1 
ATOM   917  H HB1  . ALA B 2 24 ? 6.459   0.338   8.871   1.00 1.36 ? 25 ALA B HB1  1 
ATOM   918  H HB2  . ALA B 2 24 ? 7.623   1.408   9.655   1.00 1.18 ? 25 ALA B HB2  1 
ATOM   919  H HB3  . ALA B 2 24 ? 6.606   2.016   8.348   1.00 1.30 ? 25 ALA B HB3  1 
ATOM   920  N N    . LEU B 2 25 ? 8.834   -1.277  8.873   1.00 0.58 ? 26 LEU B N    1 
ATOM   921  C CA   . LEU B 2 25 ? 9.745   -2.187  9.561   1.00 0.53 ? 26 LEU B CA   1 
ATOM   922  C C    . LEU B 2 25 ? 10.855  -2.642  8.618   1.00 0.47 ? 26 LEU B C    1 
ATOM   923  O O    . LEU B 2 25 ? 11.987  -2.883  9.038   1.00 0.42 ? 26 LEU B O    1 
ATOM   924  C CB   . LEU B 2 25 ? 8.990   -3.417  10.072  1.00 0.66 ? 26 LEU B CB   1 
ATOM   925  C CG   . LEU B 2 25 ? 8.349   -3.097  11.423  1.00 1.12 ? 26 LEU B CG   1 
ATOM   926  C CD1  . LEU B 2 25 ? 6.916   -2.609  11.206  1.00 1.88 ? 26 LEU B CD1  1 
ATOM   927  C CD2  . LEU B 2 25 ? 8.330   -4.360  12.288  1.00 1.79 ? 26 LEU B CD2  1 
ATOM   928  H H    . LEU B 2 25 ? 7.893   -1.528  8.761   1.00 0.69 ? 26 LEU B H    1 
ATOM   929  H HA   . LEU B 2 25 ? 10.187  -1.674  10.402  1.00 0.52 ? 26 LEU B HA   1 
ATOM   930  H HB2  . LEU B 2 25 ? 8.222   -3.687  9.363   1.00 1.02 ? 26 LEU B HB2  1 
ATOM   931  H HB3  . LEU B 2 25 ? 9.680   -4.240  10.189  1.00 1.07 ? 26 LEU B HB3  1 
ATOM   932  H HG   . LEU B 2 25 ? 8.921   -2.326  11.919  1.00 1.81 ? 26 LEU B HG   1 
ATOM   933  H HD11 . LEU B 2 25 ? 6.917   -1.795  10.496  1.00 2.40 ? 26 LEU B HD11 1 
ATOM   934  H HD12 . LEU B 2 25 ? 6.313   -3.419  10.824  1.00 2.32 ? 26 LEU B HD12 1 
ATOM   935  H HD13 . LEU B 2 25 ? 6.507   -2.266  12.145  1.00 2.44 ? 26 LEU B HD13 1 
ATOM   936  H HD21 . LEU B 2 25 ? 7.990   -5.196  11.696  1.00 2.24 ? 26 LEU B HD21 1 
ATOM   937  H HD22 . LEU B 2 25 ? 9.327   -4.560  12.654  1.00 2.34 ? 26 LEU B HD22 1 
ATOM   938  H HD23 . LEU B 2 25 ? 7.662   -4.214  13.124  1.00 2.26 ? 26 LEU B HD23 1 
ATOM   939  N N    . LEU B 2 26 ? 10.516  -2.758  7.338   1.00 0.56 ? 27 LEU B N    1 
ATOM   940  C CA   . LEU B 2 26 ? 11.490  -3.185  6.336   1.00 0.57 ? 27 LEU B CA   1 
ATOM   941  C C    . LEU B 2 26 ? 12.575  -2.127  6.162   1.00 0.42 ? 27 LEU B C    1 
ATOM   942  O O    . LEU B 2 26 ? 13.759  -2.393  6.359   1.00 0.41 ? 27 LEU B O    1 
ATOM   943  C CB   . LEU B 2 26 ? 10.805  -3.424  4.990   1.00 0.75 ? 27 LEU B CB   1 
ATOM   944  C CG   . LEU B 2 26 ? 10.116  -4.791  5.002   1.00 0.90 ? 27 LEU B CG   1 
ATOM   945  C CD1  . LEU B 2 26 ? 9.065   -4.844  3.893   1.00 1.19 ? 27 LEU B CD1  1 
ATOM   946  C CD2  . LEU B 2 26 ? 11.159  -5.887  4.769   1.00 0.97 ? 27 LEU B CD2  1 
ATOM   947  H H    . LEU B 2 26 ? 9.599   -2.553  7.061   1.00 0.65 ? 27 LEU B H    1 
ATOM   948  H HA   . LEU B 2 26 ? 11.947  -4.106  6.664   1.00 0.62 ? 27 LEU B HA   1 
ATOM   949  H HB2  . LEU B 2 26 ? 10.069  -2.651  4.818   1.00 0.80 ? 27 LEU B HB2  1 
ATOM   950  H HB3  . LEU B 2 26 ? 11.541  -3.401  4.201   1.00 0.80 ? 27 LEU B HB3  1 
ATOM   951  H HG   . LEU B 2 26 ? 9.638   -4.943  5.960   1.00 1.07 ? 27 LEU B HG   1 
ATOM   952  H HD11 . LEU B 2 26 ? 9.370   -4.205  3.077   1.00 1.75 ? 27 LEU B HD11 1 
ATOM   953  H HD12 . LEU B 2 26 ? 8.967   -5.859  3.539   1.00 1.60 ? 27 LEU B HD12 1 
ATOM   954  H HD13 . LEU B 2 26 ? 8.116   -4.504  4.280   1.00 1.57 ? 27 LEU B HD13 1 
ATOM   955  H HD21 . LEU B 2 26 ? 12.073  -5.630  5.282   1.00 1.43 ? 27 LEU B HD21 1 
ATOM   956  H HD22 . LEU B 2 26 ? 10.784  -6.825  5.148   1.00 1.43 ? 27 LEU B HD22 1 
ATOM   957  H HD23 . LEU B 2 26 ? 11.353  -5.978  3.710   1.00 1.49 ? 27 LEU B HD23 1 
ATOM   958  N N    . GLU B 2 27 ? 12.153  -0.919  5.791   1.00 0.43 ? 28 GLU B N    1 
ATOM   959  C CA   . GLU B 2 27 ? 13.093  0.184   5.588   1.00 0.40 ? 28 GLU B CA   1 
ATOM   960  C C    . GLU B 2 27 ? 13.903  0.443   6.859   1.00 0.34 ? 28 GLU B C    1 
ATOM   961  O O    . GLU B 2 27 ? 15.116  0.640   6.812   1.00 0.40 ? 28 GLU B O    1 
ATOM   962  C CB   . GLU B 2 27 ? 12.337  1.461   5.207   1.00 0.59 ? 28 GLU B CB   1 
ATOM   963  C CG   . GLU B 2 27 ? 13.335  2.572   4.864   1.00 1.33 ? 28 GLU B CG   1 
ATOM   964  C CD   . GLU B 2 27 ? 12.781  3.424   3.727   1.00 1.75 ? 28 GLU B CD   1 
ATOM   965  O OE1  . GLU B 2 27 ? 11.592  3.696   3.741   1.00 2.19 ? 28 GLU B OE1  1 
ATOM   966  O OE2  . GLU B 2 27 ? 13.555  3.794   2.859   1.00 2.31 ? 28 GLU B OE2  1 
ATOM   967  H H    . GLU B 2 27 ? 11.195  -0.767  5.651   1.00 0.54 ? 28 GLU B H    1 
ATOM   968  H HA   . GLU B 2 27 ? 13.771  -0.074  4.787   1.00 0.42 ? 28 GLU B HA   1 
ATOM   969  H HB2  . GLU B 2 27 ? 11.710  1.263   4.350   1.00 1.01 ? 28 GLU B HB2  1 
ATOM   970  H HB3  . GLU B 2 27 ? 11.723  1.776   6.037   1.00 1.15 ? 28 GLU B HB3  1 
ATOM   971  H HG2  . GLU B 2 27 ? 13.494  3.190   5.736   1.00 1.85 ? 28 GLU B HG2  1 
ATOM   972  H HG3  . GLU B 2 27 ? 14.272  2.131   4.559   1.00 1.78 ? 28 GLU B HG3  1 
ATOM   973  N N    . GLN B 2 28 ? 13.212  0.439   7.997   1.00 0.37 ? 29 GLN B N    1 
ATOM   974  C CA   . GLN B 2 28 ? 13.868  0.674   9.285   1.00 0.49 ? 29 GLN B CA   1 
ATOM   975  C C    . GLN B 2 28 ? 15.001  -0.328  9.509   1.00 0.52 ? 29 GLN B C    1 
ATOM   976  O O    . GLN B 2 28 ? 15.999  -0.023  10.163  1.00 0.71 ? 29 GLN B O    1 
ATOM   977  C CB   . GLN B 2 28 ? 12.860  0.546   10.429  1.00 0.57 ? 29 GLN B CB   1 
ATOM   978  C CG   . GLN B 2 28 ? 13.313  1.408   11.608  1.00 1.05 ? 29 GLN B CG   1 
ATOM   979  C CD   . GLN B 2 28 ? 12.160  1.570   12.592  1.00 1.48 ? 29 GLN B CD   1 
ATOM   980  O OE1  . GLN B 2 28 ? 11.360  0.653   12.777  1.00 2.17 ? 29 GLN B OE1  1 
ATOM   981  N NE2  . GLN B 2 28 ? 12.025  2.695   13.241  1.00 2.08 ? 29 GLN B NE2  1 
ATOM   982  H H    . GLN B 2 28 ? 12.247  0.279   7.971   1.00 0.41 ? 29 GLN B H    1 
ATOM   983  H HA   . GLN B 2 28 ? 14.278  1.673   9.292   1.00 0.61 ? 29 GLN B HA   1 
ATOM   984  H HB2  . GLN B 2 28 ? 11.889  0.879   10.090  1.00 0.88 ? 29 GLN B HB2  1 
ATOM   985  H HB3  . GLN B 2 28 ? 12.799  -0.485  10.741  1.00 0.86 ? 29 GLN B HB3  1 
ATOM   986  H HG2  . GLN B 2 28 ? 14.146  0.931   12.104  1.00 1.63 ? 29 GLN B HG2  1 
ATOM   987  H HG3  . GLN B 2 28 ? 13.617  2.380   11.249  1.00 1.68 ? 29 GLN B HG3  1 
ATOM   988  H HE21 . GLN B 2 28 ? 12.662  3.425   13.094  1.00 2.36 ? 29 GLN B HE21 1 
ATOM   989  H HE22 . GLN B 2 28 ? 11.287  2.808   13.876  1.00 2.66 ? 29 GLN B HE22 1 
ATOM   990  N N    . GLN B 2 29 ? 14.836  -1.526  8.955   1.00 0.46 ? 30 GLN B N    1 
ATOM   991  C CA   . GLN B 2 29 ? 15.851  -2.567  9.095   1.00 0.64 ? 30 GLN B CA   1 
ATOM   992  C C    . GLN B 2 29 ? 16.853  -2.486  7.949   1.00 0.67 ? 30 GLN B C    1 
ATOM   993  O O    . GLN B 2 29 ? 18.039  -2.766  8.118   1.00 0.84 ? 30 GLN B O    1 
ATOM   994  C CB   . GLN B 2 29 ? 15.201  -3.952  9.094   1.00 0.73 ? 30 GLN B CB   1 
ATOM   995  C CG   . GLN B 2 29 ? 16.157  -4.966  9.729   1.00 1.25 ? 30 GLN B CG   1 
ATOM   996  C CD   . GLN B 2 29 ? 15.352  -6.100  10.355  1.00 1.54 ? 30 GLN B CD   1 
ATOM   997  O OE1  . GLN B 2 29 ? 14.553  -6.748  9.681   1.00 2.13 ? 30 GLN B OE1  1 
ATOM   998  N NE2  . GLN B 2 29 ? 15.520  -6.382  11.618  1.00 2.15 ? 30 GLN B NE2  1 
ATOM   999  H H    . GLN B 2 29 ? 14.021  -1.713  8.443   1.00 0.39 ? 30 GLN B H    1 
ATOM   1000 H HA   . GLN B 2 29 ? 16.373  -2.426  10.030  1.00 0.77 ? 30 GLN B HA   1 
ATOM   1001 H HB2  . GLN B 2 29 ? 14.282  -3.919  9.661   1.00 0.98 ? 30 GLN B HB2  1 
ATOM   1002 H HB3  . GLN B 2 29 ? 14.989  -4.249  8.079   1.00 1.06 ? 30 GLN B HB3  1 
ATOM   1003 H HG2  . GLN B 2 29 ? 16.813  -5.365  8.970   1.00 1.83 ? 30 GLN B HG2  1 
ATOM   1004 H HG3  . GLN B 2 29 ? 16.744  -4.478  10.493  1.00 1.95 ? 30 GLN B HG3  1 
ATOM   1005 H HE21 . GLN B 2 29 ? 16.157  -5.866  12.155  1.00 2.49 ? 30 GLN B HE21 1 
ATOM   1006 H HE22 . GLN B 2 29 ? 15.008  -7.109  12.030  1.00 2.67 ? 30 GLN B HE22 1 
ATOM   1007 N N    . VAL B 2 30 ? 16.358  -2.096  6.777   1.00 0.54 ? 31 VAL B N    1 
ATOM   1008 C CA   . VAL B 2 30 ? 17.214  -1.976  5.599   1.00 0.63 ? 31 VAL B CA   1 
ATOM   1009 C C    . VAL B 2 30 ? 18.141  -0.769  5.738   1.00 0.70 ? 31 VAL B C    1 
ATOM   1010 O O    . VAL B 2 30 ? 19.272  -0.779  5.252   1.00 0.85 ? 31 VAL B O    1 
ATOM   1011 C CB   . VAL B 2 30 ? 16.355  -1.820  4.336   1.00 0.60 ? 31 VAL B CB   1 
ATOM   1012 C CG1  . VAL B 2 30 ? 17.252  -1.784  3.094   1.00 0.80 ? 31 VAL B CG1  1 
ATOM   1013 C CG2  . VAL B 2 30 ? 15.383  -3.004  4.229   1.00 0.72 ? 31 VAL B CG2  1 
ATOM   1014 H H    . VAL B 2 30 ? 15.405  -1.885  6.703   1.00 0.44 ? 31 VAL B H    1 
ATOM   1015 H HA   . VAL B 2 30 ? 17.812  -2.870  5.506   1.00 0.77 ? 31 VAL B HA   1 
ATOM   1016 H HB   . VAL B 2 30 ? 15.794  -0.899  4.398   1.00 0.62 ? 31 VAL B HB   1 
ATOM   1017 H HG11 . VAL B 2 30 ? 18.091  -2.449  3.237   1.00 1.22 ? 31 VAL B HG11 1 
ATOM   1018 H HG12 . VAL B 2 30 ? 16.684  -2.100  2.231   1.00 1.40 ? 31 VAL B HG12 1 
ATOM   1019 H HG13 . VAL B 2 30 ? 17.611  -0.778  2.940   1.00 1.38 ? 31 VAL B HG13 1 
ATOM   1020 H HG21 . VAL B 2 30 ? 15.307  -3.499  5.186   1.00 1.27 ? 31 VAL B HG21 1 
ATOM   1021 H HG22 . VAL B 2 30 ? 14.410  -2.643  3.933   1.00 1.26 ? 31 VAL B HG22 1 
ATOM   1022 H HG23 . VAL B 2 30 ? 15.745  -3.705  3.491   1.00 1.30 ? 31 VAL B HG23 1 
ATOM   1023 N N    . ARG B 2 31 ? 17.648  0.269   6.406   1.00 0.68 ? 32 ARG B N    1 
ATOM   1024 C CA   . ARG B 2 31 ? 18.441  1.480   6.605   1.00 0.86 ? 32 ARG B CA   1 
ATOM   1025 C C    . ARG B 2 31 ? 19.647  1.188   7.491   1.00 1.02 ? 32 ARG B C    1 
ATOM   1026 O O    . ARG B 2 31 ? 20.736  1.720   7.277   1.00 1.19 ? 32 ARG B O    1 
ATOM   1027 C CB   . ARG B 2 31 ? 17.595  2.573   7.259   1.00 0.90 ? 32 ARG B CB   1 
ATOM   1028 C CG   . ARG B 2 31 ? 18.076  3.945   6.783   1.00 1.59 ? 32 ARG B CG   1 
ATOM   1029 C CD   . ARG B 2 31 ? 17.700  5.007   7.817   1.00 2.06 ? 32 ARG B CD   1 
ATOM   1030 N NE   . ARG B 2 31 ? 18.180  6.326   7.400   1.00 2.58 ? 32 ARG B NE   1 
ATOM   1031 C CZ   . ARG B 2 31 ? 17.835  7.447   8.051   1.00 3.15 ? 32 ARG B CZ   1 
ATOM   1032 N NH1  . ARG B 2 31 ? 17.046  7.413   9.098   1.00 3.48 ? 32 ARG B NH1  1 
ATOM   1033 N NH2  . ARG B 2 31 ? 18.295  8.596   7.634   1.00 3.84 ? 32 ARG B NH2  1 
ATOM   1034 H H    . ARG B 2 31 ? 16.741  0.221   6.772   1.00 0.58 ? 32 ARG B H    1 
ATOM   1035 H HA   . ARG B 2 31 ? 18.786  1.834   5.645   1.00 0.93 ? 32 ARG B HA   1 
ATOM   1036 H HB2  . ARG B 2 31 ? 16.558  2.439   6.986   1.00 1.23 ? 32 ARG B HB2  1 
ATOM   1037 H HB3  . ARG B 2 31 ? 17.695  2.512   8.333   1.00 1.28 ? 32 ARG B HB3  1 
ATOM   1038 H HG2  . ARG B 2 31 ? 19.150  3.926   6.659   1.00 2.18 ? 32 ARG B HG2  1 
ATOM   1039 H HG3  . ARG B 2 31 ? 17.610  4.183   5.839   1.00 2.19 ? 32 ARG B HG3  1 
ATOM   1040 H HD2  . ARG B 2 31 ? 16.625  5.037   7.920   1.00 2.49 ? 32 ARG B HD2  1 
ATOM   1041 H HD3  . ARG B 2 31 ? 18.141  4.748   8.769   1.00 2.47 ? 32 ARG B HD3  1 
ATOM   1042 H HE   . ARG B 2 31 ? 18.771  6.392   6.622   1.00 2.91 ? 32 ARG B HE   1 
ATOM   1043 H HH11 . ARG B 2 31 ? 16.685  6.542   9.430   1.00 3.35 ? 32 ARG B HH11 1 
ATOM   1044 H HH12 . ARG B 2 31 ? 16.804  8.262   9.567   1.00 4.15 ? 32 ARG B HH12 1 
ATOM   1045 H HH21 . ARG B 2 31 ? 18.897  8.634   6.837   1.00 4.07 ? 32 ARG B HH21 1 
ATOM   1046 H HH22 . ARG B 2 31 ? 18.044  9.438   8.112   1.00 4.36 ? 32 ARG B HH22 1 
ATOM   1047 N N    . ALA B 2 32 ? 19.440  0.334   8.488   1.00 1.01 ? 33 ALA B N    1 
ATOM   1048 C CA   . ALA B 2 32 ? 20.517  -0.028  9.405   1.00 1.23 ? 33 ALA B CA   1 
ATOM   1049 C C    . ALA B 2 32 ? 21.526  -0.935  8.709   1.00 1.39 ? 33 ALA B C    1 
ATOM   1050 O O    . ALA B 2 32 ? 22.722  -0.895  8.998   1.00 1.74 ? 33 ALA B O    1 
ATOM   1051 C CB   . ALA B 2 32 ? 19.958  -0.753  10.630  1.00 1.23 ? 33 ALA B CB   1 
ATOM   1052 H H    . ALA B 2 32 ? 18.550  -0.060  8.609   1.00 0.91 ? 33 ALA B H    1 
ATOM   1053 H HA   . ALA B 2 32 ? 21.018  0.871   9.730   1.00 1.36 ? 33 ALA B HA   1 
ATOM   1054 H HB1  . ALA B 2 32 ? 19.372  -1.602  10.310  1.00 1.71 ? 33 ALA B HB1  1 
ATOM   1055 H HB2  . ALA B 2 32 ? 20.774  -1.093  11.251  1.00 1.57 ? 33 ALA B HB2  1 
ATOM   1056 H HB3  . ALA B 2 32 ? 19.334  -0.076  11.195  1.00 1.52 ? 33 ALA B HB3  1 
ATOM   1057 N N    . LEU B 2 33 ? 21.031  -1.754  7.785   1.00 1.31 ? 34 LEU B N    1 
ATOM   1058 C CA   . LEU B 2 33 ? 21.898  -2.670  7.049   1.00 1.52 ? 34 LEU B CA   1 
ATOM   1059 C C    . LEU B 2 33 ? 22.171  -2.135  5.647   1.00 1.67 ? 34 LEU B C    1 
ATOM   1060 O O    . LEU B 2 33 ? 21.486  -2.494  4.689   1.00 1.86 ? 34 LEU B O    1 
ATOM   1061 C CB   . LEU B 2 33 ? 21.247  -4.050  6.937   1.00 1.54 ? 34 LEU B CB   1 
ATOM   1062 C CG   . LEU B 2 33 ? 21.565  -4.868  8.190   1.00 1.80 ? 34 LEU B CG   1 
ATOM   1063 C CD1  . LEU B 2 33 ? 20.521  -4.578  9.269   1.00 2.55 ? 34 LEU B CD1  1 
ATOM   1064 C CD2  . LEU B 2 33 ? 21.538  -6.358  7.845   1.00 2.28 ? 34 LEU B CD2  1 
ATOM   1065 H H    . LEU B 2 33 ? 20.070  -1.742  7.595   1.00 1.26 ? 34 LEU B H    1 
ATOM   1066 H HA   . LEU B 2 33 ? 22.834  -2.768  7.577   1.00 1.74 ? 34 LEU B HA   1 
ATOM   1067 H HB2  . LEU B 2 33 ? 20.176  -3.937  6.842   1.00 1.41 ? 34 LEU B HB2  1 
ATOM   1068 H HB3  . LEU B 2 33 ? 21.633  -4.562  6.069   1.00 1.68 ? 34 LEU B HB3  1 
ATOM   1069 H HG   . LEU B 2 33 ? 22.545  -4.599  8.555   1.00 2.10 ? 34 LEU B HG   1 
ATOM   1070 H HD11 . LEU B 2 33 ? 19.570  -4.364  8.803   1.00 3.13 ? 34 LEU B HD11 1 
ATOM   1071 H HD12 . LEU B 2 33 ? 20.421  -5.438  9.914   1.00 2.86 ? 34 LEU B HD12 1 
ATOM   1072 H HD13 . LEU B 2 33 ? 20.835  -3.724  9.853   1.00 2.98 ? 34 LEU B HD13 1 
ATOM   1073 H HD21 . LEU B 2 33 ? 21.954  -6.508  6.859   1.00 2.74 ? 34 LEU B HD21 1 
ATOM   1074 H HD22 . LEU B 2 33 ? 22.123  -6.906  8.568   1.00 2.62 ? 34 LEU B HD22 1 
ATOM   1075 H HD23 . LEU B 2 33 ? 20.518  -6.713  7.862   1.00 2.70 ? 34 LEU B HD23 1 
HETATM 1076 N N    . NH2 B 2 34 ? 23.143  -1.284  5.467   1.00 2.24 ? 35 NH2 B N    1 
HETATM 1077 H HN1  . NH2 B 2 34 ? 23.690  -0.996  6.229   1.00 2.74 ? 35 NH2 B HN1  1 
HETATM 1078 H HN2  . NH2 B 2 34 ? 23.329  -0.933  4.571   1.00 2.44 ? 35 NH2 B HN2  1 
# 
